data_4WRN
#
_entry.id   4WRN
#
_cell.length_a   242.320
_cell.length_b   242.320
_cell.length_c   258.860
_cell.angle_alpha   90.00
_cell.angle_beta   90.00
_cell.angle_gamma   120.00
#
_symmetry.space_group_name_H-M   'H 3 2'
#
loop_
_entity.id
_entity.type
_entity.pdbx_description
1 polymer 'Maltose-binding periplasmic protein,Uromodulin'
2 branched alpha-D-glucopyranose-(1-4)-alpha-D-glucopyranose
3 non-polymer 2-acetamido-2-deoxy-beta-D-glucopyranose
4 non-polymer 'ZINC ION'
#
_entity_poly.entity_id   1
_entity_poly.type   'polypeptide(L)'
_entity_poly.pdbx_seq_one_letter_code
;ETGHHHHHHKTEEGKLVIWINGDKGYNGLAEVGKKFEKDTGIKVTVEHPDKLEEKFPQVAATGDGPDIIFWAHDRFGGYA
QSGLLAEITPAAAFQDKLYPFTWDAVRYNGKLIAYPIAVEALSLIYNKDLLPNPPKTWEEIPALDKELKAKGKSALMFNL
QEPYFTWPLIAADGGYAFKYAAGKYDIKDVGVDNAGAKAGLTFLVDLIKNKHMNADTDYSIAEHAFNHGETAMTINGPWA
WSNIDTSAVNYGVTVLPTFKGQPSKPFVGVLSAGINAASPNKELAKEFLENYLLTDEGLEAVNKDKPLGAVALKSYEEEL
VKDPRVAATMENAQKGEIMPNIPQMSAFWYAVRTAVINAASGRQTVDAALAAAQTNAAAGTCEECSIDEDCKSNNGRWHC
QCKQDFNITDISLLEHRLECGANDMKVSLGKCQLKSLGFDKVFMYLSDSRCSGFNDRDNRDWVSVVTPARDGPCGTVLTR
NETHATYSNTLYLADEIIIRDLNIKINFACSYPLDMKVSLKTALQPMVSALNIRVGGTGMFTVRMALFQTPSYTQPYQGS
SVTLSTEAFLYVGTMLDGGDLSRFALLMTNCYATPSSQATDPLKYFIIQDRCPHTRDSTIQVVENGESSQGRFSVQMFRF
AGNYDLVYLHCEVYLCDTMNEKCKPTCSGTAFASGSVIDQSRVLNLGPITRKGVQ
;
_entity_poly.pdbx_strand_id   A,B
#
# COMPACT_ATOMS: atom_id res chain seq x y z
N GLY A 3 -29.31 27.99 -12.90
CA GLY A 3 -28.33 28.42 -11.92
C GLY A 3 -27.93 27.30 -10.97
N HIS A 4 -26.76 27.45 -10.34
CA HIS A 4 -26.20 26.40 -9.49
C HIS A 4 -25.86 26.95 -8.10
N HIS A 5 -25.63 26.02 -7.18
CA HIS A 5 -25.21 26.33 -5.83
C HIS A 5 -23.80 26.95 -5.82
N HIS A 6 -22.99 26.54 -6.79
CA HIS A 6 -21.57 26.90 -6.85
C HIS A 6 -21.31 28.41 -6.85
N HIS A 7 -22.35 29.18 -7.16
CA HIS A 7 -22.21 30.64 -7.30
C HIS A 7 -21.82 31.38 -6.02
N HIS A 8 -22.35 30.94 -4.90
CA HIS A 8 -22.15 31.66 -3.64
C HIS A 8 -20.76 31.47 -3.06
N HIS A 9 -20.17 30.30 -3.31
CA HIS A 9 -18.85 29.98 -2.79
C HIS A 9 -17.74 30.20 -3.82
N LYS A 10 -18.10 30.68 -5.00
CA LYS A 10 -17.11 30.86 -6.06
C LYS A 10 -16.02 31.84 -5.62
N THR A 11 -14.81 31.61 -6.14
CA THR A 11 -13.63 32.37 -5.73
C THR A 11 -13.45 32.27 -4.21
N GLU A 12 -13.43 31.03 -3.73
CA GLU A 12 -13.25 30.76 -2.30
C GLU A 12 -11.79 30.50 -1.98
N GLU A 13 -11.30 31.19 -0.95
CA GLU A 13 -10.01 30.87 -0.37
C GLU A 13 -10.23 30.00 0.87
N GLY A 14 -11.49 29.71 1.18
CA GLY A 14 -11.84 28.93 2.35
C GLY A 14 -11.60 27.44 2.16
N LYS A 15 -11.52 26.72 3.28
CA LYS A 15 -11.27 25.28 3.28
C LYS A 15 -12.02 24.63 4.43
N LEU A 16 -12.07 23.29 4.44
CA LEU A 16 -12.65 22.56 5.57
C LEU A 16 -11.78 21.37 6.01
N VAL A 17 -11.31 21.42 7.26
CA VAL A 17 -10.43 20.39 7.82
C VAL A 17 -11.14 19.63 8.94
N ILE A 18 -11.15 18.31 8.84
CA ILE A 18 -11.88 17.46 9.78
C ILE A 18 -11.00 16.43 10.49
N TRP A 19 -11.17 16.37 11.81
CA TRP A 19 -10.60 15.30 12.63
C TRP A 19 -11.67 14.34 13.09
N ILE A 20 -11.44 13.06 12.88
CA ILE A 20 -12.30 12.02 13.39
C ILE A 20 -11.46 10.78 13.63
N ASN A 21 -11.85 9.99 14.62
CA ASN A 21 -11.10 8.78 14.93
C ASN A 21 -11.23 7.78 13.80
N GLY A 22 -10.13 7.15 13.43
CA GLY A 22 -10.06 6.30 12.26
C GLY A 22 -10.92 5.05 12.32
N ASP A 23 -11.43 4.72 13.50
CA ASP A 23 -12.22 3.52 13.68
C ASP A 23 -13.62 3.67 13.10
N LYS A 24 -14.12 4.91 12.99
CA LYS A 24 -15.40 5.16 12.35
C LYS A 24 -15.16 5.23 10.85
N GLY A 25 -16.22 5.30 10.04
CA GLY A 25 -16.00 5.44 8.61
C GLY A 25 -15.50 6.82 8.23
N TYR A 26 -14.27 6.91 7.73
CA TYR A 26 -13.77 8.18 7.19
C TYR A 26 -14.14 8.31 5.72
N ASN A 27 -14.20 7.18 5.03
CA ASN A 27 -14.41 7.18 3.59
C ASN A 27 -15.79 7.71 3.21
N GLY A 28 -16.82 7.27 3.94
CA GLY A 28 -18.16 7.77 3.69
C GLY A 28 -18.18 9.27 3.90
N LEU A 29 -17.60 9.70 5.00
CA LEU A 29 -17.49 11.11 5.30
C LEU A 29 -16.77 11.84 4.17
N ALA A 30 -15.72 11.20 3.65
CA ALA A 30 -14.97 11.77 2.55
C ALA A 30 -15.84 11.89 1.30
N GLU A 31 -16.66 10.87 1.06
CA GLU A 31 -17.59 10.89 -0.06
C GLU A 31 -18.55 12.07 0.08
N VAL A 32 -19.10 12.23 1.28
CA VAL A 32 -19.92 13.41 1.56
C VAL A 32 -19.09 14.67 1.29
N GLY A 33 -17.81 14.63 1.65
CA GLY A 33 -16.89 15.70 1.34
C GLY A 33 -16.78 15.94 -0.15
N LYS A 34 -16.76 14.86 -0.94
CA LYS A 34 -16.66 14.98 -2.39
C LYS A 34 -17.95 15.55 -2.97
N LYS A 35 -19.09 15.17 -2.39
CA LYS A 35 -20.37 15.76 -2.78
C LYS A 35 -20.40 17.25 -2.47
N PHE A 36 -19.98 17.61 -1.27
CA PHE A 36 -19.91 19.00 -0.86
C PHE A 36 -18.97 19.78 -1.78
N GLU A 37 -17.84 19.14 -2.10
CA GLU A 37 -16.88 19.74 -3.02
C GLU A 37 -17.48 19.88 -4.42
N LYS A 38 -18.23 18.88 -4.84
CA LYS A 38 -18.91 18.92 -6.13
C LYS A 38 -19.84 20.12 -6.19
N ASP A 39 -20.75 20.20 -5.23
CA ASP A 39 -21.74 21.27 -5.23
C ASP A 39 -21.14 22.66 -5.02
N THR A 40 -20.42 22.83 -3.91
CA THR A 40 -19.92 24.15 -3.53
C THR A 40 -18.60 24.53 -4.19
N GLY A 41 -17.85 23.53 -4.64
CA GLY A 41 -16.54 23.78 -5.20
C GLY A 41 -15.49 24.11 -4.15
N ILE A 42 -15.68 23.60 -2.93
CA ILE A 42 -14.71 23.81 -1.85
C ILE A 42 -14.25 22.45 -1.32
N LYS A 43 -12.94 22.32 -1.13
CA LYS A 43 -12.34 21.04 -0.77
C LYS A 43 -12.53 20.70 0.72
N VAL A 44 -12.58 19.40 1.02
CA VAL A 44 -12.75 18.94 2.39
C VAL A 44 -11.75 17.85 2.76
N THR A 45 -10.94 18.13 3.77
CA THR A 45 -9.91 17.19 4.23
C THR A 45 -10.31 16.46 5.52
N VAL A 46 -10.02 15.17 5.57
CA VAL A 46 -10.27 14.35 6.75
C VAL A 46 -8.99 13.66 7.19
N GLU A 47 -8.51 13.98 8.38
CA GLU A 47 -7.27 13.41 8.88
C GLU A 47 -7.42 12.87 10.30
N HIS A 48 -6.67 11.82 10.61
CA HIS A 48 -6.69 11.19 11.91
C HIS A 48 -5.34 11.30 12.62
N PRO A 49 -5.22 12.27 13.55
CA PRO A 49 -4.02 12.38 14.37
C PRO A 49 -4.04 11.41 15.54
N ASP A 50 -2.85 11.11 16.06
CA ASP A 50 -2.72 10.26 17.23
C ASP A 50 -3.25 10.98 18.47
N LYS A 51 -4.12 10.31 19.23
CA LYS A 51 -4.72 10.91 20.42
C LYS A 51 -5.41 12.22 20.09
N LEU A 52 -6.26 12.23 19.06
CA LEU A 52 -6.82 13.48 18.55
C LEU A 52 -7.64 14.22 19.61
N GLU A 53 -8.34 13.47 20.47
CA GLU A 53 -9.19 14.13 21.46
C GLU A 53 -8.31 14.86 22.46
N GLU A 54 -7.12 14.32 22.71
CA GLU A 54 -6.16 14.96 23.58
C GLU A 54 -5.34 16.05 22.88
N LYS A 55 -5.09 15.88 21.58
CA LYS A 55 -4.29 16.84 20.85
C LYS A 55 -5.09 18.09 20.49
N PHE A 56 -6.38 17.90 20.23
CA PHE A 56 -7.26 19.00 19.83
C PHE A 56 -7.19 20.21 20.74
N PRO A 57 -7.39 20.01 22.06
CA PRO A 57 -7.34 21.18 22.93
C PRO A 57 -5.99 21.90 22.88
N GLN A 58 -4.90 21.14 22.81
CA GLN A 58 -3.57 21.72 22.79
C GLN A 58 -3.42 22.73 21.67
N VAL A 59 -3.70 22.27 20.45
CA VAL A 59 -3.58 23.12 19.28
C VAL A 59 -4.65 24.19 19.27
N ALA A 60 -5.86 23.84 19.68
CA ALA A 60 -7.00 24.76 19.66
C ALA A 60 -6.75 25.95 20.57
N ALA A 61 -6.06 25.71 21.69
CA ALA A 61 -5.66 26.77 22.59
C ALA A 61 -4.83 27.84 21.87
N THR A 62 -4.07 27.42 20.85
CA THR A 62 -3.17 28.33 20.13
C THR A 62 -3.87 29.00 18.95
N GLY A 63 -5.13 28.67 18.72
CA GLY A 63 -5.88 29.22 17.60
C GLY A 63 -5.59 28.49 16.30
N ASP A 64 -5.25 27.21 16.42
CA ASP A 64 -5.01 26.36 15.27
C ASP A 64 -5.73 25.04 15.50
N GLY A 65 -6.02 24.32 14.41
CA GLY A 65 -6.64 23.01 14.51
C GLY A 65 -7.56 22.73 13.34
N PRO A 66 -8.34 21.66 13.44
CA PRO A 66 -9.32 21.38 12.40
C PRO A 66 -10.53 22.30 12.50
N ASP A 67 -11.28 22.45 11.42
CA ASP A 67 -12.49 23.24 11.47
C ASP A 67 -13.55 22.45 12.25
N ILE A 68 -13.46 21.13 12.16
CA ILE A 68 -14.40 20.25 12.81
C ILE A 68 -13.68 19.16 13.58
N ILE A 69 -14.22 18.80 14.74
CA ILE A 69 -13.71 17.68 15.52
C ILE A 69 -14.83 16.71 15.88
N PHE A 70 -14.59 15.43 15.62
CA PHE A 70 -15.56 14.38 15.91
C PHE A 70 -15.16 13.60 17.15
N TRP A 71 -16.10 13.44 18.07
CA TRP A 71 -15.84 12.61 19.25
C TRP A 71 -17.12 12.30 20.00
N ALA A 72 -17.01 11.51 21.05
CA ALA A 72 -18.11 11.31 21.98
C ALA A 72 -18.27 12.58 22.80
N HIS A 73 -19.50 12.88 23.21
CA HIS A 73 -19.77 14.18 23.80
C HIS A 73 -19.00 14.42 25.10
N ASP A 74 -18.65 13.36 25.81
CA ASP A 74 -18.04 13.51 27.14
C ASP A 74 -16.84 14.45 27.14
N ARG A 75 -16.06 14.47 26.06
CA ARG A 75 -14.92 15.38 25.96
C ARG A 75 -15.34 16.83 25.74
N PHE A 76 -16.43 17.02 24.98
CA PHE A 76 -16.73 18.32 24.41
C PHE A 76 -16.89 19.42 25.44
N GLY A 77 -17.63 19.15 26.51
CA GLY A 77 -17.82 20.13 27.56
C GLY A 77 -16.51 20.58 28.17
N GLY A 78 -15.49 19.74 28.07
CA GLY A 78 -14.19 20.11 28.59
C GLY A 78 -13.57 21.18 27.71
N TYR A 79 -13.92 21.11 26.42
CA TYR A 79 -13.41 22.07 25.46
C TYR A 79 -14.13 23.38 25.66
N ALA A 80 -15.45 23.27 25.77
CA ALA A 80 -16.33 24.41 25.96
C ALA A 80 -15.91 25.25 27.16
N GLN A 81 -15.57 24.59 28.25
CA GLN A 81 -15.11 25.30 29.44
C GLN A 81 -13.91 26.17 29.11
N SER A 82 -13.15 25.74 28.10
CA SER A 82 -11.95 26.46 27.65
C SER A 82 -12.24 27.35 26.44
N GLY A 83 -13.50 27.36 25.99
CA GLY A 83 -13.92 28.20 24.89
C GLY A 83 -13.30 27.82 23.56
N LEU A 84 -13.04 26.53 23.37
CA LEU A 84 -12.44 26.04 22.14
C LEU A 84 -13.49 25.71 21.08
N LEU A 85 -14.75 25.70 21.48
CA LEU A 85 -15.83 25.32 20.58
C LEU A 85 -16.73 26.50 20.29
N ALA A 86 -16.97 26.73 19.00
CA ALA A 86 -17.89 27.77 18.58
C ALA A 86 -19.30 27.30 18.87
N GLU A 87 -20.13 28.21 19.38
CA GLU A 87 -21.52 27.88 19.73
C GLU A 87 -22.38 27.59 18.51
N ILE A 88 -23.14 26.50 18.58
CA ILE A 88 -24.05 26.13 17.50
C ILE A 88 -25.42 26.75 17.76
N THR A 89 -26.01 27.30 16.70
CA THR A 89 -27.31 27.96 16.80
C THR A 89 -28.16 27.67 15.58
N PRO A 90 -28.55 26.40 15.39
CA PRO A 90 -29.34 25.99 14.23
C PRO A 90 -30.80 26.39 14.34
N ALA A 91 -31.46 26.57 13.20
CA ALA A 91 -32.87 26.91 13.19
C ALA A 91 -33.67 25.79 13.83
N ALA A 92 -34.81 26.12 14.42
CA ALA A 92 -35.66 25.15 15.08
C ALA A 92 -36.03 24.01 14.15
N ALA A 93 -36.36 24.37 12.91
CA ALA A 93 -36.73 23.41 11.88
C ALA A 93 -35.66 22.32 11.78
N PHE A 94 -34.41 22.70 11.94
CA PHE A 94 -33.32 21.75 11.89
C PHE A 94 -33.25 20.93 13.18
N GLN A 95 -33.34 21.62 14.31
CA GLN A 95 -33.24 20.94 15.61
C GLN A 95 -34.31 19.88 15.75
N ASP A 96 -35.49 20.16 15.21
CA ASP A 96 -36.60 19.21 15.29
C ASP A 96 -36.29 17.89 14.56
N LYS A 97 -35.27 17.88 13.71
CA LYS A 97 -34.95 16.69 12.94
C LYS A 97 -34.18 15.65 13.74
N LEU A 98 -33.57 16.08 14.85
CA LEU A 98 -32.80 15.16 15.70
C LEU A 98 -33.46 15.00 17.06
N TYR A 99 -33.21 13.86 17.70
CA TYR A 99 -33.80 13.59 19.01
C TYR A 99 -33.25 14.55 20.07
N PRO A 100 -34.12 15.03 20.98
CA PRO A 100 -33.69 16.03 21.96
C PRO A 100 -32.58 15.57 22.91
N PHE A 101 -32.54 14.29 23.29
CA PHE A 101 -31.53 13.85 24.24
C PHE A 101 -30.15 13.91 23.59
N THR A 102 -30.11 13.67 22.28
CA THR A 102 -28.86 13.81 21.54
C THR A 102 -28.42 15.28 21.56
N TRP A 103 -29.38 16.20 21.55
CA TRP A 103 -29.08 17.61 21.67
C TRP A 103 -28.69 17.95 23.11
N ASP A 104 -29.29 17.24 24.05
CA ASP A 104 -28.97 17.43 25.45
C ASP A 104 -27.52 17.03 25.72
N ALA A 105 -27.09 15.95 25.09
CA ALA A 105 -25.71 15.48 25.24
C ALA A 105 -24.70 16.57 24.88
N VAL A 106 -24.95 17.27 23.79
CA VAL A 106 -24.06 18.31 23.29
C VAL A 106 -24.27 19.69 23.92
N ARG A 107 -25.34 19.86 24.70
CA ARG A 107 -25.57 21.14 25.37
C ARG A 107 -24.65 21.25 26.59
N TYR A 108 -23.99 22.40 26.75
CA TYR A 108 -23.13 22.62 27.91
C TYR A 108 -23.25 24.03 28.43
N ASN A 109 -23.56 24.17 29.72
CA ASN A 109 -23.71 25.49 30.33
C ASN A 109 -24.73 26.32 29.57
N GLY A 110 -25.76 25.65 29.04
CA GLY A 110 -26.86 26.30 28.37
C GLY A 110 -26.70 26.49 26.88
N LYS A 111 -25.48 26.31 26.39
CA LYS A 111 -25.16 26.56 25.00
C LYS A 111 -24.90 25.25 24.27
N LEU A 112 -25.36 25.16 23.02
CA LEU A 112 -25.06 24.00 22.19
C LEU A 112 -23.66 24.16 21.62
N ILE A 113 -22.77 23.25 22.01
CA ILE A 113 -21.37 23.34 21.61
C ILE A 113 -21.00 22.38 20.46
N ALA A 114 -21.98 21.67 19.93
CA ALA A 114 -21.69 20.65 18.91
C ALA A 114 -22.95 20.04 18.30
N TYR A 115 -22.77 19.37 17.16
CA TYR A 115 -23.86 18.68 16.46
C TYR A 115 -23.91 17.21 16.87
N PRO A 116 -25.05 16.74 17.40
CA PRO A 116 -25.11 15.29 17.64
C PRO A 116 -25.18 14.52 16.32
N ILE A 117 -24.38 13.47 16.19
CA ILE A 117 -24.38 12.64 15.01
C ILE A 117 -25.03 11.30 15.29
N ALA A 118 -24.42 10.54 16.19
CA ALA A 118 -24.86 9.17 16.43
C ALA A 118 -24.77 8.74 17.89
N VAL A 119 -25.46 7.66 18.20
CA VAL A 119 -25.52 7.11 19.54
C VAL A 119 -24.74 5.81 19.63
N GLU A 120 -23.78 5.78 20.55
CA GLU A 120 -22.86 4.66 20.68
C GLU A 120 -23.03 3.96 22.03
N ALA A 121 -23.24 2.65 21.96
CA ALA A 121 -23.27 1.80 23.15
C ALA A 121 -22.62 0.45 22.85
N LEU A 122 -21.83 -0.04 23.79
CA LEU A 122 -21.19 -1.34 23.63
C LEU A 122 -22.23 -2.45 23.63
N SER A 123 -22.05 -3.42 22.75
CA SER A 123 -22.97 -4.55 22.63
C SER A 123 -22.19 -5.86 22.63
N LEU A 124 -22.91 -6.96 22.86
CA LEU A 124 -22.29 -8.29 22.90
C LEU A 124 -22.32 -8.91 21.53
N ILE A 125 -21.14 -9.13 20.98
CA ILE A 125 -20.99 -9.72 19.66
C ILE A 125 -20.56 -11.16 19.81
N TYR A 126 -21.22 -12.08 19.12
CA TYR A 126 -20.87 -13.50 19.23
C TYR A 126 -20.93 -14.24 17.88
N ASN A 127 -20.18 -15.34 17.81
CA ASN A 127 -20.18 -16.21 16.64
C ASN A 127 -21.40 -17.11 16.64
N LYS A 128 -22.22 -16.99 15.60
CA LYS A 128 -23.45 -17.75 15.51
C LYS A 128 -23.15 -19.22 15.25
N ASP A 129 -22.07 -19.46 14.50
CA ASP A 129 -21.67 -20.84 14.19
C ASP A 129 -21.08 -21.52 15.42
N LEU A 130 -20.29 -20.78 16.20
CA LEU A 130 -19.63 -21.36 17.36
C LEU A 130 -20.59 -21.53 18.55
N LEU A 131 -21.33 -20.47 18.88
CA LEU A 131 -22.39 -20.57 19.90
C LEU A 131 -23.76 -20.17 19.34
N PRO A 132 -24.74 -21.11 19.37
CA PRO A 132 -26.11 -20.76 18.99
C PRO A 132 -26.76 -19.77 19.96
N ASN A 133 -26.61 -20.03 21.26
CA ASN A 133 -27.14 -19.15 22.29
C ASN A 133 -26.01 -18.62 23.15
N PRO A 134 -25.83 -17.29 23.18
CA PRO A 134 -24.74 -16.76 24.02
C PRO A 134 -25.11 -16.76 25.49
N PRO A 135 -24.10 -16.68 26.38
CA PRO A 135 -24.36 -16.62 27.81
C PRO A 135 -25.12 -15.36 28.19
N LYS A 136 -26.20 -15.51 28.93
CA LYS A 136 -27.04 -14.37 29.28
C LYS A 136 -26.53 -13.69 30.55
N THR A 137 -25.54 -14.32 31.20
CA THR A 137 -24.95 -13.78 32.42
C THR A 137 -23.43 -13.89 32.39
N TRP A 138 -22.76 -13.11 33.24
CA TRP A 138 -21.30 -13.13 33.34
C TRP A 138 -20.79 -14.38 34.04
N GLU A 139 -21.59 -14.90 34.96
CA GLU A 139 -21.13 -15.97 35.83
C GLU A 139 -20.95 -17.29 35.08
N GLU A 140 -21.63 -17.42 33.95
CA GLU A 140 -21.60 -18.68 33.19
C GLU A 140 -20.54 -18.69 32.09
N ILE A 141 -19.79 -17.59 31.95
CA ILE A 141 -18.75 -17.51 30.93
C ILE A 141 -17.56 -18.44 31.22
N PRO A 142 -17.07 -18.48 32.48
CA PRO A 142 -15.97 -19.40 32.81
C PRO A 142 -16.24 -20.84 32.39
N ALA A 143 -17.50 -21.25 32.52
CA ALA A 143 -17.91 -22.58 32.06
C ALA A 143 -17.67 -22.69 30.56
N LEU A 144 -18.12 -21.68 29.83
CA LEU A 144 -17.93 -21.62 28.39
C LEU A 144 -16.45 -21.64 28.01
N ASP A 145 -15.64 -20.88 28.73
CA ASP A 145 -14.21 -20.81 28.43
C ASP A 145 -13.56 -22.16 28.69
N LYS A 146 -13.80 -22.73 29.86
CA LYS A 146 -13.27 -24.05 30.19
C LYS A 146 -13.74 -25.08 29.15
N GLU A 147 -14.98 -24.96 28.72
CA GLU A 147 -15.53 -25.81 27.68
C GLU A 147 -14.83 -25.61 26.34
N LEU A 148 -14.61 -24.36 25.97
CA LEU A 148 -14.02 -24.03 24.68
C LEU A 148 -12.51 -24.18 24.65
N LYS A 149 -11.89 -24.20 25.82
CA LYS A 149 -10.44 -24.36 25.89
C LYS A 149 -10.04 -25.75 25.41
N ALA A 150 -10.97 -26.69 25.51
CA ALA A 150 -10.75 -28.05 25.03
C ALA A 150 -10.86 -28.10 23.51
N LYS A 151 -11.59 -27.16 22.94
CA LYS A 151 -11.82 -27.09 21.49
C LYS A 151 -10.74 -26.25 20.80
N GLY A 152 -9.77 -25.77 21.58
CA GLY A 152 -8.69 -24.96 21.05
C GLY A 152 -9.10 -23.53 20.78
N LYS A 153 -10.03 -23.03 21.59
CA LYS A 153 -10.51 -21.66 21.43
C LYS A 153 -10.83 -21.05 22.80
N SER A 154 -11.24 -19.79 22.80
CA SER A 154 -11.55 -19.07 24.02
C SER A 154 -12.99 -18.58 23.98
N ALA A 155 -13.53 -18.28 25.14
CA ALA A 155 -14.90 -17.78 25.24
C ALA A 155 -14.99 -16.31 24.85
N LEU A 156 -14.34 -15.45 25.63
CA LEU A 156 -14.48 -14.01 25.46
C LEU A 156 -13.14 -13.29 25.30
N MET A 157 -13.08 -12.39 24.32
CA MET A 157 -11.96 -11.48 24.19
C MET A 157 -12.45 -10.11 23.76
N PHE A 158 -12.02 -9.09 24.49
CA PHE A 158 -12.39 -7.71 24.20
C PHE A 158 -11.30 -6.81 24.77
N ASN A 159 -11.29 -5.55 24.39
CA ASN A 159 -10.22 -4.65 24.84
C ASN A 159 -10.26 -4.44 26.34
N LEU A 160 -9.16 -4.80 27.01
CA LEU A 160 -9.01 -4.59 28.44
C LEU A 160 -8.20 -3.33 28.77
N GLN A 161 -7.66 -2.67 27.75
CA GLN A 161 -6.79 -1.52 27.97
C GLN A 161 -7.56 -0.23 28.22
N GLU A 162 -8.65 -0.03 27.47
CA GLU A 162 -9.50 1.15 27.64
C GLU A 162 -10.63 0.88 28.63
N PRO A 163 -10.81 1.76 29.64
CA PRO A 163 -11.88 1.56 30.63
C PRO A 163 -13.28 1.55 30.02
N TYR A 164 -13.42 2.16 28.85
CA TYR A 164 -14.69 2.21 28.15
C TYR A 164 -15.29 0.83 28.02
N PHE A 165 -14.44 -0.15 27.76
CA PHE A 165 -14.88 -1.52 27.52
C PHE A 165 -15.15 -2.30 28.81
N THR A 166 -14.38 -2.04 29.87
CA THR A 166 -14.56 -2.76 31.13
C THR A 166 -15.57 -2.10 32.07
N TRP A 167 -15.91 -0.84 31.79
CA TRP A 167 -16.84 -0.11 32.66
C TRP A 167 -18.20 -0.77 32.90
N PRO A 168 -18.85 -1.30 31.84
CA PRO A 168 -20.21 -1.83 31.99
C PRO A 168 -20.35 -2.88 33.10
N LEU A 169 -19.38 -3.77 33.22
CA LEU A 169 -19.40 -4.78 34.27
C LEU A 169 -19.25 -4.14 35.65
N ILE A 170 -18.38 -3.14 35.73
CA ILE A 170 -18.14 -2.43 36.98
C ILE A 170 -19.39 -1.72 37.47
N ALA A 171 -20.10 -1.06 36.56
CA ALA A 171 -21.27 -0.28 36.91
C ALA A 171 -22.53 -1.14 36.96
N ALA A 172 -22.42 -2.37 36.50
CA ALA A 172 -23.54 -3.31 36.46
C ALA A 172 -24.22 -3.42 37.83
N ASP A 173 -23.38 -3.44 38.87
CA ASP A 173 -23.85 -3.59 40.23
C ASP A 173 -24.03 -2.24 40.93
N GLY A 174 -24.00 -1.15 40.16
CA GLY A 174 -24.31 0.16 40.69
C GLY A 174 -23.13 1.08 40.90
N GLY A 175 -22.00 0.74 40.29
CA GLY A 175 -20.84 1.61 40.32
C GLY A 175 -21.16 2.79 39.43
N TYR A 176 -20.62 3.96 39.77
CA TYR A 176 -20.88 5.17 39.00
C TYR A 176 -19.73 6.17 39.06
N ALA A 177 -19.66 7.02 38.04
CA ALA A 177 -18.60 8.02 37.93
C ALA A 177 -18.86 9.25 38.78
N PHE A 178 -19.87 10.03 38.42
CA PHE A 178 -20.21 11.24 39.14
C PHE A 178 -21.69 11.30 39.45
N LYS A 179 -21.99 11.42 40.73
CA LYS A 179 -23.38 11.42 41.20
C LYS A 179 -24.14 12.60 40.60
N TYR A 180 -25.30 12.29 40.03
CA TYR A 180 -26.16 13.30 39.45
C TYR A 180 -27.17 13.74 40.49
N ALA A 181 -27.08 15.00 40.92
CA ALA A 181 -27.89 15.51 42.02
C ALA A 181 -28.40 16.91 41.73
N ALA A 182 -29.69 17.12 41.98
CA ALA A 182 -30.32 18.41 41.75
C ALA A 182 -30.07 18.89 40.32
N GLY A 183 -30.11 17.95 39.36
CA GLY A 183 -29.97 18.31 37.96
C GLY A 183 -28.55 18.69 37.58
N LYS A 184 -27.60 18.35 38.45
CA LYS A 184 -26.20 18.74 38.27
C LYS A 184 -25.26 17.66 38.78
N TYR A 185 -24.09 17.54 38.16
CA TYR A 185 -23.12 16.53 38.57
C TYR A 185 -22.20 16.99 39.71
N ASP A 186 -22.11 16.16 40.73
CA ASP A 186 -21.29 16.45 41.90
C ASP A 186 -19.91 15.82 41.74
N ILE A 187 -18.87 16.65 41.64
CA ILE A 187 -17.53 16.11 41.40
C ILE A 187 -16.89 15.54 42.66
N LYS A 188 -17.33 15.99 43.83
CA LYS A 188 -16.79 15.47 45.08
C LYS A 188 -17.54 14.22 45.54
N ASP A 189 -18.60 13.86 44.82
CA ASP A 189 -19.30 12.61 45.05
C ASP A 189 -18.97 11.61 43.94
N VAL A 190 -18.18 10.59 44.27
CA VAL A 190 -17.68 9.64 43.29
C VAL A 190 -18.00 8.21 43.69
N GLY A 191 -18.50 7.44 42.72
CA GLY A 191 -18.98 6.08 42.96
C GLY A 191 -18.02 4.99 42.55
N VAL A 192 -16.74 5.32 42.51
CA VAL A 192 -15.72 4.37 42.04
C VAL A 192 -15.41 3.27 43.06
N ASP A 193 -15.32 3.65 44.33
CA ASP A 193 -14.83 2.74 45.36
C ASP A 193 -15.93 1.95 46.08
N ASN A 194 -17.19 2.07 45.62
CA ASN A 194 -18.29 1.37 46.30
C ASN A 194 -18.25 -0.13 46.02
N ALA A 195 -19.24 -0.85 46.54
CA ALA A 195 -19.24 -2.31 46.50
C ALA A 195 -19.44 -2.86 45.10
N GLY A 196 -20.33 -2.25 44.33
CA GLY A 196 -20.65 -2.75 43.01
C GLY A 196 -19.48 -2.71 42.05
N ALA A 197 -18.75 -1.61 42.09
CA ALA A 197 -17.56 -1.48 41.29
C ALA A 197 -16.56 -2.57 41.66
N LYS A 198 -16.34 -2.73 42.96
CA LYS A 198 -15.43 -3.74 43.47
C LYS A 198 -15.86 -5.14 43.04
N ALA A 199 -17.16 -5.40 43.07
CA ALA A 199 -17.68 -6.70 42.63
C ALA A 199 -17.37 -6.94 41.16
N GLY A 200 -17.75 -5.98 40.31
CA GLY A 200 -17.49 -6.11 38.89
C GLY A 200 -16.01 -6.32 38.58
N LEU A 201 -15.20 -5.42 39.10
CA LEU A 201 -13.76 -5.48 38.85
C LEU A 201 -13.15 -6.76 39.40
N THR A 202 -13.57 -7.15 40.60
CA THR A 202 -13.11 -8.40 41.18
C THR A 202 -13.45 -9.56 40.25
N PHE A 203 -14.66 -9.57 39.72
CA PHE A 203 -15.04 -10.63 38.79
C PHE A 203 -14.13 -10.63 37.57
N LEU A 204 -13.91 -9.45 36.99
CA LEU A 204 -13.01 -9.32 35.84
C LEU A 204 -11.59 -9.86 36.12
N VAL A 205 -11.02 -9.41 37.23
CA VAL A 205 -9.70 -9.88 37.66
C VAL A 205 -9.71 -11.40 37.85
N ASP A 206 -10.77 -11.90 38.48
CA ASP A 206 -10.90 -13.34 38.68
C ASP A 206 -11.03 -14.07 37.36
N LEU A 207 -11.62 -13.42 36.35
CA LEU A 207 -11.65 -14.01 35.01
C LEU A 207 -10.25 -14.08 34.40
N ILE A 208 -9.53 -12.97 34.39
CA ILE A 208 -8.19 -13.01 33.78
C ILE A 208 -7.21 -13.86 34.59
N LYS A 209 -7.43 -13.97 35.90
CA LYS A 209 -6.57 -14.82 36.75
C LYS A 209 -6.72 -16.30 36.41
N ASN A 210 -7.88 -16.67 35.87
CA ASN A 210 -8.18 -18.04 35.52
C ASN A 210 -7.77 -18.36 34.08
N LYS A 211 -7.09 -17.41 33.43
CA LYS A 211 -6.63 -17.54 32.05
C LYS A 211 -7.81 -17.60 31.08
N HIS A 212 -8.94 -17.00 31.47
CA HIS A 212 -10.08 -16.87 30.57
C HIS A 212 -9.85 -15.74 29.58
N MET A 213 -9.11 -14.71 30.03
CA MET A 213 -8.67 -13.63 29.14
C MET A 213 -7.30 -13.16 29.59
N ASN A 214 -6.49 -12.70 28.63
CA ASN A 214 -5.17 -12.18 28.95
C ASN A 214 -5.23 -10.69 29.26
N ALA A 215 -4.49 -10.26 30.27
CA ALA A 215 -4.47 -8.86 30.66
C ALA A 215 -3.79 -7.97 29.61
N ASP A 216 -3.00 -8.57 28.73
CA ASP A 216 -2.29 -7.82 27.71
C ASP A 216 -3.16 -7.53 26.50
N THR A 217 -4.36 -8.09 26.48
CA THR A 217 -5.26 -7.97 25.34
C THR A 217 -5.70 -6.53 25.10
N ASP A 218 -5.74 -6.13 23.83
CA ASP A 218 -6.21 -4.80 23.46
C ASP A 218 -7.19 -4.93 22.29
N TYR A 219 -7.63 -3.78 21.78
CA TYR A 219 -8.62 -3.74 20.72
C TYR A 219 -8.21 -4.54 19.49
N SER A 220 -7.02 -4.24 18.97
CA SER A 220 -6.51 -4.89 17.77
C SER A 220 -6.51 -6.41 17.92
N ILE A 221 -5.93 -6.88 19.03
CA ILE A 221 -5.79 -8.30 19.29
C ILE A 221 -7.15 -8.99 19.36
N ALA A 222 -8.07 -8.38 20.09
CA ALA A 222 -9.40 -8.95 20.26
C ALA A 222 -10.13 -8.97 18.93
N GLU A 223 -10.00 -7.90 18.15
CA GLU A 223 -10.64 -7.86 16.85
C GLU A 223 -10.10 -8.99 16.00
N HIS A 224 -8.78 -9.07 15.89
CA HIS A 224 -8.12 -10.13 15.14
C HIS A 224 -8.53 -11.52 15.60
N ALA A 225 -8.60 -11.70 16.92
CA ALA A 225 -8.92 -12.99 17.50
C ALA A 225 -10.34 -13.40 17.15
N PHE A 226 -11.29 -12.50 17.40
CA PHE A 226 -12.71 -12.80 17.17
C PHE A 226 -13.00 -12.97 15.68
N ASN A 227 -12.39 -12.11 14.86
CA ASN A 227 -12.65 -12.11 13.43
C ASN A 227 -12.11 -13.36 12.71
N HIS A 228 -11.19 -14.07 13.36
CA HIS A 228 -10.70 -15.33 12.80
C HIS A 228 -11.48 -16.52 13.38
N GLY A 229 -12.46 -16.23 14.23
CA GLY A 229 -13.33 -17.27 14.77
C GLY A 229 -12.66 -18.11 15.84
N GLU A 230 -11.59 -17.58 16.41
CA GLU A 230 -10.86 -18.26 17.48
C GLU A 230 -11.38 -17.86 18.86
N THR A 231 -12.31 -16.90 18.88
CA THR A 231 -13.01 -16.49 20.10
C THR A 231 -14.51 -16.51 19.84
N ALA A 232 -15.25 -17.03 20.82
CA ALA A 232 -16.70 -17.22 20.67
C ALA A 232 -17.45 -15.91 20.67
N MET A 233 -16.94 -14.93 21.41
CA MET A 233 -17.62 -13.66 21.54
C MET A 233 -16.66 -12.55 21.92
N THR A 234 -17.09 -11.33 21.66
CA THR A 234 -16.37 -10.14 22.07
C THR A 234 -17.38 -9.05 22.42
N ILE A 235 -16.87 -7.92 22.89
CA ILE A 235 -17.69 -6.79 23.28
C ILE A 235 -17.29 -5.57 22.48
N ASN A 236 -18.24 -4.96 21.79
CA ASN A 236 -17.88 -3.81 20.94
C ASN A 236 -19.07 -3.01 20.43
N GLY A 237 -18.75 -1.93 19.73
CA GLY A 237 -19.76 -1.04 19.17
C GLY A 237 -19.95 -1.30 17.70
N PRO A 238 -20.89 -0.58 17.08
CA PRO A 238 -21.24 -0.73 15.67
C PRO A 238 -20.05 -0.63 14.71
N TRP A 239 -19.14 0.30 14.99
CA TRP A 239 -18.03 0.59 14.09
C TRP A 239 -17.19 -0.64 13.78
N ALA A 240 -17.27 -1.65 14.63
CA ALA A 240 -16.53 -2.88 14.43
C ALA A 240 -17.19 -3.78 13.38
N TRP A 241 -18.52 -3.74 13.33
CA TRP A 241 -19.29 -4.69 12.53
C TRP A 241 -18.77 -4.81 11.10
N SER A 242 -18.43 -3.66 10.51
CA SER A 242 -17.95 -3.61 9.12
C SER A 242 -16.83 -4.60 8.84
N ASN A 243 -15.98 -4.83 9.83
CA ASN A 243 -14.84 -5.73 9.65
C ASN A 243 -15.26 -7.19 9.77
N ILE A 244 -16.36 -7.43 10.47
CA ILE A 244 -16.85 -8.79 10.70
C ILE A 244 -17.65 -9.29 9.48
N ASP A 245 -18.35 -8.37 8.82
CA ASP A 245 -19.16 -8.71 7.66
C ASP A 245 -18.29 -9.35 6.58
N THR A 246 -17.22 -8.64 6.23
CA THR A 246 -16.26 -9.11 5.24
C THR A 246 -15.67 -10.43 5.69
N SER A 247 -15.44 -10.54 7.00
CA SER A 247 -14.91 -11.76 7.57
C SER A 247 -15.90 -12.90 7.34
N ALA A 248 -15.36 -14.10 7.12
CA ALA A 248 -16.18 -15.27 6.85
C ALA A 248 -17.06 -15.61 8.04
N VAL A 249 -16.79 -14.98 9.18
CA VAL A 249 -17.55 -15.21 10.39
C VAL A 249 -19.02 -14.85 10.23
N ASN A 250 -19.88 -15.80 10.58
CA ASN A 250 -21.30 -15.54 10.72
C ASN A 250 -21.53 -15.18 12.19
N TYR A 251 -22.00 -13.96 12.43
CA TYR A 251 -22.01 -13.39 13.78
C TYR A 251 -23.37 -12.79 14.13
N GLY A 252 -23.52 -12.45 15.41
CA GLY A 252 -24.72 -11.79 15.88
C GLY A 252 -24.44 -10.85 17.04
N VAL A 253 -25.37 -9.89 17.23
CA VAL A 253 -25.22 -8.87 18.25
C VAL A 253 -26.42 -8.87 19.19
N THR A 254 -26.17 -8.94 20.49
CA THR A 254 -27.23 -8.92 21.49
C THR A 254 -26.81 -8.18 22.75
N VAL A 255 -27.71 -8.17 23.72
CA VAL A 255 -27.50 -7.47 24.97
C VAL A 255 -26.34 -8.09 25.75
N LEU A 256 -25.59 -7.24 26.44
CA LEU A 256 -24.49 -7.68 27.28
C LEU A 256 -25.02 -8.61 28.36
N PRO A 257 -24.16 -9.48 28.89
CA PRO A 257 -24.62 -10.41 29.93
C PRO A 257 -24.82 -9.73 31.28
N THR A 258 -25.73 -10.27 32.09
CA THR A 258 -26.02 -9.71 33.40
C THR A 258 -24.95 -10.12 34.41
N PHE A 259 -24.81 -9.31 35.46
CA PHE A 259 -23.88 -9.59 36.55
C PHE A 259 -24.61 -9.39 37.86
N LYS A 260 -24.68 -10.44 38.67
CA LYS A 260 -25.41 -10.40 39.92
C LYS A 260 -26.88 -10.02 39.69
N GLY A 261 -27.46 -10.54 38.62
CA GLY A 261 -28.86 -10.30 38.32
C GLY A 261 -29.12 -8.87 37.87
N GLN A 262 -28.06 -8.10 37.67
CA GLN A 262 -28.19 -6.72 37.24
C GLN A 262 -27.54 -6.59 35.87
N PRO A 263 -28.08 -5.70 35.02
CA PRO A 263 -27.60 -5.59 33.64
C PRO A 263 -26.27 -4.86 33.58
N SER A 264 -25.48 -5.13 32.54
CA SER A 264 -24.28 -4.34 32.31
C SER A 264 -24.71 -2.92 31.99
N LYS A 265 -24.01 -1.95 32.57
CA LYS A 265 -24.39 -0.55 32.42
C LYS A 265 -23.29 0.22 31.71
N PRO A 266 -23.28 0.14 30.37
CA PRO A 266 -22.26 0.85 29.58
C PRO A 266 -22.45 2.35 29.56
N PHE A 267 -21.37 3.11 29.61
CA PHE A 267 -21.47 4.54 29.40
C PHE A 267 -21.80 4.77 27.92
N VAL A 268 -22.92 5.44 27.68
CA VAL A 268 -23.40 5.63 26.31
C VAL A 268 -22.80 6.90 25.72
N GLY A 269 -22.13 6.76 24.59
CA GLY A 269 -21.52 7.90 23.94
C GLY A 269 -22.44 8.49 22.91
N VAL A 270 -22.25 9.77 22.61
CA VAL A 270 -22.93 10.38 21.47
C VAL A 270 -21.88 10.90 20.52
N LEU A 271 -21.75 10.27 19.36
CA LEU A 271 -20.82 10.75 18.37
C LEU A 271 -21.30 12.10 17.92
N SER A 272 -20.42 13.09 18.05
CA SER A 272 -20.77 14.48 17.91
C SER A 272 -19.67 15.24 17.19
N ALA A 273 -20.08 16.26 16.46
CA ALA A 273 -19.17 17.09 15.67
C ALA A 273 -19.13 18.53 16.19
N GLY A 274 -18.01 18.91 16.76
CA GLY A 274 -17.80 20.27 17.22
C GLY A 274 -17.08 21.11 16.19
N ILE A 275 -17.30 22.41 16.25
CA ILE A 275 -16.65 23.37 15.37
C ILE A 275 -15.64 24.19 16.18
N ASN A 276 -14.43 24.30 15.65
CA ASN A 276 -13.38 25.06 16.31
C ASN A 276 -13.76 26.52 16.45
N ALA A 277 -13.41 27.10 17.59
CA ALA A 277 -13.75 28.50 17.87
C ALA A 277 -12.84 29.45 17.09
N ALA A 278 -11.69 28.94 16.66
CA ALA A 278 -10.72 29.74 15.91
C ALA A 278 -10.99 29.71 14.42
N SER A 279 -11.89 28.83 13.98
CA SER A 279 -12.10 28.61 12.57
C SER A 279 -12.70 29.81 11.84
N PRO A 280 -12.05 30.28 10.76
CA PRO A 280 -12.68 31.28 9.89
C PRO A 280 -13.81 30.69 9.05
N ASN A 281 -13.84 29.38 8.95
CA ASN A 281 -14.72 28.65 8.03
C ASN A 281 -16.08 28.24 8.61
N LYS A 282 -16.43 28.74 9.80
CA LYS A 282 -17.61 28.30 10.55
C LYS A 282 -18.89 28.16 9.72
N GLU A 283 -19.16 29.13 8.85
CA GLU A 283 -20.37 29.05 8.02
C GLU A 283 -20.34 27.83 7.11
N LEU A 284 -19.20 27.58 6.48
CA LEU A 284 -19.04 26.44 5.60
C LEU A 284 -19.19 25.15 6.39
N ALA A 285 -18.62 25.13 7.58
CA ALA A 285 -18.75 23.98 8.47
C ALA A 285 -20.23 23.75 8.78
N LYS A 286 -20.94 24.80 9.14
CA LYS A 286 -22.37 24.69 9.44
C LYS A 286 -23.14 24.20 8.23
N GLU A 287 -22.86 24.76 7.05
CA GLU A 287 -23.55 24.33 5.83
C GLU A 287 -23.28 22.85 5.58
N PHE A 288 -22.01 22.46 5.68
CA PHE A 288 -21.60 21.07 5.44
C PHE A 288 -22.26 20.10 6.41
N LEU A 289 -22.20 20.42 7.70
CA LEU A 289 -22.76 19.55 8.73
C LEU A 289 -24.28 19.48 8.65
N GLU A 290 -24.93 20.63 8.53
CA GLU A 290 -26.39 20.66 8.54
C GLU A 290 -26.99 20.16 7.23
N ASN A 291 -26.54 20.70 6.10
CA ASN A 291 -27.13 20.38 4.80
C ASN A 291 -26.71 19.01 4.24
N TYR A 292 -25.46 18.64 4.46
CA TYR A 292 -24.90 17.40 3.88
C TYR A 292 -24.69 16.29 4.90
N LEU A 293 -23.87 16.51 5.93
CA LEU A 293 -23.51 15.43 6.85
C LEU A 293 -24.72 14.75 7.49
N LEU A 294 -25.67 15.55 7.98
CA LEU A 294 -26.87 14.98 8.59
C LEU A 294 -28.00 15.03 7.60
N THR A 295 -28.24 13.87 6.99
CA THR A 295 -29.19 13.67 5.92
C THR A 295 -29.36 12.17 5.83
N ASP A 296 -30.42 11.72 5.17
CA ASP A 296 -30.56 10.29 4.92
C ASP A 296 -29.36 9.80 4.11
N GLU A 297 -29.13 10.45 2.96
CA GLU A 297 -28.03 10.09 2.07
C GLU A 297 -26.64 10.12 2.72
N GLY A 298 -26.36 11.18 3.47
CA GLY A 298 -25.07 11.35 4.08
C GLY A 298 -24.77 10.30 5.13
N LEU A 299 -25.70 10.15 6.07
CA LEU A 299 -25.53 9.16 7.11
C LEU A 299 -25.63 7.76 6.51
N GLU A 300 -26.36 7.63 5.40
CA GLU A 300 -26.38 6.38 4.67
C GLU A 300 -24.96 6.06 4.23
N ALA A 301 -24.30 7.03 3.63
CA ALA A 301 -22.92 6.87 3.18
C ALA A 301 -21.97 6.52 4.33
N VAL A 302 -21.96 7.36 5.36
CA VAL A 302 -21.07 7.12 6.49
C VAL A 302 -21.37 5.76 7.12
N ASN A 303 -22.63 5.45 7.33
CA ASN A 303 -23.04 4.17 7.92
C ASN A 303 -22.66 3.03 6.98
N LYS A 304 -22.72 3.28 5.68
CA LYS A 304 -22.37 2.27 4.70
C LYS A 304 -20.88 1.94 4.78
N ASP A 305 -20.02 2.93 4.92
CA ASP A 305 -18.60 2.64 5.11
C ASP A 305 -18.39 1.83 6.39
N LYS A 306 -18.79 2.39 7.52
CA LYS A 306 -18.82 1.66 8.79
C LYS A 306 -20.04 2.08 9.58
N PRO A 307 -20.70 1.13 10.29
CA PRO A 307 -21.96 1.50 10.95
C PRO A 307 -21.81 2.55 12.03
N LEU A 308 -22.78 3.45 12.09
CA LEU A 308 -22.80 4.50 13.10
C LEU A 308 -23.55 4.09 14.37
N GLY A 309 -24.27 2.97 14.30
CA GLY A 309 -25.18 2.60 15.37
C GLY A 309 -26.48 3.36 15.20
N ALA A 310 -27.09 3.77 16.30
CA ALA A 310 -28.30 4.57 16.24
C ALA A 310 -27.97 6.04 16.00
N VAL A 311 -28.47 6.56 14.87
CA VAL A 311 -28.22 7.96 14.50
C VAL A 311 -29.12 8.93 15.26
N ALA A 312 -28.67 10.18 15.35
CA ALA A 312 -29.44 11.23 16.01
C ALA A 312 -30.57 11.74 15.13
N LEU A 313 -30.46 11.53 13.82
CA LEU A 313 -31.46 11.99 12.86
C LEU A 313 -32.69 11.09 12.88
N LYS A 314 -33.85 11.69 13.10
CA LYS A 314 -35.09 10.95 13.23
C LYS A 314 -35.41 10.16 11.97
N SER A 315 -35.41 10.86 10.83
CA SER A 315 -35.81 10.26 9.57
C SER A 315 -35.02 8.99 9.26
N TYR A 316 -33.71 9.06 9.33
CA TYR A 316 -32.87 7.91 9.01
C TYR A 316 -32.95 6.84 10.09
N GLU A 317 -32.98 7.27 11.36
CA GLU A 317 -33.07 6.34 12.48
C GLU A 317 -34.31 5.47 12.39
N GLU A 318 -35.45 6.10 12.14
CA GLU A 318 -36.72 5.38 12.06
C GLU A 318 -36.62 4.19 11.11
N GLU A 319 -35.88 4.35 10.01
CA GLU A 319 -35.62 3.25 9.09
C GLU A 319 -34.50 2.36 9.61
N LEU A 320 -33.47 2.97 10.19
CA LEU A 320 -32.27 2.27 10.62
C LEU A 320 -32.51 1.31 11.77
N VAL A 321 -33.53 1.60 12.59
CA VAL A 321 -33.85 0.76 13.74
C VAL A 321 -34.30 -0.63 13.28
N LYS A 322 -34.81 -0.69 12.05
CA LYS A 322 -35.33 -1.94 11.50
C LYS A 322 -34.28 -3.05 11.50
N ASP A 323 -33.02 -2.68 11.56
CA ASP A 323 -31.94 -3.64 11.69
C ASP A 323 -31.83 -4.10 13.14
N PRO A 324 -31.69 -5.42 13.38
CA PRO A 324 -31.71 -5.92 14.76
C PRO A 324 -30.48 -5.50 15.59
N ARG A 325 -29.37 -5.27 14.93
CA ARG A 325 -28.13 -4.97 15.63
C ARG A 325 -28.21 -3.62 16.34
N VAL A 326 -28.60 -2.57 15.62
CA VAL A 326 -28.72 -1.26 16.24
C VAL A 326 -29.82 -1.27 17.29
N ALA A 327 -30.83 -2.11 17.08
CA ALA A 327 -31.89 -2.27 18.06
C ALA A 327 -31.29 -2.85 19.33
N ALA A 328 -30.42 -3.84 19.16
CA ALA A 328 -29.69 -4.39 20.29
C ALA A 328 -28.81 -3.33 20.93
N THR A 329 -28.18 -2.49 20.10
CA THR A 329 -27.35 -1.41 20.61
C THR A 329 -28.19 -0.45 21.47
N MET A 330 -29.40 -0.15 21.02
CA MET A 330 -30.30 0.70 21.80
C MET A 330 -30.70 0.01 23.08
N GLU A 331 -31.07 -1.26 22.98
CA GLU A 331 -31.44 -2.05 24.15
C GLU A 331 -30.33 -1.99 25.18
N ASN A 332 -29.08 -2.13 24.74
CA ASN A 332 -27.94 -1.97 25.64
C ASN A 332 -27.82 -0.56 26.18
N ALA A 333 -27.93 0.44 25.31
CA ALA A 333 -27.81 1.83 25.71
C ALA A 333 -28.80 2.18 26.82
N GLN A 334 -30.04 1.74 26.67
CA GLN A 334 -31.09 2.01 27.63
C GLN A 334 -30.77 1.40 29.00
N LYS A 335 -29.96 0.34 29.00
CA LYS A 335 -29.57 -0.30 30.25
C LYS A 335 -28.49 0.53 30.94
N GLY A 336 -27.61 1.13 30.14
CA GLY A 336 -26.53 1.94 30.66
C GLY A 336 -26.94 3.37 30.93
N GLU A 337 -25.96 4.26 30.98
CA GLU A 337 -26.23 5.67 31.21
C GLU A 337 -25.41 6.55 30.28
N ILE A 338 -26.04 7.60 29.78
CA ILE A 338 -25.39 8.55 28.91
C ILE A 338 -24.30 9.28 29.69
N MET A 339 -23.18 9.52 29.04
CA MET A 339 -22.03 10.14 29.70
C MET A 339 -22.22 11.61 30.02
N PRO A 340 -21.74 12.05 31.20
CA PRO A 340 -21.68 13.49 31.46
C PRO A 340 -20.75 14.17 30.46
N ASN A 341 -21.03 15.40 30.08
CA ASN A 341 -20.14 16.10 29.16
C ASN A 341 -19.13 16.95 29.93
N ILE A 342 -19.25 16.95 31.25
CA ILE A 342 -18.42 17.82 32.10
C ILE A 342 -16.93 17.52 31.88
N PRO A 343 -16.07 18.50 32.18
CA PRO A 343 -14.63 18.33 31.94
C PRO A 343 -14.00 17.16 32.70
N GLN A 344 -14.43 16.93 33.93
CA GLN A 344 -13.79 15.96 34.82
C GLN A 344 -13.71 14.57 34.19
N MET A 345 -14.62 14.28 33.28
CA MET A 345 -14.64 12.99 32.58
C MET A 345 -13.29 12.67 31.97
N SER A 346 -12.56 13.70 31.58
CA SER A 346 -11.23 13.51 31.02
C SER A 346 -10.31 12.89 32.07
N ALA A 347 -10.47 13.33 33.31
CA ALA A 347 -9.65 12.85 34.42
C ALA A 347 -10.15 11.52 34.96
N PHE A 348 -11.48 11.36 34.94
CA PHE A 348 -12.11 10.15 35.43
C PHE A 348 -11.61 8.94 34.66
N TRP A 349 -11.77 8.97 33.33
CA TRP A 349 -11.36 7.87 32.48
C TRP A 349 -9.90 7.45 32.74
N TYR A 350 -9.03 8.45 32.94
CA TYR A 350 -7.62 8.19 33.24
C TYR A 350 -7.45 7.52 34.58
N ALA A 351 -8.35 7.80 35.51
CA ALA A 351 -8.22 7.31 36.88
C ALA A 351 -8.63 5.84 36.94
N VAL A 352 -9.62 5.49 36.12
CA VAL A 352 -10.11 4.13 36.06
C VAL A 352 -9.12 3.23 35.34
N ARG A 353 -8.66 3.69 34.16
CA ARG A 353 -7.71 2.94 33.35
C ARG A 353 -6.52 2.50 34.19
N THR A 354 -5.96 3.43 34.95
CA THR A 354 -4.86 3.11 35.86
C THR A 354 -5.27 2.07 36.88
N ALA A 355 -6.52 2.12 37.32
CA ALA A 355 -6.97 1.25 38.40
C ALA A 355 -7.31 -0.14 37.88
N VAL A 356 -7.72 -0.22 36.61
CA VAL A 356 -8.06 -1.51 36.01
C VAL A 356 -6.80 -2.30 35.67
N ILE A 357 -5.79 -1.64 35.12
CA ILE A 357 -4.59 -2.33 34.70
C ILE A 357 -3.78 -2.75 35.92
N ASN A 358 -3.79 -1.94 36.97
CA ASN A 358 -3.07 -2.27 38.20
C ASN A 358 -3.71 -3.45 38.92
N ALA A 359 -5.03 -3.51 38.89
CA ALA A 359 -5.75 -4.61 39.49
C ALA A 359 -5.59 -5.86 38.64
N ALA A 360 -5.50 -5.67 37.33
CA ALA A 360 -5.38 -6.78 36.41
C ALA A 360 -3.97 -7.36 36.41
N SER A 361 -2.97 -6.48 36.38
CA SER A 361 -1.58 -6.92 36.40
C SER A 361 -1.21 -7.48 37.77
N GLY A 362 -1.99 -7.13 38.79
CA GLY A 362 -1.75 -7.59 40.13
C GLY A 362 -0.79 -6.69 40.89
N ARG A 363 -0.61 -5.47 40.40
CA ARG A 363 0.26 -4.50 41.06
C ARG A 363 -0.41 -3.99 42.34
N GLN A 364 -1.75 -3.99 42.35
CA GLN A 364 -2.52 -3.58 43.51
C GLN A 364 -3.79 -4.40 43.62
N THR A 365 -4.35 -4.44 44.83
CA THR A 365 -5.65 -5.04 45.07
C THR A 365 -6.73 -4.12 44.53
N VAL A 366 -7.92 -4.68 44.29
CA VAL A 366 -9.05 -3.90 43.79
C VAL A 366 -9.38 -2.73 44.73
N ASP A 367 -9.33 -2.98 46.03
CA ASP A 367 -9.59 -1.94 47.02
C ASP A 367 -8.60 -0.78 46.90
N ALA A 368 -7.30 -1.11 46.92
CA ALA A 368 -6.25 -0.10 46.83
C ALA A 368 -6.35 0.68 45.52
N ALA A 369 -6.53 -0.06 44.44
CA ALA A 369 -6.65 0.52 43.11
C ALA A 369 -7.82 1.50 43.05
N LEU A 370 -9.00 1.03 43.47
CA LEU A 370 -10.19 1.87 43.46
C LEU A 370 -10.08 3.04 44.42
N ALA A 371 -9.37 2.86 45.53
CA ALA A 371 -9.13 3.96 46.45
C ALA A 371 -8.33 5.05 45.73
N ALA A 372 -7.19 4.64 45.17
CA ALA A 372 -6.36 5.57 44.41
C ALA A 372 -7.20 6.21 43.31
N ALA A 373 -8.01 5.40 42.66
CA ALA A 373 -8.88 5.87 41.58
C ALA A 373 -9.83 6.96 42.05
N GLN A 374 -10.56 6.69 43.13
CA GLN A 374 -11.50 7.67 43.66
C GLN A 374 -10.78 8.93 44.08
N THR A 375 -9.62 8.80 44.70
CA THR A 375 -8.85 9.97 45.08
C THR A 375 -8.42 10.78 43.85
N ASN A 376 -8.15 10.10 42.75
CA ASN A 376 -7.66 10.74 41.51
C ASN A 376 -8.74 11.04 40.46
N ALA A 377 -9.99 10.73 40.78
CA ALA A 377 -11.09 10.81 39.80
C ALA A 377 -11.23 12.15 39.09
N ALA A 378 -11.20 13.24 39.86
CA ALA A 378 -11.36 14.59 39.30
C ALA A 378 -10.04 15.32 39.06
N ALA A 379 -8.92 14.72 39.45
CA ALA A 379 -7.62 15.39 39.36
C ALA A 379 -7.12 15.45 37.93
N GLY A 380 -6.88 16.66 37.45
CA GLY A 380 -6.52 16.87 36.05
C GLY A 380 -5.05 16.60 35.77
N THR A 381 -4.24 16.64 36.82
CA THR A 381 -2.81 16.38 36.70
C THR A 381 -2.58 14.95 36.23
N CYS A 382 -3.43 14.06 36.72
CA CYS A 382 -3.28 12.63 36.46
C CYS A 382 -3.47 12.27 34.99
N GLU A 383 -3.95 13.23 34.20
CA GLU A 383 -4.07 13.04 32.77
C GLU A 383 -2.70 13.12 32.10
N GLU A 384 -1.75 13.76 32.78
CA GLU A 384 -0.40 13.93 32.25
C GLU A 384 0.44 12.67 32.39
N CYS A 385 -0.08 11.69 33.12
CA CYS A 385 0.66 10.46 33.42
C CYS A 385 0.50 9.41 32.31
N SER A 386 1.59 8.72 32.02
CA SER A 386 1.59 7.69 30.98
C SER A 386 0.99 6.39 31.52
N ILE A 387 0.87 5.40 30.64
CA ILE A 387 0.27 4.12 31.02
C ILE A 387 1.11 3.45 32.09
N ASP A 388 2.43 3.59 32.00
CA ASP A 388 3.34 2.90 32.90
C ASP A 388 3.63 3.71 34.16
N GLU A 389 2.94 4.84 34.32
CA GLU A 389 3.10 5.70 35.50
C GLU A 389 1.89 5.65 36.43
N ASP A 390 2.16 5.58 37.73
CA ASP A 390 1.12 5.76 38.75
C ASP A 390 0.97 7.25 39.06
N CYS A 391 -0.27 7.71 39.16
CA CYS A 391 -0.53 9.06 39.65
C CYS A 391 -0.73 8.97 41.16
N LYS A 392 0.17 9.61 41.90
CA LYS A 392 0.16 9.53 43.35
C LYS A 392 -0.23 10.87 43.97
N SER A 393 -1.02 10.77 45.03
CA SER A 393 -1.64 11.91 45.67
C SER A 393 -0.98 12.21 47.01
N ASN A 394 -0.34 13.37 47.10
CA ASN A 394 0.24 13.82 48.38
C ASN A 394 -0.80 14.65 49.12
N ASN A 395 -0.45 15.09 50.32
CA ASN A 395 -1.33 15.97 51.08
C ASN A 395 -1.61 17.24 50.28
N GLY A 396 -0.55 17.85 49.75
CA GLY A 396 -0.67 19.07 48.98
C GLY A 396 -1.21 18.88 47.57
N ARG A 397 -0.62 17.98 46.80
CA ARG A 397 -0.96 17.86 45.38
C ARG A 397 -0.60 16.50 44.76
N TRP A 398 -1.20 16.23 43.60
CA TRP A 398 -0.96 15.03 42.81
C TRP A 398 0.29 15.13 41.95
N HIS A 399 0.95 14.00 41.73
CA HIS A 399 2.10 13.96 40.83
C HIS A 399 2.23 12.60 40.14
N CYS A 400 2.98 12.59 39.05
CA CYS A 400 3.21 11.35 38.30
C CYS A 400 4.46 10.63 38.80
N GLN A 401 4.36 9.31 38.87
CA GLN A 401 5.44 8.47 39.34
C GLN A 401 5.48 7.20 38.50
N CYS A 402 6.68 6.72 38.20
CA CYS A 402 6.82 5.45 37.48
C CYS A 402 6.29 4.32 38.34
N LYS A 403 5.64 3.34 37.72
CA LYS A 403 5.27 2.12 38.41
C LYS A 403 6.52 1.47 38.97
N GLN A 404 6.42 0.99 40.21
CA GLN A 404 7.59 0.48 40.92
C GLN A 404 7.98 -0.91 40.46
N ASP A 405 7.01 -1.70 40.01
CA ASP A 405 7.25 -3.10 39.66
C ASP A 405 6.66 -3.50 38.30
N PHE A 406 7.52 -4.03 37.43
CA PHE A 406 7.11 -4.57 36.13
C PHE A 406 7.47 -6.05 36.03
N ASN A 407 6.68 -6.80 35.26
CA ASN A 407 7.02 -8.18 34.95
C ASN A 407 7.57 -8.25 33.53
N ILE A 408 8.87 -8.51 33.41
CA ILE A 408 9.56 -8.46 32.12
C ILE A 408 10.08 -9.82 31.66
N THR A 409 9.47 -10.35 30.61
CA THR A 409 9.98 -11.54 29.95
C THR A 409 11.24 -11.15 29.21
N ASP A 410 12.09 -12.13 28.88
CA ASP A 410 13.24 -11.89 28.03
C ASP A 410 12.74 -11.29 26.71
N ILE A 411 11.48 -11.57 26.37
CA ILE A 411 10.83 -11.01 25.19
C ILE A 411 10.36 -9.58 25.40
N SER A 412 9.86 -9.26 26.58
CA SER A 412 9.31 -7.93 26.86
C SER A 412 10.33 -6.83 26.62
N LEU A 413 11.61 -7.16 26.75
CA LEU A 413 12.69 -6.20 26.56
C LEU A 413 12.85 -5.85 25.08
N LEU A 414 12.33 -6.71 24.20
CA LEU A 414 12.48 -6.51 22.77
C LEU A 414 11.40 -5.58 22.19
N GLU A 415 10.33 -5.33 22.93
CA GLU A 415 9.31 -4.38 22.51
C GLU A 415 9.96 -3.00 22.42
N HIS A 416 9.84 -2.34 21.26
CA HIS A 416 10.56 -1.10 21.02
C HIS A 416 9.93 -0.23 19.95
N ARG A 417 10.32 1.05 19.94
CA ARG A 417 9.89 1.97 18.90
C ARG A 417 11.05 2.29 17.95
N LEU A 418 10.83 2.04 16.67
CA LEU A 418 11.82 2.36 15.64
C LEU A 418 11.30 3.49 14.76
N GLU A 419 12.03 4.61 14.74
CA GLU A 419 11.68 5.74 13.89
C GLU A 419 12.79 5.98 12.87
N CYS A 420 12.41 5.92 11.60
CA CYS A 420 13.32 6.26 10.50
C CYS A 420 13.04 7.67 9.99
N GLY A 421 13.97 8.58 10.28
CA GLY A 421 13.88 9.95 9.79
C GLY A 421 14.60 10.06 8.47
N ALA A 422 14.65 11.26 7.91
CA ALA A 422 15.29 11.46 6.62
C ALA A 422 16.80 11.30 6.71
N ASN A 423 17.42 12.05 7.63
CA ASN A 423 18.86 11.98 7.83
C ASN A 423 19.31 11.15 9.04
N ASP A 424 18.37 10.61 9.81
CA ASP A 424 18.69 9.95 11.08
C ASP A 424 17.76 8.79 11.43
N MET A 425 18.21 7.97 12.36
CA MET A 425 17.43 6.86 12.90
C MET A 425 17.35 6.98 14.42
N LYS A 426 16.18 6.69 14.99
CA LYS A 426 16.01 6.69 16.43
C LYS A 426 15.27 5.46 16.96
N VAL A 427 15.85 4.81 17.96
CA VAL A 427 15.20 3.67 18.62
C VAL A 427 14.88 4.00 20.07
N SER A 428 13.67 3.69 20.50
CA SER A 428 13.19 4.09 21.82
C SER A 428 12.60 2.95 22.63
N LEU A 429 12.83 2.98 23.95
CA LEU A 429 12.31 1.98 24.88
C LEU A 429 11.74 2.65 26.14
N GLY A 430 10.75 2.02 26.74
CA GLY A 430 10.07 2.57 27.91
C GLY A 430 10.97 2.92 29.07
N LYS A 431 10.82 4.14 29.58
CA LYS A 431 11.72 4.67 30.61
C LYS A 431 11.52 3.99 31.96
N CYS A 432 10.27 3.74 32.33
CA CYS A 432 9.98 3.17 33.63
C CYS A 432 10.41 1.72 33.72
N GLN A 433 10.15 0.97 32.65
CA GLN A 433 10.49 -0.45 32.61
C GLN A 433 11.99 -0.61 32.82
N LEU A 434 12.75 0.34 32.31
CA LEU A 434 14.20 0.37 32.49
C LEU A 434 14.56 0.87 33.88
N LYS A 435 13.93 1.97 34.29
CA LYS A 435 14.25 2.58 35.57
C LYS A 435 13.94 1.60 36.70
N SER A 436 13.02 0.68 36.43
CA SER A 436 12.64 -0.34 37.39
C SER A 436 13.84 -1.22 37.76
N LEU A 437 14.74 -1.41 36.80
CA LEU A 437 15.84 -2.35 36.94
C LEU A 437 17.06 -1.73 37.59
N GLY A 438 16.95 -0.48 38.01
CA GLY A 438 18.06 0.21 38.63
C GLY A 438 18.88 1.01 37.65
N PHE A 439 18.25 1.46 36.56
CA PHE A 439 18.93 2.29 35.57
C PHE A 439 18.80 3.77 35.92
N ASP A 440 19.89 4.37 36.37
CA ASP A 440 19.95 5.82 36.57
C ASP A 440 20.31 6.53 35.27
N LYS A 441 21.30 6.00 34.58
CA LYS A 441 21.87 6.64 33.39
C LYS A 441 22.61 5.61 32.52
N VAL A 442 22.91 5.99 31.29
CA VAL A 442 23.62 5.13 30.35
C VAL A 442 22.83 3.83 30.18
N PHE A 443 21.56 4.00 29.82
CA PHE A 443 20.62 2.90 29.76
C PHE A 443 21.02 1.87 28.71
N MET A 444 21.46 2.35 27.56
CA MET A 444 21.57 1.52 26.36
C MET A 444 22.54 2.12 25.35
N TYR A 445 23.07 1.28 24.46
CA TYR A 445 24.00 1.76 23.44
C TYR A 445 24.00 0.89 22.18
N LEU A 446 24.55 1.47 21.11
CA LEU A 446 24.65 0.82 19.81
C LEU A 446 25.98 0.09 19.62
N SER A 447 26.26 -0.35 18.39
CA SER A 447 27.50 -1.07 18.07
C SER A 447 28.72 -0.31 18.60
N ASP A 448 28.71 1.00 18.45
CA ASP A 448 29.67 1.86 19.13
C ASP A 448 29.07 2.21 20.50
N SER A 449 29.73 1.78 21.57
CA SER A 449 29.19 1.97 22.91
C SER A 449 29.15 3.44 23.32
N ARG A 450 29.82 4.30 22.57
CA ARG A 450 29.82 5.73 22.87
C ARG A 450 28.49 6.38 22.56
N CYS A 451 27.73 5.78 21.64
CA CYS A 451 26.39 6.30 21.33
C CYS A 451 25.46 5.64 22.33
N SER A 452 24.94 6.45 23.24
CA SER A 452 24.23 5.95 24.40
C SER A 452 22.80 6.45 24.49
N GLY A 453 22.09 6.00 25.52
CA GLY A 453 20.72 6.37 25.73
C GLY A 453 20.58 7.69 26.45
N PHE A 454 19.47 8.38 26.19
CA PHE A 454 19.12 9.61 26.86
C PHE A 454 17.61 9.61 27.10
N ASN A 455 17.16 10.36 28.09
CA ASN A 455 15.72 10.54 28.27
C ASN A 455 15.20 11.43 27.15
N ASP A 456 14.21 10.92 26.41
CA ASP A 456 13.76 11.57 25.20
C ASP A 456 13.19 12.94 25.52
N ARG A 457 13.71 13.96 24.84
CA ARG A 457 13.36 15.34 25.15
C ARG A 457 11.91 15.64 24.76
N ASP A 458 11.44 14.97 23.71
CA ASP A 458 10.09 15.16 23.23
C ASP A 458 9.09 14.43 24.14
N ASN A 459 9.19 13.10 24.16
CA ASN A 459 8.30 12.26 24.95
C ASN A 459 8.97 11.79 26.25
N ARG A 460 8.43 12.22 27.38
CA ARG A 460 8.97 11.83 28.68
C ARG A 460 8.97 10.33 28.89
N ASP A 461 8.02 9.64 28.26
CA ASP A 461 7.85 8.20 28.44
C ASP A 461 9.06 7.42 27.94
N TRP A 462 9.54 7.79 26.76
CA TRP A 462 10.60 7.05 26.11
C TRP A 462 12.01 7.38 26.62
N VAL A 463 12.91 6.41 26.47
CA VAL A 463 14.34 6.61 26.51
C VAL A 463 14.86 6.20 25.14
N SER A 464 15.63 7.08 24.50
CA SER A 464 15.94 6.93 23.08
C SER A 464 17.43 6.95 22.75
N VAL A 465 17.80 6.22 21.69
CA VAL A 465 19.13 6.30 21.11
C VAL A 465 19.00 6.67 19.65
N VAL A 466 19.89 7.55 19.20
CA VAL A 466 19.85 8.05 17.83
C VAL A 466 21.18 7.86 17.12
N THR A 467 21.10 7.62 15.82
CA THR A 467 22.30 7.57 14.99
C THR A 467 21.99 8.16 13.63
N PRO A 468 22.96 8.87 13.03
CA PRO A 468 22.71 9.33 11.65
C PRO A 468 22.52 8.15 10.71
N ALA A 469 21.81 8.30 9.60
CA ALA A 469 21.75 7.19 8.67
C ALA A 469 22.81 7.48 7.64
N ARG A 470 24.00 6.95 7.93
CA ARG A 470 25.12 7.01 7.02
C ARG A 470 26.12 6.03 7.60
N ASP A 471 27.02 5.55 6.76
CA ASP A 471 27.95 4.52 7.19
C ASP A 471 29.06 5.12 8.05
N GLY A 472 29.29 4.50 9.21
CA GLY A 472 30.43 4.80 10.05
C GLY A 472 30.28 5.61 11.34
N PRO A 473 29.26 6.48 11.43
CA PRO A 473 28.98 6.97 12.78
C PRO A 473 28.19 5.95 13.59
N CYS A 474 28.49 5.82 14.88
CA CYS A 474 27.78 4.90 15.77
C CYS A 474 27.77 3.46 15.26
N GLY A 475 28.77 3.11 14.45
CA GLY A 475 28.88 1.76 13.95
C GLY A 475 27.74 1.36 13.03
N THR A 476 27.08 2.36 12.43
CA THR A 476 26.03 2.09 11.47
C THR A 476 26.65 1.54 10.19
N VAL A 477 25.91 0.69 9.47
CA VAL A 477 26.41 0.06 8.26
C VAL A 477 25.45 0.20 7.08
N LEU A 478 26.02 0.50 5.91
CA LEU A 478 25.22 0.67 4.69
C LEU A 478 25.17 -0.60 3.83
N THR A 479 23.97 -0.92 3.35
CA THR A 479 23.75 -2.03 2.41
C THR A 479 22.89 -1.59 1.24
N ARG A 480 23.44 -1.65 0.03
CA ARG A 480 22.70 -1.25 -1.16
C ARG A 480 22.23 -2.44 -1.99
N ASN A 481 21.07 -2.26 -2.61
CA ASN A 481 20.65 -3.07 -3.74
C ASN A 481 20.20 -2.08 -4.80
N GLU A 482 19.82 -2.58 -5.96
CA GLU A 482 19.54 -1.72 -7.11
C GLU A 482 18.64 -0.51 -6.77
N THR A 483 17.54 -0.77 -6.07
CA THR A 483 16.58 0.29 -5.71
C THR A 483 16.88 1.11 -4.44
N HIS A 484 17.41 0.47 -3.40
CA HIS A 484 17.38 1.05 -2.05
C HIS A 484 18.69 0.99 -1.28
N ALA A 485 18.87 1.98 -0.40
CA ALA A 485 19.99 2.03 0.53
C ALA A 485 19.51 1.77 1.95
N THR A 486 20.01 0.69 2.56
CA THR A 486 19.58 0.28 3.89
C THR A 486 20.67 0.52 4.93
N TYR A 487 20.36 1.36 5.92
CA TYR A 487 21.30 1.69 6.99
C TYR A 487 20.92 0.90 8.25
N SER A 488 21.83 0.06 8.72
CA SER A 488 21.52 -0.84 9.82
C SER A 488 22.50 -0.71 10.98
N ASN A 489 22.02 -1.06 12.17
CA ASN A 489 22.82 -1.05 13.38
C ASN A 489 22.20 -1.99 14.41
N THR A 490 22.96 -2.32 15.46
CA THR A 490 22.46 -3.17 16.54
C THR A 490 22.40 -2.43 17.88
N LEU A 491 21.29 -2.62 18.59
CA LEU A 491 21.05 -1.99 19.88
C LEU A 491 21.31 -2.95 21.01
N TYR A 492 22.38 -2.69 21.75
CA TYR A 492 22.74 -3.47 22.92
C TYR A 492 22.16 -2.84 24.18
N LEU A 493 21.76 -3.69 25.12
CA LEU A 493 21.31 -3.24 26.43
C LEU A 493 22.39 -3.49 27.47
N ALA A 494 22.55 -2.53 28.38
CA ALA A 494 23.68 -2.54 29.31
C ALA A 494 23.35 -3.27 30.61
N ASP A 495 23.97 -4.42 30.81
CA ASP A 495 23.76 -5.21 32.02
C ASP A 495 24.72 -4.79 33.12
N GLU A 496 25.52 -3.76 32.85
CA GLU A 496 26.59 -3.35 33.76
C GLU A 496 26.07 -2.58 34.96
N ILE A 497 25.51 -1.39 34.73
CA ILE A 497 25.05 -0.51 35.80
C ILE A 497 24.09 -1.22 36.76
N ILE A 498 23.30 -2.14 36.23
CA ILE A 498 22.34 -2.89 37.05
C ILE A 498 22.98 -4.15 37.67
N ILE A 499 24.15 -4.53 37.15
CA ILE A 499 24.89 -5.71 37.60
C ILE A 499 23.96 -6.93 37.72
N ARG A 500 23.19 -7.17 36.65
CA ARG A 500 22.42 -8.40 36.51
C ARG A 500 22.30 -8.71 35.04
N ASP A 501 22.36 -10.00 34.69
CA ASP A 501 22.53 -10.41 33.30
C ASP A 501 21.31 -11.09 32.70
N LEU A 502 20.64 -10.39 31.79
CA LEU A 502 19.69 -11.01 30.88
C LEU A 502 20.00 -10.43 29.50
N ASN A 503 20.44 -11.30 28.60
CA ASN A 503 21.04 -10.86 27.34
C ASN A 503 20.03 -10.66 26.22
N ILE A 504 19.97 -9.43 25.71
CA ILE A 504 19.17 -9.11 24.53
C ILE A 504 19.88 -8.06 23.69
N LYS A 505 19.70 -8.19 22.38
CA LYS A 505 20.21 -7.21 21.42
C LYS A 505 19.19 -7.07 20.29
N ILE A 506 19.02 -5.86 19.77
CA ILE A 506 18.03 -5.64 18.71
C ILE A 506 18.69 -5.07 17.46
N ASN A 507 18.71 -5.85 16.38
CA ASN A 507 19.23 -5.37 15.11
C ASN A 507 18.13 -4.60 14.40
N PHE A 508 18.40 -3.32 14.11
CA PHE A 508 17.43 -2.46 13.42
C PHE A 508 18.02 -1.84 12.18
N ALA A 509 17.16 -1.53 11.21
CA ALA A 509 17.59 -0.97 9.94
C ALA A 509 16.54 -0.05 9.32
N CYS A 510 17.01 1.01 8.68
CA CYS A 510 16.16 1.93 7.92
C CYS A 510 16.52 1.88 6.44
N SER A 511 15.55 1.52 5.61
CA SER A 511 15.76 1.42 4.17
C SER A 511 15.15 2.63 3.45
N TYR A 512 15.99 3.31 2.67
CA TYR A 512 15.59 4.48 1.91
C TYR A 512 15.74 4.27 0.40
N PRO A 513 14.84 4.85 -0.40
CA PRO A 513 15.06 4.76 -1.86
C PRO A 513 16.32 5.49 -2.32
N LEU A 514 16.97 4.97 -3.36
CA LEU A 514 18.16 5.59 -3.94
C LEU A 514 17.80 6.59 -5.03
N ASP A 515 18.38 7.79 -4.97
CA ASP A 515 18.12 8.82 -5.96
C ASP A 515 19.34 9.06 -6.83
N MET A 516 19.25 8.64 -8.10
CA MET A 516 20.41 8.64 -8.98
C MET A 516 20.87 10.06 -9.32
N LYS A 517 19.96 11.02 -9.18
CA LYS A 517 20.29 12.42 -9.42
C LYS A 517 21.36 12.89 -8.44
N VAL A 518 21.27 12.37 -7.22
CA VAL A 518 22.25 12.67 -6.20
C VAL A 518 23.59 12.07 -6.60
N SER A 519 23.54 10.84 -7.11
CA SER A 519 24.73 10.14 -7.57
C SER A 519 25.39 10.94 -8.69
N LEU A 520 24.57 11.46 -9.59
CA LEU A 520 25.06 12.32 -10.67
C LEU A 520 25.66 13.62 -10.16
N LYS A 521 24.96 14.28 -9.24
CA LYS A 521 25.44 15.55 -8.71
C LYS A 521 26.75 15.36 -7.97
N THR A 522 26.89 14.21 -7.30
CA THR A 522 28.14 13.89 -6.60
C THR A 522 29.30 13.76 -7.57
N ALA A 523 29.04 13.17 -8.74
CA ALA A 523 30.07 12.96 -9.75
C ALA A 523 30.56 14.30 -10.29
N LEU A 524 31.87 14.43 -10.46
CA LEU A 524 32.48 15.66 -10.94
C LEU A 524 32.11 15.94 -12.39
N GLN A 525 32.26 14.93 -13.24
CA GLN A 525 32.00 15.06 -14.67
C GLN A 525 31.31 13.81 -15.21
N PRO A 526 30.08 13.54 -14.75
CA PRO A 526 29.39 12.32 -15.15
C PRO A 526 28.99 12.30 -16.61
N MET A 527 28.83 11.11 -17.18
CA MET A 527 28.35 10.97 -18.54
C MET A 527 26.83 10.82 -18.52
N VAL A 528 26.15 11.84 -19.03
CA VAL A 528 24.70 11.91 -18.93
C VAL A 528 24.10 12.69 -20.11
N SER A 529 22.95 12.22 -20.59
CA SER A 529 22.21 12.86 -21.66
C SER A 529 20.90 13.43 -21.12
N ALA A 530 20.53 14.65 -21.54
CA ALA A 530 19.35 15.32 -21.00
C ALA A 530 18.39 15.77 -22.08
N LEU A 531 17.10 15.69 -21.78
CA LEU A 531 16.05 16.08 -22.71
C LEU A 531 14.95 16.88 -22.01
N ASN A 532 14.76 18.12 -22.43
CA ASN A 532 13.67 18.94 -21.90
C ASN A 532 12.37 18.66 -22.66
N ILE A 533 11.28 18.47 -21.92
CA ILE A 533 9.98 18.20 -22.53
C ILE A 533 8.93 19.18 -22.03
N ARG A 534 8.43 20.00 -22.94
CA ARG A 534 7.42 20.98 -22.65
C ARG A 534 6.06 20.30 -22.50
N VAL A 535 5.36 20.60 -21.41
CA VAL A 535 4.02 20.06 -21.18
C VAL A 535 3.01 21.20 -21.13
N GLY A 536 2.10 21.22 -22.09
CA GLY A 536 1.09 22.25 -22.15
C GLY A 536 1.70 23.64 -22.18
N GLY A 537 0.90 24.64 -21.82
CA GLY A 537 1.40 26.00 -21.82
C GLY A 537 2.47 26.19 -20.78
N THR A 538 2.12 25.88 -19.53
CA THR A 538 2.97 26.16 -18.38
C THR A 538 3.88 25.04 -17.88
N GLY A 539 3.72 23.82 -18.39
CA GLY A 539 4.53 22.72 -17.90
C GLY A 539 5.88 22.56 -18.59
N MET A 540 6.90 22.19 -17.82
CA MET A 540 8.21 21.85 -18.35
C MET A 540 8.83 20.71 -17.55
N PHE A 541 9.31 19.69 -18.24
CA PHE A 541 9.91 18.52 -17.59
C PHE A 541 11.30 18.28 -18.14
N THR A 542 12.10 17.50 -17.41
CA THR A 542 13.42 17.11 -17.90
C THR A 542 13.72 15.64 -17.63
N VAL A 543 14.10 14.94 -18.69
CA VAL A 543 14.49 13.55 -18.59
C VAL A 543 15.99 13.42 -18.79
N ARG A 544 16.67 12.76 -17.85
CA ARG A 544 18.09 12.51 -18.00
C ARG A 544 18.34 11.01 -18.04
N MET A 545 19.30 10.60 -18.88
CA MET A 545 19.77 9.23 -18.93
C MET A 545 21.26 9.16 -18.60
N ALA A 546 21.62 8.21 -17.75
CA ALA A 546 23.01 8.06 -17.33
C ALA A 546 23.38 6.60 -17.13
N LEU A 547 24.68 6.35 -17.19
CA LEU A 547 25.24 5.01 -17.06
C LEU A 547 26.03 4.85 -15.77
N PHE A 548 25.89 3.70 -15.12
CA PHE A 548 26.48 3.47 -13.80
C PHE A 548 27.35 2.23 -13.76
N GLN A 549 28.43 2.31 -12.97
CA GLN A 549 29.43 1.25 -12.92
C GLN A 549 29.01 0.10 -12.01
N THR A 550 28.07 0.37 -11.11
CA THR A 550 27.69 -0.59 -10.07
C THR A 550 26.26 -1.08 -10.27
N PRO A 551 25.95 -2.28 -9.76
CA PRO A 551 24.58 -2.82 -9.82
C PRO A 551 23.61 -2.04 -8.92
N SER A 552 24.16 -1.25 -8.00
CA SER A 552 23.37 -0.36 -7.15
C SER A 552 22.89 0.87 -7.90
N TYR A 553 23.33 1.01 -9.15
CA TYR A 553 23.04 2.19 -9.96
C TYR A 553 23.57 3.43 -9.26
N THR A 554 24.85 3.36 -8.89
CA THR A 554 25.58 4.47 -8.31
C THR A 554 26.97 4.53 -8.91
N GLN A 555 27.72 5.59 -8.61
CA GLN A 555 29.07 5.76 -9.13
C GLN A 555 29.07 5.72 -10.65
N PRO A 556 28.48 6.75 -11.29
CA PRO A 556 28.35 6.79 -12.75
C PRO A 556 29.68 6.95 -13.46
N TYR A 557 29.76 6.44 -14.69
CA TYR A 557 30.95 6.62 -15.51
C TYR A 557 31.15 8.11 -15.77
N GLN A 558 32.40 8.53 -15.86
CA GLN A 558 32.73 9.91 -16.18
C GLN A 558 33.43 9.97 -17.53
N GLY A 559 33.32 11.11 -18.20
CA GLY A 559 33.99 11.32 -19.47
C GLY A 559 33.07 11.18 -20.66
N SER A 560 33.67 11.16 -21.86
CA SER A 560 32.92 11.14 -23.11
C SER A 560 32.69 9.75 -23.67
N SER A 561 33.20 8.74 -22.98
CA SER A 561 33.08 7.36 -23.43
C SER A 561 33.02 6.37 -22.28
N VAL A 562 32.42 5.21 -22.54
CA VAL A 562 32.30 4.15 -21.57
C VAL A 562 32.97 2.90 -22.13
N THR A 563 33.66 2.18 -21.27
CA THR A 563 34.38 0.98 -21.67
C THR A 563 33.95 -0.25 -20.86
N LEU A 564 33.67 -1.35 -21.55
CA LEU A 564 33.17 -2.57 -20.89
C LEU A 564 34.00 -3.81 -21.19
N SER A 565 34.06 -4.70 -20.21
CA SER A 565 34.57 -6.05 -20.41
C SER A 565 33.53 -6.85 -21.18
N THR A 566 33.96 -7.94 -21.79
CA THR A 566 33.07 -8.79 -22.56
C THR A 566 31.89 -9.29 -21.72
N GLU A 567 32.15 -9.55 -20.44
CA GLU A 567 31.14 -10.09 -19.54
C GLU A 567 30.45 -8.99 -18.73
N ALA A 568 30.92 -7.76 -18.90
CA ALA A 568 30.46 -6.65 -18.06
C ALA A 568 29.00 -6.30 -18.31
N PHE A 569 28.35 -5.81 -17.25
CA PHE A 569 26.99 -5.29 -17.34
C PHE A 569 27.00 -3.77 -17.31
N LEU A 570 26.29 -3.18 -18.28
CA LEU A 570 26.04 -1.76 -18.27
C LEU A 570 24.73 -1.50 -17.55
N TYR A 571 24.80 -0.69 -16.50
CA TYR A 571 23.62 -0.33 -15.72
C TYR A 571 23.14 1.05 -16.13
N VAL A 572 22.01 1.06 -16.82
CA VAL A 572 21.41 2.28 -17.32
C VAL A 572 20.33 2.76 -16.36
N GLY A 573 20.25 4.07 -16.19
CA GLY A 573 19.15 4.64 -15.45
C GLY A 573 18.70 5.98 -16.01
N THR A 574 17.44 6.28 -15.73
CA THR A 574 16.76 7.42 -16.30
C THR A 574 16.00 8.14 -15.19
N MET A 575 16.03 9.47 -15.22
CA MET A 575 15.42 10.27 -14.17
C MET A 575 14.57 11.38 -14.76
N LEU A 576 13.49 11.68 -14.05
CA LEU A 576 12.54 12.72 -14.44
C LEU A 576 12.58 13.92 -13.49
N ASP A 577 12.52 15.12 -14.04
CA ASP A 577 12.48 16.35 -13.25
C ASP A 577 11.40 17.31 -13.74
N GLY A 578 11.02 18.23 -12.86
CA GLY A 578 10.05 19.27 -13.17
C GLY A 578 8.61 18.86 -12.94
N GLY A 579 7.77 19.83 -12.58
CA GLY A 579 6.37 19.56 -12.34
C GLY A 579 6.19 18.55 -11.22
N ASP A 580 5.07 17.83 -11.26
CA ASP A 580 4.76 16.82 -10.25
C ASP A 580 5.31 15.46 -10.67
N LEU A 581 6.22 14.94 -9.86
CA LEU A 581 6.78 13.61 -10.11
C LEU A 581 5.73 12.56 -9.75
N SER A 582 4.68 13.00 -9.06
CA SER A 582 3.57 12.13 -8.69
C SER A 582 2.61 11.93 -9.85
N ARG A 583 2.31 13.01 -10.56
CA ARG A 583 1.37 12.96 -11.68
C ARG A 583 1.85 12.01 -12.75
N PHE A 584 3.06 12.25 -13.24
CA PHE A 584 3.62 11.46 -14.33
C PHE A 584 4.60 10.40 -13.85
N ALA A 585 4.58 9.26 -14.52
CA ALA A 585 5.57 8.20 -14.30
C ALA A 585 6.50 8.09 -15.48
N LEU A 586 7.79 7.97 -15.20
CA LEU A 586 8.79 7.82 -16.24
C LEU A 586 8.76 6.41 -16.83
N LEU A 587 8.54 6.37 -18.13
CA LEU A 587 8.42 5.12 -18.86
C LEU A 587 9.44 5.09 -20.00
N MET A 588 10.17 3.99 -20.11
CA MET A 588 11.11 3.79 -21.21
C MET A 588 10.43 2.91 -22.24
N THR A 589 10.02 3.51 -23.35
CA THR A 589 9.22 2.82 -24.34
C THR A 589 10.03 1.93 -25.27
N ASN A 590 11.10 2.49 -25.81
CA ASN A 590 12.00 1.73 -26.69
C ASN A 590 13.46 2.07 -26.37
N CYS A 591 14.23 1.08 -25.97
CA CYS A 591 15.66 1.27 -25.76
C CYS A 591 16.44 0.31 -26.62
N TYR A 592 17.45 0.84 -27.32
CA TYR A 592 18.19 0.05 -28.29
C TYR A 592 19.61 0.55 -28.52
N ALA A 593 20.44 -0.30 -29.12
CA ALA A 593 21.81 0.03 -29.45
C ALA A 593 22.02 0.06 -30.96
N THR A 594 22.94 0.92 -31.41
CA THR A 594 23.29 1.01 -32.83
C THR A 594 24.80 0.96 -33.06
N PRO A 595 25.23 0.38 -34.19
CA PRO A 595 26.67 0.39 -34.46
C PRO A 595 27.20 1.80 -34.71
N SER A 596 26.37 2.69 -35.26
CA SER A 596 26.77 4.08 -35.49
C SER A 596 26.27 4.97 -34.36
N SER A 597 26.62 6.25 -34.43
CA SER A 597 26.16 7.22 -33.46
C SER A 597 24.73 7.69 -33.74
N GLN A 598 24.28 7.50 -34.97
CA GLN A 598 22.93 7.92 -35.35
C GLN A 598 21.84 7.08 -34.70
N ALA A 599 20.89 7.74 -34.06
CA ALA A 599 19.75 7.05 -33.45
C ALA A 599 18.81 6.51 -34.52
N THR A 600 18.96 7.04 -35.74
CA THR A 600 18.12 6.66 -36.87
C THR A 600 18.73 5.50 -37.66
N ASP A 601 19.81 4.94 -37.13
CA ASP A 601 20.53 3.84 -37.78
C ASP A 601 19.57 2.73 -38.22
N PRO A 602 19.70 2.25 -39.48
CA PRO A 602 18.84 1.14 -39.89
C PRO A 602 19.04 -0.10 -39.04
N LEU A 603 20.22 -0.23 -38.44
CA LEU A 603 20.53 -1.33 -37.55
C LEU A 603 20.24 -0.94 -36.12
N LYS A 604 19.21 -1.55 -35.54
CA LYS A 604 18.87 -1.30 -34.14
C LYS A 604 18.78 -2.63 -33.41
N TYR A 605 19.47 -2.72 -32.28
CA TYR A 605 19.38 -3.87 -31.41
C TYR A 605 18.58 -3.49 -30.18
N PHE A 606 17.37 -4.02 -30.07
CA PHE A 606 16.44 -3.57 -29.06
C PHE A 606 16.68 -4.25 -27.73
N ILE A 607 17.01 -3.44 -26.73
CA ILE A 607 17.05 -3.90 -25.34
C ILE A 607 15.63 -3.91 -24.78
N ILE A 608 14.91 -2.80 -24.98
CA ILE A 608 13.50 -2.70 -24.63
C ILE A 608 12.71 -2.30 -25.86
N GLN A 609 11.68 -3.07 -26.20
CA GLN A 609 10.84 -2.75 -27.34
C GLN A 609 9.37 -2.84 -26.94
N ASP A 610 8.64 -1.75 -27.19
CA ASP A 610 7.24 -1.64 -26.77
C ASP A 610 7.12 -1.81 -25.26
N ARG A 611 7.95 -1.07 -24.51
CA ARG A 611 7.88 -1.00 -23.05
C ARG A 611 8.33 -2.29 -22.36
N CYS A 612 8.61 -3.32 -23.15
CA CYS A 612 8.98 -4.63 -22.60
C CYS A 612 10.34 -5.10 -23.13
N PRO A 613 11.03 -5.95 -22.37
CA PRO A 613 12.34 -6.43 -22.83
C PRO A 613 12.23 -7.18 -24.15
N HIS A 614 13.29 -7.17 -24.95
CA HIS A 614 13.27 -7.83 -26.23
C HIS A 614 13.22 -9.34 -26.06
N THR A 615 13.83 -9.83 -24.98
CA THR A 615 13.81 -11.25 -24.67
C THR A 615 13.96 -11.52 -23.17
N ARG A 616 13.88 -12.80 -22.79
CA ARG A 616 13.92 -13.19 -21.39
C ARG A 616 15.32 -13.60 -20.92
N ASP A 617 16.32 -13.48 -21.79
CA ASP A 617 17.69 -13.83 -21.41
C ASP A 617 18.20 -12.92 -20.30
N SER A 618 19.19 -13.40 -19.55
CA SER A 618 19.84 -12.62 -18.50
C SER A 618 20.67 -11.48 -19.09
N THR A 619 20.84 -11.49 -20.40
CA THR A 619 21.53 -10.39 -21.10
C THR A 619 20.78 -9.07 -20.92
N ILE A 620 19.48 -9.14 -20.66
CA ILE A 620 18.68 -7.97 -20.34
C ILE A 620 17.93 -8.16 -19.03
N GLN A 621 18.10 -7.20 -18.14
CA GLN A 621 17.37 -7.17 -16.87
C GLN A 621 16.80 -5.78 -16.64
N VAL A 622 15.48 -5.69 -16.57
CA VAL A 622 14.80 -4.41 -16.32
C VAL A 622 14.28 -4.30 -14.90
N VAL A 623 14.93 -3.46 -14.09
CA VAL A 623 14.54 -3.29 -12.69
C VAL A 623 13.31 -2.40 -12.52
N GLU A 624 13.35 -1.21 -13.13
CA GLU A 624 12.27 -0.24 -12.92
C GLU A 624 11.84 0.42 -14.23
N ASN A 625 10.59 0.18 -14.63
CA ASN A 625 10.04 0.85 -15.79
C ASN A 625 8.57 1.20 -15.61
N GLY A 626 8.23 2.48 -15.79
CA GLY A 626 6.85 2.92 -15.73
C GLY A 626 6.23 2.93 -14.33
N GLU A 627 7.02 2.53 -13.33
CA GLU A 627 6.57 2.47 -11.95
C GLU A 627 6.68 3.80 -11.17
N SER A 628 7.64 4.64 -11.56
CA SER A 628 7.98 5.83 -10.75
C SER A 628 8.61 6.97 -11.56
N SER A 629 9.18 7.93 -10.85
CA SER A 629 9.87 9.07 -11.46
C SER A 629 11.21 8.69 -12.09
N GLN A 630 11.69 7.49 -11.78
CA GLN A 630 12.95 6.99 -12.31
C GLN A 630 12.73 5.68 -13.02
N GLY A 631 13.72 5.27 -13.79
CA GLY A 631 13.71 3.95 -14.39
C GLY A 631 15.11 3.40 -14.49
N ARG A 632 15.19 2.07 -14.43
CA ARG A 632 16.46 1.37 -14.34
C ARG A 632 16.45 0.06 -15.09
N PHE A 633 17.52 -0.19 -15.83
CA PHE A 633 17.70 -1.49 -16.46
C PHE A 633 19.18 -1.74 -16.71
N SER A 634 19.56 -3.00 -16.72
CA SER A 634 20.92 -3.39 -16.99
C SER A 634 20.96 -4.21 -18.27
N VAL A 635 22.06 -4.11 -18.99
CA VAL A 635 22.27 -4.95 -20.16
C VAL A 635 23.71 -5.40 -20.21
N GLN A 636 23.93 -6.64 -20.60
CA GLN A 636 25.28 -7.11 -20.86
C GLN A 636 25.49 -6.81 -22.34
N MET A 637 26.26 -5.76 -22.61
CA MET A 637 26.15 -5.08 -23.90
C MET A 637 26.80 -5.87 -25.03
N PHE A 638 28.02 -6.32 -24.80
CA PHE A 638 28.79 -6.90 -25.87
C PHE A 638 28.50 -8.39 -25.93
N ARG A 639 27.81 -8.89 -24.92
CA ARG A 639 27.25 -10.23 -24.98
C ARG A 639 25.94 -10.17 -25.75
N PHE A 640 25.26 -9.03 -25.65
CA PHE A 640 23.99 -8.82 -26.36
C PHE A 640 24.19 -8.47 -27.83
N ALA A 641 25.06 -7.50 -28.11
CA ALA A 641 25.48 -7.22 -29.48
C ALA A 641 27.00 -7.36 -29.58
N GLY A 642 27.45 -8.42 -30.24
CA GLY A 642 28.85 -8.80 -30.16
C GLY A 642 29.68 -8.46 -31.37
N ASN A 643 29.04 -8.12 -32.47
CA ASN A 643 29.75 -7.94 -33.73
C ASN A 643 30.76 -6.80 -33.71
N TYR A 644 30.53 -5.82 -32.84
CA TYR A 644 31.11 -4.50 -33.00
C TYR A 644 32.06 -4.18 -31.85
N ASP A 645 33.08 -3.39 -32.14
CA ASP A 645 34.05 -3.03 -31.10
C ASP A 645 33.50 -1.87 -30.29
N LEU A 646 32.43 -1.26 -30.78
CA LEU A 646 31.69 -0.27 -30.01
C LEU A 646 30.26 -0.12 -30.50
N VAL A 647 29.40 0.43 -29.64
CA VAL A 647 27.99 0.68 -29.97
C VAL A 647 27.54 1.97 -29.31
N TYR A 648 26.40 2.49 -29.76
CA TYR A 648 25.78 3.66 -29.14
C TYR A 648 24.41 3.28 -28.60
N LEU A 649 24.04 3.87 -27.45
CA LEU A 649 22.78 3.59 -26.78
C LEU A 649 21.73 4.68 -26.98
N HIS A 650 20.49 4.25 -27.21
CA HIS A 650 19.37 5.15 -27.43
C HIS A 650 18.17 4.72 -26.60
N CYS A 651 17.53 5.68 -25.92
CA CYS A 651 16.31 5.42 -25.16
C CYS A 651 15.21 6.43 -25.47
N GLU A 652 14.11 5.92 -26.01
CA GLU A 652 12.88 6.69 -26.16
C GLU A 652 12.10 6.66 -24.85
N VAL A 653 11.67 7.82 -24.38
CA VAL A 653 11.00 7.94 -23.10
C VAL A 653 9.66 8.66 -23.24
N TYR A 654 8.69 8.27 -22.40
CA TYR A 654 7.36 8.84 -22.46
C TYR A 654 6.86 9.15 -21.06
N LEU A 655 6.24 10.32 -20.90
CA LEU A 655 5.64 10.69 -19.64
C LEU A 655 4.24 10.08 -19.55
N CYS A 656 4.04 9.22 -18.57
CA CYS A 656 2.78 8.49 -18.45
C CYS A 656 1.94 9.07 -17.31
N ASP A 657 0.78 9.62 -17.66
CA ASP A 657 -0.14 10.15 -16.67
C ASP A 657 -0.75 8.96 -15.94
N THR A 658 -0.61 8.95 -14.62
CA THR A 658 -1.00 7.78 -13.84
C THR A 658 -2.46 7.83 -13.45
N MET A 659 -3.08 9.00 -13.63
CA MET A 659 -4.50 9.15 -13.35
C MET A 659 -5.34 8.44 -14.41
N ASN A 660 -5.12 8.79 -15.68
CA ASN A 660 -5.98 8.28 -16.75
C ASN A 660 -5.46 7.04 -17.48
N GLU A 661 -4.24 6.61 -17.20
CA GLU A 661 -3.71 5.39 -17.80
C GLU A 661 -2.69 4.71 -16.89
N LYS A 662 -2.66 3.38 -16.95
CA LYS A 662 -1.77 2.59 -16.10
C LYS A 662 -0.45 2.35 -16.82
N CYS A 663 0.62 2.89 -16.24
CA CYS A 663 1.91 2.99 -16.90
C CYS A 663 2.76 1.73 -16.85
N LYS A 664 2.77 1.05 -15.70
CA LYS A 664 3.59 -0.15 -15.55
C LYS A 664 3.18 -1.21 -16.56
N PRO A 665 4.11 -1.60 -17.45
CA PRO A 665 3.76 -2.51 -18.54
C PRO A 665 3.59 -3.96 -18.11
N THR A 666 2.77 -4.71 -18.83
CA THR A 666 2.63 -6.13 -18.60
C THR A 666 3.30 -6.85 -19.77
N CYS A 667 4.29 -7.67 -19.45
CA CYS A 667 5.10 -8.33 -20.46
C CYS A 667 4.91 -9.84 -20.46
N SER A 668 4.23 -10.33 -21.50
CA SER A 668 3.91 -11.74 -21.62
C SER A 668 5.07 -12.56 -22.17
N GLY A 669 6.01 -11.90 -22.85
CA GLY A 669 7.08 -12.60 -23.52
C GLY A 669 6.73 -12.96 -24.96
N THR A 670 5.81 -12.19 -25.55
CA THR A 670 5.43 -12.37 -26.95
C THR A 670 5.52 -11.03 -27.71
N ALA A 671 6.30 -11.01 -28.78
CA ALA A 671 6.66 -9.75 -29.45
C ALA A 671 5.89 -9.51 -30.75
N PHE A 672 5.31 -8.31 -30.86
CA PHE A 672 4.60 -7.89 -32.06
C PHE A 672 5.57 -7.38 -33.13
N ALA A 673 6.56 -6.62 -32.67
CA ALA A 673 7.50 -5.92 -33.55
C ALA A 673 6.79 -4.89 -34.44
N SER A 674 5.64 -4.41 -33.98
CA SER A 674 4.88 -3.39 -34.71
C SER A 674 5.14 -1.98 -34.19
N GLY A 675 5.95 -1.86 -33.15
CA GLY A 675 6.21 -0.59 -32.50
C GLY A 675 7.49 0.07 -32.99
N SER A 676 7.91 -0.27 -34.20
CA SER A 676 9.16 0.22 -34.75
C SER A 676 9.18 1.73 -34.95
N VAL A 677 8.03 2.39 -34.80
CA VAL A 677 7.92 3.83 -34.96
C VAL A 677 8.43 4.54 -33.70
N ILE A 678 9.46 5.36 -33.88
CA ILE A 678 10.12 6.05 -32.77
C ILE A 678 10.13 7.57 -32.96
N ASP A 679 9.80 8.28 -31.90
CA ASP A 679 9.82 9.73 -31.91
C ASP A 679 11.19 10.20 -31.45
N GLN A 680 11.97 10.75 -32.36
CA GLN A 680 13.36 11.10 -32.08
C GLN A 680 13.47 12.31 -31.16
N SER A 681 12.39 13.08 -31.05
CA SER A 681 12.35 14.20 -30.11
C SER A 681 12.33 13.68 -28.68
N ARG A 682 11.88 12.44 -28.53
CA ARG A 682 11.78 11.78 -27.24
C ARG A 682 12.97 10.88 -26.92
N VAL A 683 13.95 10.81 -27.83
CA VAL A 683 15.10 9.92 -27.66
C VAL A 683 16.29 10.58 -26.97
N LEU A 684 16.79 9.92 -25.93
CA LEU A 684 18.06 10.25 -25.29
C LEU A 684 19.16 9.35 -25.85
N ASN A 685 20.32 9.93 -26.11
CA ASN A 685 21.43 9.22 -26.72
C ASN A 685 22.70 9.27 -25.88
N LEU A 686 23.38 8.12 -25.77
CA LEU A 686 24.66 8.08 -25.08
C LEU A 686 25.67 7.16 -25.78
N GLY A 687 26.92 7.61 -25.84
CA GLY A 687 27.99 6.79 -26.38
C GLY A 687 29.26 7.57 -26.66
N PRO A 688 30.28 6.90 -27.19
CA PRO A 688 30.32 5.47 -27.55
C PRO A 688 30.52 4.52 -26.37
N ILE A 689 30.09 3.27 -26.55
CA ILE A 689 30.33 2.21 -25.56
C ILE A 689 31.28 1.19 -26.18
N THR A 690 32.50 1.14 -25.66
CA THR A 690 33.61 0.44 -26.30
C THR A 690 34.14 -0.73 -25.46
N ARG A 691 34.81 -1.66 -26.15
CA ARG A 691 35.45 -2.79 -25.48
C ARG A 691 36.80 -2.33 -24.93
N LYS A 692 37.24 -2.92 -23.81
CA LYS A 692 38.52 -2.56 -23.20
C LYS A 692 39.71 -2.85 -24.11
N GLY A 693 39.87 -4.11 -24.47
CA GLY A 693 40.99 -4.54 -25.30
C GLY A 693 42.32 -4.51 -24.58
N VAL A 694 42.30 -4.05 -23.33
CA VAL A 694 43.50 -3.91 -22.52
C VAL A 694 43.15 -4.09 -21.05
N GLN A 695 44.04 -4.72 -20.28
CA GLN A 695 43.80 -4.88 -18.85
C GLN A 695 44.00 -3.56 -18.13
N GLY B 3 11.34 -35.01 -55.94
CA GLY B 3 11.82 -35.48 -57.24
C GLY B 3 13.28 -35.92 -57.19
N HIS B 4 14.16 -34.94 -57.02
CA HIS B 4 15.60 -35.19 -56.92
C HIS B 4 16.05 -35.36 -55.47
N HIS B 5 15.09 -35.33 -54.56
CA HIS B 5 15.32 -35.61 -53.14
C HIS B 5 15.60 -37.10 -52.94
N HIS B 6 15.13 -37.92 -53.89
CA HIS B 6 15.19 -39.38 -53.80
C HIS B 6 16.60 -39.92 -53.61
N HIS B 7 17.61 -39.14 -54.00
CA HIS B 7 19.00 -39.58 -53.91
C HIS B 7 19.42 -39.78 -52.46
N HIS B 8 19.07 -38.82 -51.62
CA HIS B 8 19.52 -38.82 -50.23
C HIS B 8 18.77 -39.85 -49.38
N HIS B 9 17.72 -40.44 -49.92
CA HIS B 9 17.03 -41.55 -49.26
C HIS B 9 16.87 -42.74 -50.19
N LYS B 10 17.60 -43.81 -49.90
CA LYS B 10 17.51 -45.06 -50.66
C LYS B 10 17.76 -46.24 -49.73
N THR B 11 17.00 -47.31 -49.92
CA THR B 11 17.07 -48.47 -49.03
C THR B 11 16.85 -48.03 -47.59
N GLU B 12 15.74 -47.34 -47.36
CA GLU B 12 15.44 -46.77 -46.06
C GLU B 12 15.21 -47.84 -44.99
N GLU B 13 15.51 -47.51 -43.74
CA GLU B 13 15.33 -48.44 -42.62
C GLU B 13 14.91 -47.71 -41.34
N GLY B 14 14.38 -48.46 -40.38
CA GLY B 14 13.97 -47.91 -39.11
C GLY B 14 12.56 -47.34 -39.15
N LYS B 15 12.09 -46.84 -38.00
CA LYS B 15 10.77 -46.23 -37.92
C LYS B 15 10.80 -44.98 -37.04
N LEU B 16 9.65 -44.31 -36.94
CA LEU B 16 9.53 -43.07 -36.18
C LEU B 16 8.25 -43.07 -35.36
N VAL B 17 8.39 -42.99 -34.05
CA VAL B 17 7.23 -43.07 -33.15
C VAL B 17 7.00 -41.74 -32.43
N ILE B 18 5.78 -41.23 -32.52
CA ILE B 18 5.43 -39.92 -31.98
C ILE B 18 4.30 -40.01 -30.95
N TRP B 19 4.50 -39.35 -29.82
CA TRP B 19 3.47 -39.17 -28.82
C TRP B 19 3.00 -37.70 -28.79
N ILE B 20 1.70 -37.51 -28.86
CA ILE B 20 1.10 -36.18 -28.77
C ILE B 20 -0.26 -36.30 -28.12
N ASN B 21 -0.70 -35.25 -27.43
CA ASN B 21 -2.00 -35.27 -26.74
C ASN B 21 -3.16 -35.31 -27.73
N GLY B 22 -4.15 -36.15 -27.43
CA GLY B 22 -5.25 -36.43 -28.34
C GLY B 22 -6.17 -35.26 -28.63
N ASP B 23 -6.10 -34.21 -27.83
CA ASP B 23 -6.97 -33.06 -28.00
C ASP B 23 -6.55 -32.23 -29.21
N LYS B 24 -5.28 -32.32 -29.59
CA LYS B 24 -4.79 -31.67 -30.81
C LYS B 24 -5.10 -32.57 -32.00
N GLY B 25 -4.85 -32.08 -33.22
CA GLY B 25 -5.07 -32.91 -34.39
C GLY B 25 -4.06 -34.04 -34.46
N TYR B 26 -4.55 -35.27 -34.38
CA TYR B 26 -3.71 -36.44 -34.61
C TYR B 26 -3.66 -36.77 -36.09
N ASN B 27 -4.74 -36.47 -36.80
CA ASN B 27 -4.88 -36.83 -38.20
C ASN B 27 -3.93 -36.05 -39.11
N GLY B 28 -3.86 -34.74 -38.91
CA GLY B 28 -2.99 -33.90 -39.71
C GLY B 28 -1.53 -34.27 -39.56
N LEU B 29 -1.10 -34.44 -38.32
CA LEU B 29 0.26 -34.86 -38.02
C LEU B 29 0.56 -36.18 -38.72
N ALA B 30 -0.42 -37.09 -38.67
CA ALA B 30 -0.29 -38.38 -39.33
C ALA B 30 -0.20 -38.22 -40.85
N GLU B 31 -1.00 -37.31 -41.40
CA GLU B 31 -0.97 -37.04 -42.84
C GLU B 31 0.41 -36.55 -43.27
N VAL B 32 0.94 -35.57 -42.55
CA VAL B 32 2.30 -35.10 -42.78
C VAL B 32 3.28 -36.27 -42.64
N GLY B 33 3.05 -37.10 -41.63
CA GLY B 33 3.84 -38.30 -41.44
C GLY B 33 3.80 -39.24 -42.64
N LYS B 34 2.62 -39.38 -43.23
CA LYS B 34 2.45 -40.25 -44.38
C LYS B 34 3.10 -39.66 -45.64
N LYS B 35 3.05 -38.33 -45.78
CA LYS B 35 3.79 -37.68 -46.87
C LYS B 35 5.29 -37.90 -46.68
N PHE B 36 5.74 -37.73 -45.43
CA PHE B 36 7.13 -38.02 -45.06
C PHE B 36 7.47 -39.46 -45.42
N GLU B 37 6.54 -40.37 -45.13
CA GLU B 37 6.71 -41.77 -45.48
C GLU B 37 6.76 -41.94 -47.00
N LYS B 38 5.94 -41.19 -47.72
CA LYS B 38 5.93 -41.25 -49.18
C LYS B 38 7.31 -40.86 -49.73
N ASP B 39 7.79 -39.69 -49.34
CA ASP B 39 9.08 -39.20 -49.83
C ASP B 39 10.26 -40.05 -49.33
N THR B 40 10.37 -40.21 -48.01
CA THR B 40 11.53 -40.88 -47.42
C THR B 40 11.44 -42.39 -47.46
N GLY B 41 10.24 -42.93 -47.50
CA GLY B 41 10.05 -44.36 -47.46
C GLY B 41 10.24 -44.93 -46.06
N ILE B 42 10.00 -44.09 -45.05
CA ILE B 42 10.10 -44.51 -43.65
C ILE B 42 8.77 -44.31 -42.92
N LYS B 43 8.39 -45.31 -42.13
CA LYS B 43 7.10 -45.30 -41.46
C LYS B 43 7.10 -44.36 -40.27
N VAL B 44 5.95 -43.76 -40.00
CA VAL B 44 5.78 -42.86 -38.87
C VAL B 44 4.49 -43.16 -38.11
N THR B 45 4.62 -43.50 -36.83
CA THR B 45 3.45 -43.80 -36.00
C THR B 45 3.13 -42.63 -35.08
N VAL B 46 1.85 -42.31 -34.95
CA VAL B 46 1.38 -41.23 -34.08
C VAL B 46 0.34 -41.78 -33.10
N GLU B 47 0.65 -41.68 -31.81
CA GLU B 47 -0.21 -42.21 -30.76
C GLU B 47 -0.46 -41.17 -29.67
N HIS B 48 -1.64 -41.22 -29.05
CA HIS B 48 -1.97 -40.32 -27.94
C HIS B 48 -2.29 -41.14 -26.69
N PRO B 49 -1.27 -41.37 -25.84
CA PRO B 49 -1.48 -42.08 -24.56
C PRO B 49 -2.08 -41.22 -23.45
N ASP B 50 -2.70 -41.87 -22.48
CA ASP B 50 -3.21 -41.19 -21.29
C ASP B 50 -2.04 -40.76 -20.42
N LYS B 51 -2.05 -39.49 -20.00
CA LYS B 51 -0.97 -38.93 -19.20
C LYS B 51 0.37 -39.15 -19.88
N LEU B 52 0.44 -38.80 -21.17
CA LEU B 52 1.62 -39.06 -21.97
C LEU B 52 2.84 -38.34 -21.41
N GLU B 53 2.63 -37.14 -20.88
CA GLU B 53 3.71 -36.34 -20.33
C GLU B 53 4.31 -36.97 -19.09
N GLU B 54 3.46 -37.65 -18.32
CA GLU B 54 3.93 -38.38 -17.14
C GLU B 54 4.52 -39.72 -17.54
N LYS B 55 3.98 -40.30 -18.61
CA LYS B 55 4.40 -41.61 -19.08
C LYS B 55 5.74 -41.56 -19.81
N PHE B 56 6.00 -40.45 -20.50
CA PHE B 56 7.21 -40.30 -21.28
C PHE B 56 8.51 -40.59 -20.51
N PRO B 57 8.72 -39.90 -19.37
CA PRO B 57 9.98 -40.12 -18.63
C PRO B 57 10.16 -41.57 -18.18
N GLN B 58 9.06 -42.20 -17.77
CA GLN B 58 9.08 -43.58 -17.30
C GLN B 58 9.72 -44.50 -18.32
N VAL B 59 9.16 -44.50 -19.53
CA VAL B 59 9.67 -45.35 -20.59
C VAL B 59 11.03 -44.86 -21.06
N ALA B 60 11.19 -43.54 -21.16
CA ALA B 60 12.42 -42.93 -21.66
C ALA B 60 13.63 -43.30 -20.82
N ALA B 61 13.42 -43.43 -19.51
CA ALA B 61 14.49 -43.82 -18.60
C ALA B 61 15.16 -45.16 -18.97
N THR B 62 14.40 -46.08 -19.56
CA THR B 62 14.91 -47.42 -19.87
C THR B 62 15.55 -47.53 -21.25
N GLY B 63 15.57 -46.43 -22.00
CA GLY B 63 16.09 -46.44 -23.36
C GLY B 63 15.05 -46.94 -24.33
N ASP B 64 13.79 -46.72 -23.96
CA ASP B 64 12.64 -47.09 -24.79
C ASP B 64 11.68 -45.90 -24.83
N GLY B 65 10.88 -45.81 -25.88
CA GLY B 65 9.88 -44.76 -25.96
C GLY B 65 9.66 -44.27 -27.38
N PRO B 66 8.93 -43.17 -27.53
CA PRO B 66 8.75 -42.54 -28.84
C PRO B 66 9.98 -41.78 -29.28
N ASP B 67 10.15 -41.57 -30.59
CA ASP B 67 11.27 -40.79 -31.10
C ASP B 67 11.05 -39.30 -30.89
N ILE B 68 9.79 -38.87 -30.95
CA ILE B 68 9.42 -37.46 -30.76
C ILE B 68 8.26 -37.37 -29.77
N ILE B 69 8.28 -36.33 -28.94
CA ILE B 69 7.19 -36.08 -28.00
C ILE B 69 6.66 -34.65 -28.11
N PHE B 70 5.35 -34.53 -28.20
CA PHE B 70 4.68 -33.23 -28.32
C PHE B 70 4.04 -32.82 -26.99
N TRP B 71 4.34 -31.60 -26.54
CA TRP B 71 3.71 -31.07 -25.33
C TRP B 71 3.97 -29.57 -25.17
N ALA B 72 3.40 -28.98 -24.13
CA ALA B 72 3.75 -27.62 -23.76
C ALA B 72 5.16 -27.60 -23.17
N HIS B 73 5.87 -26.49 -23.37
CA HIS B 73 7.30 -26.43 -23.07
C HIS B 73 7.61 -26.60 -21.58
N ASP B 74 6.68 -26.21 -20.72
CA ASP B 74 6.91 -26.20 -19.28
C ASP B 74 7.43 -27.53 -18.74
N ARG B 75 6.97 -28.62 -19.35
CA ARG B 75 7.40 -29.95 -18.94
C ARG B 75 8.84 -30.24 -19.37
N PHE B 76 9.22 -29.71 -20.53
CA PHE B 76 10.42 -30.18 -21.22
C PHE B 76 11.70 -30.01 -20.41
N GLY B 77 11.87 -28.86 -19.77
CA GLY B 77 13.04 -28.64 -18.95
C GLY B 77 13.16 -29.68 -17.86
N GLY B 78 12.03 -30.30 -17.49
CA GLY B 78 12.05 -31.36 -16.52
C GLY B 78 12.68 -32.59 -17.14
N TYR B 79 12.46 -32.75 -18.44
CA TYR B 79 13.02 -33.87 -19.19
C TYR B 79 14.51 -33.61 -19.46
N ALA B 80 14.78 -32.39 -19.93
CA ALA B 80 16.15 -31.98 -20.25
C ALA B 80 17.07 -32.17 -19.06
N GLN B 81 16.59 -31.78 -17.88
CA GLN B 81 17.34 -31.95 -16.64
C GLN B 81 17.67 -33.43 -16.43
N SER B 82 16.82 -34.29 -16.98
CA SER B 82 16.99 -35.74 -16.85
C SER B 82 17.73 -36.29 -18.08
N GLY B 83 18.08 -35.41 -19.01
CA GLY B 83 18.85 -35.79 -20.18
C GLY B 83 18.10 -36.72 -21.11
N LEU B 84 16.78 -36.60 -21.14
CA LEU B 84 15.95 -37.44 -22.00
C LEU B 84 15.79 -36.84 -23.39
N LEU B 85 16.18 -35.57 -23.54
CA LEU B 85 15.99 -34.84 -24.78
C LEU B 85 17.31 -34.50 -25.44
N ALA B 86 17.43 -34.87 -26.72
CA ALA B 86 18.59 -34.56 -27.52
C ALA B 86 18.59 -33.09 -27.89
N GLU B 87 19.77 -32.47 -27.88
CA GLU B 87 19.89 -31.06 -28.23
C GLU B 87 19.60 -30.86 -29.71
N ILE B 88 18.73 -29.91 -30.01
CA ILE B 88 18.42 -29.55 -31.40
C ILE B 88 19.35 -28.43 -31.84
N THR B 89 19.80 -28.49 -33.08
CA THR B 89 20.76 -27.52 -33.60
C THR B 89 20.44 -27.10 -35.02
N PRO B 90 19.31 -26.38 -35.20
CA PRO B 90 18.91 -25.90 -36.52
C PRO B 90 19.75 -24.69 -36.95
N ALA B 91 19.90 -24.51 -38.25
CA ALA B 91 20.65 -23.39 -38.80
C ALA B 91 19.97 -22.07 -38.46
N ALA B 92 20.77 -21.01 -38.39
CA ALA B 92 20.25 -19.68 -38.11
C ALA B 92 19.17 -19.34 -39.12
N ALA B 93 19.42 -19.70 -40.37
CA ALA B 93 18.47 -19.47 -41.45
C ALA B 93 17.10 -20.05 -41.11
N PHE B 94 17.09 -21.19 -40.43
CA PHE B 94 15.85 -21.81 -39.99
C PHE B 94 15.27 -21.12 -38.76
N GLN B 95 16.12 -20.84 -37.77
CA GLN B 95 15.69 -20.21 -36.54
C GLN B 95 15.01 -18.87 -36.83
N ASP B 96 15.52 -18.17 -37.84
CA ASP B 96 14.92 -16.89 -38.22
C ASP B 96 13.48 -17.04 -38.70
N LYS B 97 13.08 -18.28 -39.02
CA LYS B 97 11.75 -18.53 -39.56
C LYS B 97 10.68 -18.57 -38.47
N LEU B 98 11.11 -18.80 -37.23
CA LEU B 98 10.20 -18.81 -36.09
C LEU B 98 10.51 -17.67 -35.15
N TYR B 99 9.52 -17.24 -34.37
CA TYR B 99 9.68 -16.12 -33.46
C TYR B 99 10.70 -16.47 -32.37
N PRO B 100 11.59 -15.54 -32.00
CA PRO B 100 12.64 -15.84 -31.03
C PRO B 100 12.14 -16.25 -29.63
N PHE B 101 11.01 -15.72 -29.18
CA PHE B 101 10.52 -16.03 -27.84
C PHE B 101 10.07 -17.49 -27.75
N THR B 102 9.55 -18.00 -28.86
CA THR B 102 9.17 -19.40 -28.94
C THR B 102 10.44 -20.24 -28.79
N TRP B 103 11.54 -19.74 -29.32
CA TRP B 103 12.85 -20.40 -29.17
C TRP B 103 13.38 -20.20 -27.76
N ASP B 104 13.07 -19.06 -27.15
CA ASP B 104 13.47 -18.81 -25.76
C ASP B 104 12.78 -19.79 -24.82
N ALA B 105 11.50 -20.04 -25.07
CA ALA B 105 10.75 -20.99 -24.26
C ALA B 105 11.40 -22.38 -24.24
N VAL B 106 11.87 -22.83 -25.41
CA VAL B 106 12.44 -24.18 -25.52
C VAL B 106 13.90 -24.23 -25.06
N ARG B 107 14.51 -23.07 -24.86
CA ARG B 107 15.90 -23.01 -24.39
C ARG B 107 16.00 -23.30 -22.90
N TYR B 108 16.93 -24.17 -22.53
CA TYR B 108 17.19 -24.51 -21.13
C TYR B 108 18.67 -24.65 -20.84
N ASN B 109 19.13 -23.88 -19.85
CA ASN B 109 20.54 -23.87 -19.44
C ASN B 109 21.46 -23.65 -20.64
N GLY B 110 20.99 -22.84 -21.58
CA GLY B 110 21.76 -22.46 -22.75
C GLY B 110 21.56 -23.31 -24.00
N LYS B 111 20.91 -24.46 -23.85
CA LYS B 111 20.71 -25.39 -24.98
C LYS B 111 19.24 -25.47 -25.39
N LEU B 112 18.99 -25.54 -26.70
CA LEU B 112 17.66 -25.75 -27.22
C LEU B 112 17.30 -27.23 -27.15
N ILE B 113 16.29 -27.57 -26.37
CA ILE B 113 15.93 -28.97 -26.16
C ILE B 113 14.73 -29.46 -26.99
N ALA B 114 14.16 -28.60 -27.83
CA ALA B 114 12.96 -28.97 -28.59
C ALA B 114 12.54 -27.93 -29.61
N TYR B 115 11.70 -28.34 -30.55
CA TYR B 115 11.20 -27.48 -31.62
C TYR B 115 9.88 -26.81 -31.25
N PRO B 116 9.82 -25.47 -31.28
CA PRO B 116 8.51 -24.84 -31.07
C PRO B 116 7.56 -25.08 -32.24
N ILE B 117 6.32 -25.44 -31.93
CA ILE B 117 5.31 -25.71 -32.94
C ILE B 117 4.27 -24.60 -32.94
N ALA B 118 3.58 -24.44 -31.80
CA ALA B 118 2.49 -23.47 -31.72
C ALA B 118 2.43 -22.79 -30.36
N VAL B 119 1.73 -21.65 -30.32
CA VAL B 119 1.56 -20.87 -29.11
C VAL B 119 0.10 -20.94 -28.66
N GLU B 120 -0.10 -21.44 -27.45
CA GLU B 120 -1.44 -21.69 -26.92
C GLU B 120 -1.72 -20.84 -25.70
N ALA B 121 -2.86 -20.15 -25.73
CA ALA B 121 -3.33 -19.36 -24.60
C ALA B 121 -4.85 -19.50 -24.48
N LEU B 122 -5.34 -19.62 -23.25
CA LEU B 122 -6.77 -19.75 -23.02
C LEU B 122 -7.53 -18.49 -23.43
N SER B 123 -8.67 -18.69 -24.08
CA SER B 123 -9.50 -17.59 -24.56
C SER B 123 -10.95 -17.79 -24.14
N LEU B 124 -11.73 -16.71 -24.19
CA LEU B 124 -13.13 -16.76 -23.79
C LEU B 124 -14.01 -17.04 -25.02
N ILE B 125 -14.70 -18.17 -25.01
CA ILE B 125 -15.58 -18.55 -26.11
C ILE B 125 -17.03 -18.27 -25.71
N TYR B 126 -17.75 -17.56 -26.57
CA TYR B 126 -19.14 -17.20 -26.29
C TYR B 126 -19.98 -17.34 -27.54
N ASN B 127 -21.29 -17.47 -27.38
CA ASN B 127 -22.18 -17.50 -28.53
C ASN B 127 -22.41 -16.08 -29.02
N LYS B 128 -22.01 -15.80 -30.25
CA LYS B 128 -22.11 -14.46 -30.80
C LYS B 128 -23.58 -14.12 -31.11
N ASP B 129 -24.33 -15.14 -31.50
CA ASP B 129 -25.75 -14.99 -31.80
C ASP B 129 -26.54 -14.76 -30.52
N LEU B 130 -26.11 -15.40 -29.43
CA LEU B 130 -26.84 -15.36 -28.18
C LEU B 130 -26.74 -14.00 -27.49
N LEU B 131 -25.51 -13.51 -27.30
CA LEU B 131 -25.29 -12.16 -26.78
C LEU B 131 -24.36 -11.38 -27.72
N PRO B 132 -24.70 -10.11 -28.03
CA PRO B 132 -23.77 -9.32 -28.85
C PRO B 132 -22.42 -9.08 -28.18
N ASN B 133 -22.42 -8.69 -26.91
CA ASN B 133 -21.18 -8.49 -26.18
C ASN B 133 -21.12 -9.36 -24.93
N PRO B 134 -19.99 -10.06 -24.71
CA PRO B 134 -19.86 -10.89 -23.51
C PRO B 134 -19.58 -10.06 -22.25
N PRO B 135 -19.81 -10.64 -21.07
CA PRO B 135 -19.50 -9.92 -19.82
C PRO B 135 -18.01 -9.62 -19.70
N LYS B 136 -17.68 -8.37 -19.39
CA LYS B 136 -16.29 -7.93 -19.37
C LYS B 136 -15.58 -8.18 -18.04
N THR B 137 -16.32 -8.59 -17.03
CA THR B 137 -15.74 -8.86 -15.71
C THR B 137 -16.27 -10.15 -15.10
N TRP B 138 -15.53 -10.67 -14.12
CA TRP B 138 -15.90 -11.89 -13.42
C TRP B 138 -17.07 -11.65 -12.46
N GLU B 139 -17.14 -10.43 -11.94
CA GLU B 139 -18.08 -10.10 -10.87
C GLU B 139 -19.54 -10.08 -11.36
N GLU B 140 -19.74 -9.90 -12.66
CA GLU B 140 -21.08 -9.79 -13.22
C GLU B 140 -21.61 -11.12 -13.74
N ILE B 141 -20.83 -12.18 -13.59
CA ILE B 141 -21.23 -13.50 -14.06
C ILE B 141 -22.40 -14.07 -13.26
N PRO B 142 -22.36 -13.98 -11.91
CA PRO B 142 -23.48 -14.48 -11.12
C PRO B 142 -24.83 -13.91 -11.53
N ALA B 143 -24.87 -12.63 -11.91
CA ALA B 143 -26.09 -12.00 -12.40
C ALA B 143 -26.60 -12.68 -13.67
N LEU B 144 -25.71 -12.84 -14.63
CA LEU B 144 -26.02 -13.50 -15.90
C LEU B 144 -26.52 -14.92 -15.64
N ASP B 145 -25.84 -15.61 -14.73
CA ASP B 145 -26.21 -16.98 -14.39
C ASP B 145 -27.60 -17.02 -13.76
N LYS B 146 -27.82 -16.16 -12.77
CA LYS B 146 -29.13 -16.05 -12.13
C LYS B 146 -30.21 -15.73 -13.16
N GLU B 147 -29.87 -14.90 -14.13
CA GLU B 147 -30.78 -14.62 -15.25
C GLU B 147 -31.02 -15.88 -16.07
N LEU B 148 -29.95 -16.63 -16.32
CA LEU B 148 -30.04 -17.86 -17.12
C LEU B 148 -30.57 -19.05 -16.32
N LYS B 149 -30.57 -18.96 -15.00
CA LYS B 149 -31.07 -20.03 -14.14
C LYS B 149 -32.58 -20.25 -14.33
N ALA B 150 -33.27 -19.23 -14.81
CA ALA B 150 -34.70 -19.32 -15.06
C ALA B 150 -35.00 -20.12 -16.33
N LYS B 151 -34.03 -20.16 -17.24
CA LYS B 151 -34.19 -20.86 -18.51
C LYS B 151 -33.75 -22.33 -18.42
N GLY B 152 -33.35 -22.77 -17.23
CA GLY B 152 -32.95 -24.14 -17.01
C GLY B 152 -31.56 -24.41 -17.57
N LYS B 153 -30.71 -23.38 -17.52
CA LYS B 153 -29.35 -23.50 -18.04
C LYS B 153 -28.39 -22.67 -17.19
N SER B 154 -27.10 -22.71 -17.55
CA SER B 154 -26.07 -22.00 -16.81
C SER B 154 -25.35 -21.00 -17.70
N ALA B 155 -24.69 -20.03 -17.08
CA ALA B 155 -23.95 -19.00 -17.80
C ALA B 155 -22.62 -19.54 -18.31
N LEU B 156 -21.75 -19.91 -17.38
CA LEU B 156 -20.38 -20.31 -17.70
C LEU B 156 -20.07 -21.71 -17.18
N MET B 157 -19.48 -22.53 -18.04
CA MET B 157 -18.95 -23.83 -17.61
C MET B 157 -17.64 -24.15 -18.31
N PHE B 158 -16.65 -24.55 -17.52
CA PHE B 158 -15.34 -24.91 -18.01
C PHE B 158 -14.68 -25.86 -17.01
N ASN B 159 -13.61 -26.53 -17.42
CA ASN B 159 -12.97 -27.52 -16.55
C ASN B 159 -12.32 -26.87 -15.33
N LEU B 160 -12.76 -27.30 -14.15
CA LEU B 160 -12.19 -26.84 -12.88
C LEU B 160 -11.16 -27.82 -12.32
N GLN B 161 -10.99 -28.95 -12.99
CA GLN B 161 -10.14 -30.02 -12.49
C GLN B 161 -8.66 -29.72 -12.75
N GLU B 162 -8.37 -29.20 -13.94
CA GLU B 162 -7.00 -28.84 -14.28
C GLU B 162 -6.74 -27.40 -13.85
N PRO B 163 -5.66 -27.17 -13.08
CA PRO B 163 -5.37 -25.79 -12.65
C PRO B 163 -5.09 -24.87 -13.83
N TYR B 164 -4.67 -25.43 -14.95
CA TYR B 164 -4.38 -24.66 -16.16
C TYR B 164 -5.56 -23.78 -16.57
N PHE B 165 -6.77 -24.30 -16.43
CA PHE B 165 -7.97 -23.57 -16.83
C PHE B 165 -8.41 -22.56 -15.79
N THR B 166 -8.18 -22.88 -14.52
CA THR B 166 -8.58 -21.99 -13.43
C THR B 166 -7.50 -20.97 -13.08
N TRP B 167 -6.28 -21.19 -13.57
CA TRP B 167 -5.15 -20.31 -13.25
C TRP B 167 -5.36 -18.82 -13.55
N PRO B 168 -5.93 -18.47 -14.72
CA PRO B 168 -6.03 -17.05 -15.10
C PRO B 168 -6.71 -16.16 -14.06
N LEU B 169 -7.81 -16.62 -13.48
CA LEU B 169 -8.52 -15.86 -12.46
C LEU B 169 -7.65 -15.72 -11.22
N ILE B 170 -6.96 -16.80 -10.87
CA ILE B 170 -6.07 -16.81 -9.72
C ILE B 170 -4.95 -15.80 -9.93
N ALA B 171 -4.42 -15.82 -11.14
CA ALA B 171 -3.28 -14.97 -11.50
C ALA B 171 -3.73 -13.60 -11.99
N ALA B 172 -5.04 -13.43 -12.21
CA ALA B 172 -5.55 -12.15 -12.68
C ALA B 172 -5.08 -11.01 -11.77
N ASP B 173 -5.21 -11.22 -10.46
CA ASP B 173 -4.73 -10.24 -9.49
C ASP B 173 -3.41 -10.70 -8.87
N GLY B 174 -2.30 -10.11 -9.31
CA GLY B 174 -1.01 -10.28 -8.66
C GLY B 174 -0.55 -11.70 -8.39
N GLY B 175 -1.22 -12.69 -8.95
CA GLY B 175 -0.82 -14.07 -8.78
C GLY B 175 0.33 -14.49 -9.69
N TYR B 176 1.22 -15.32 -9.18
CA TYR B 176 2.30 -15.84 -10.02
C TYR B 176 2.82 -17.19 -9.49
N ALA B 177 3.38 -17.98 -10.40
CA ALA B 177 3.96 -19.28 -10.05
C ALA B 177 5.36 -19.07 -9.51
N PHE B 178 6.25 -18.61 -10.39
CA PHE B 178 7.65 -18.38 -10.04
C PHE B 178 8.10 -16.99 -10.49
N LYS B 179 8.60 -16.20 -9.54
CA LYS B 179 9.04 -14.83 -9.80
C LYS B 179 10.20 -14.79 -10.79
N TYR B 180 10.07 -13.90 -11.79
CA TYR B 180 11.11 -13.71 -12.79
C TYR B 180 12.04 -12.57 -12.37
N ALA B 181 13.28 -12.93 -12.06
CA ALA B 181 14.25 -11.97 -11.51
C ALA B 181 15.65 -12.22 -12.04
N ALA B 182 16.36 -11.15 -12.38
CA ALA B 182 17.73 -11.24 -12.90
C ALA B 182 17.82 -12.20 -14.09
N GLY B 183 16.79 -12.17 -14.94
CA GLY B 183 16.75 -12.97 -16.14
C GLY B 183 16.52 -14.45 -15.96
N LYS B 184 16.10 -14.86 -14.77
CA LYS B 184 15.84 -16.27 -14.50
C LYS B 184 14.72 -16.43 -13.46
N TYR B 185 14.04 -17.56 -13.51
CA TYR B 185 12.90 -17.82 -12.63
C TYR B 185 13.36 -18.29 -11.25
N ASP B 186 12.83 -17.67 -10.20
CA ASP B 186 13.19 -17.98 -8.84
C ASP B 186 12.28 -19.05 -8.24
N ILE B 187 12.86 -20.21 -7.92
CA ILE B 187 12.08 -21.35 -7.45
C ILE B 187 11.69 -21.24 -5.98
N LYS B 188 12.49 -20.51 -5.20
CA LYS B 188 12.20 -20.33 -3.77
C LYS B 188 11.33 -19.08 -3.54
N ASP B 189 11.05 -18.36 -4.62
CA ASP B 189 10.13 -17.22 -4.58
C ASP B 189 8.82 -17.65 -5.24
N VAL B 190 7.78 -17.80 -4.42
CA VAL B 190 6.50 -18.34 -4.90
C VAL B 190 5.35 -17.39 -4.58
N GLY B 191 4.51 -17.15 -5.58
CA GLY B 191 3.41 -16.21 -5.48
C GLY B 191 2.05 -16.83 -5.28
N VAL B 192 2.03 -18.05 -4.74
CA VAL B 192 0.78 -18.81 -4.59
C VAL B 192 -0.11 -18.30 -3.45
N ASP B 193 0.50 -17.90 -2.33
CA ASP B 193 -0.25 -17.62 -1.11
C ASP B 193 -0.69 -16.14 -0.97
N ASN B 194 -0.44 -15.32 -1.97
CA ASN B 194 -0.78 -13.89 -1.88
C ASN B 194 -2.29 -13.64 -1.92
N ALA B 195 -2.67 -12.37 -1.83
CA ALA B 195 -4.07 -11.99 -1.69
C ALA B 195 -4.89 -12.20 -2.96
N GLY B 196 -4.32 -11.86 -4.11
CA GLY B 196 -5.04 -11.95 -5.36
C GLY B 196 -5.43 -13.36 -5.73
N ALA B 197 -4.50 -14.30 -5.53
CA ALA B 197 -4.80 -15.71 -5.76
C ALA B 197 -5.95 -16.14 -4.87
N LYS B 198 -5.87 -15.75 -3.61
CA LYS B 198 -6.93 -16.03 -2.65
C LYS B 198 -8.24 -15.41 -3.12
N ALA B 199 -8.16 -14.21 -3.67
CA ALA B 199 -9.34 -13.51 -4.18
C ALA B 199 -9.99 -14.31 -5.30
N GLY B 200 -9.18 -14.66 -6.31
CA GLY B 200 -9.66 -15.45 -7.43
C GLY B 200 -10.26 -16.78 -7.03
N LEU B 201 -9.49 -17.57 -6.28
CA LEU B 201 -9.94 -18.90 -5.87
C LEU B 201 -11.17 -18.80 -4.97
N THR B 202 -11.15 -17.83 -4.06
CA THR B 202 -12.30 -17.58 -3.19
C THR B 202 -13.53 -17.26 -4.04
N PHE B 203 -13.34 -16.42 -5.07
CA PHE B 203 -14.42 -16.09 -5.98
C PHE B 203 -14.94 -17.35 -6.67
N LEU B 204 -14.03 -18.20 -7.15
CA LEU B 204 -14.41 -19.47 -7.77
C LEU B 204 -15.24 -20.35 -6.82
N VAL B 205 -14.75 -20.53 -5.59
CA VAL B 205 -15.48 -21.30 -4.59
C VAL B 205 -16.86 -20.69 -4.39
N ASP B 206 -16.91 -19.37 -4.28
CA ASP B 206 -18.18 -18.65 -4.14
C ASP B 206 -19.06 -18.83 -5.37
N LEU B 207 -18.44 -18.98 -6.54
CA LEU B 207 -19.20 -19.26 -7.76
C LEU B 207 -19.84 -20.65 -7.71
N ILE B 208 -19.04 -21.67 -7.41
CA ILE B 208 -19.58 -23.03 -7.37
C ILE B 208 -20.55 -23.23 -6.21
N LYS B 209 -20.34 -22.50 -5.12
CA LYS B 209 -21.23 -22.56 -3.96
C LYS B 209 -22.64 -22.01 -4.25
N ASN B 210 -22.73 -21.11 -5.23
CA ASN B 210 -24.00 -20.48 -5.58
C ASN B 210 -24.78 -21.27 -6.64
N LYS B 211 -24.25 -22.44 -7.00
CA LYS B 211 -24.89 -23.32 -7.99
C LYS B 211 -24.94 -22.65 -9.36
N HIS B 212 -24.01 -21.73 -9.60
CA HIS B 212 -23.88 -21.13 -10.92
C HIS B 212 -23.14 -22.09 -11.85
N MET B 213 -22.23 -22.85 -11.26
CA MET B 213 -21.54 -23.92 -11.97
C MET B 213 -21.26 -25.05 -10.99
N ASN B 214 -21.21 -26.27 -11.50
CA ASN B 214 -20.94 -27.43 -10.67
C ASN B 214 -19.43 -27.62 -10.52
N ALA B 215 -19.00 -27.95 -9.31
CA ALA B 215 -17.58 -28.17 -9.03
C ALA B 215 -17.07 -29.42 -9.73
N ASP B 216 -18.00 -30.29 -10.14
CA ASP B 216 -17.66 -31.53 -10.80
C ASP B 216 -17.41 -31.35 -12.30
N THR B 217 -17.63 -30.14 -12.80
CA THR B 217 -17.54 -29.86 -14.23
C THR B 217 -16.11 -30.10 -14.75
N ASP B 218 -16.02 -30.73 -15.91
CA ASP B 218 -14.74 -30.99 -16.58
C ASP B 218 -14.80 -30.61 -18.06
N TYR B 219 -13.72 -30.92 -18.77
CA TYR B 219 -13.59 -30.58 -20.20
C TYR B 219 -14.76 -31.13 -21.03
N SER B 220 -15.00 -32.43 -20.91
CA SER B 220 -16.05 -33.11 -21.66
C SER B 220 -17.40 -32.45 -21.41
N ILE B 221 -17.73 -32.24 -20.14
CA ILE B 221 -19.00 -31.65 -19.75
C ILE B 221 -19.18 -30.25 -20.33
N ALA B 222 -18.16 -29.41 -20.19
CA ALA B 222 -18.24 -28.04 -20.66
C ALA B 222 -18.35 -27.98 -22.19
N GLU B 223 -17.52 -28.77 -22.88
CA GLU B 223 -17.57 -28.83 -24.33
C GLU B 223 -18.91 -29.34 -24.83
N HIS B 224 -19.29 -30.52 -24.34
CA HIS B 224 -20.56 -31.15 -24.71
C HIS B 224 -21.73 -30.22 -24.41
N ALA B 225 -21.69 -29.57 -23.25
CA ALA B 225 -22.75 -28.66 -22.83
C ALA B 225 -22.83 -27.44 -23.73
N PHE B 226 -21.69 -26.78 -23.94
CA PHE B 226 -21.66 -25.56 -24.75
C PHE B 226 -22.01 -25.83 -26.21
N ASN B 227 -21.49 -26.94 -26.75
CA ASN B 227 -21.73 -27.27 -28.15
C ASN B 227 -23.19 -27.66 -28.40
N HIS B 228 -23.88 -28.08 -27.33
CA HIS B 228 -25.30 -28.40 -27.39
C HIS B 228 -26.18 -27.23 -26.96
N GLY B 229 -25.55 -26.10 -26.63
CA GLY B 229 -26.28 -24.89 -26.29
C GLY B 229 -26.89 -24.88 -24.91
N GLU B 230 -26.38 -25.70 -24.01
CA GLU B 230 -26.87 -25.73 -22.62
C GLU B 230 -26.06 -24.76 -21.75
N THR B 231 -24.99 -24.20 -22.31
CA THR B 231 -24.21 -23.15 -21.67
C THR B 231 -23.97 -22.01 -22.64
N ALA B 232 -24.10 -20.77 -22.17
CA ALA B 232 -24.00 -19.60 -23.03
C ALA B 232 -22.56 -19.34 -23.49
N MET B 233 -21.60 -19.68 -22.63
CA MET B 233 -20.19 -19.42 -22.92
C MET B 233 -19.29 -20.36 -22.14
N THR B 234 -18.04 -20.49 -22.61
CA THR B 234 -17.04 -21.26 -21.89
C THR B 234 -15.66 -20.62 -22.11
N ILE B 235 -14.65 -21.18 -21.44
CA ILE B 235 -13.28 -20.71 -21.54
C ILE B 235 -12.38 -21.86 -21.97
N ASN B 236 -11.63 -21.67 -23.05
CA ASN B 236 -10.81 -22.75 -23.60
C ASN B 236 -9.80 -22.30 -24.65
N GLY B 237 -9.01 -23.26 -25.12
CA GLY B 237 -7.98 -23.00 -26.11
C GLY B 237 -8.44 -23.41 -27.50
N PRO B 238 -7.59 -23.16 -28.51
CA PRO B 238 -7.88 -23.45 -29.91
C PRO B 238 -8.30 -24.88 -30.19
N TRP B 239 -7.63 -25.84 -29.55
CA TRP B 239 -7.83 -27.26 -29.81
C TRP B 239 -9.29 -27.70 -29.63
N ALA B 240 -10.05 -26.93 -28.87
CA ALA B 240 -11.47 -27.21 -28.64
C ALA B 240 -12.33 -26.76 -29.83
N TRP B 241 -11.91 -25.66 -30.47
CA TRP B 241 -12.71 -25.00 -31.50
C TRP B 241 -13.22 -25.98 -32.55
N SER B 242 -12.36 -26.93 -32.93
CA SER B 242 -12.69 -27.93 -33.95
C SER B 242 -14.03 -28.58 -33.70
N ASN B 243 -14.38 -28.77 -32.43
CA ASN B 243 -15.65 -29.40 -32.08
C ASN B 243 -16.82 -28.42 -32.15
N ILE B 244 -16.52 -27.13 -32.02
CA ILE B 244 -17.55 -26.09 -32.07
C ILE B 244 -17.90 -25.72 -33.51
N ASP B 245 -16.92 -25.79 -34.39
CA ASP B 245 -17.12 -25.46 -35.81
C ASP B 245 -18.19 -26.35 -36.44
N THR B 246 -18.00 -27.67 -36.31
CA THR B 246 -18.92 -28.65 -36.86
C THR B 246 -20.33 -28.45 -36.29
N SER B 247 -20.41 -28.09 -35.01
CA SER B 247 -21.69 -27.84 -34.36
C SER B 247 -22.39 -26.65 -35.01
N ALA B 248 -23.72 -26.72 -35.06
CA ALA B 248 -24.53 -25.68 -35.67
C ALA B 248 -24.44 -24.35 -34.91
N VAL B 249 -23.87 -24.39 -33.71
CA VAL B 249 -23.72 -23.19 -32.89
C VAL B 249 -22.87 -22.14 -33.61
N ASN B 250 -23.41 -20.92 -33.70
CA ASN B 250 -22.66 -19.77 -34.16
C ASN B 250 -21.99 -19.09 -32.97
N TYR B 251 -20.67 -19.03 -32.99
CA TYR B 251 -19.87 -18.66 -31.83
C TYR B 251 -18.82 -17.59 -32.17
N GLY B 252 -18.22 -17.05 -31.13
CA GLY B 252 -17.13 -16.09 -31.27
C GLY B 252 -16.18 -16.21 -30.09
N VAL B 253 -14.95 -15.74 -30.29
CA VAL B 253 -13.89 -15.84 -29.30
C VAL B 253 -13.33 -14.47 -28.96
N THR B 254 -13.23 -14.17 -27.66
CA THR B 254 -12.69 -12.89 -27.21
C THR B 254 -11.88 -13.03 -25.92
N VAL B 255 -11.41 -11.89 -25.42
CA VAL B 255 -10.56 -11.82 -24.24
C VAL B 255 -11.30 -12.25 -22.97
N LEU B 256 -10.57 -12.88 -22.06
CA LEU B 256 -11.13 -13.29 -20.77
C LEU B 256 -11.63 -12.06 -19.99
N PRO B 257 -12.60 -12.28 -19.07
CA PRO B 257 -13.13 -11.18 -18.27
C PRO B 257 -12.15 -10.73 -17.19
N THR B 258 -12.21 -9.46 -16.79
CA THR B 258 -11.32 -8.93 -15.76
C THR B 258 -11.78 -9.31 -14.36
N PHE B 259 -10.82 -9.36 -13.43
CA PHE B 259 -11.11 -9.64 -12.04
C PHE B 259 -10.40 -8.62 -11.17
N LYS B 260 -11.19 -7.90 -10.36
CA LYS B 260 -10.69 -6.83 -9.51
C LYS B 260 -10.04 -5.74 -10.36
N GLY B 261 -10.65 -5.45 -11.50
CA GLY B 261 -10.19 -4.39 -12.39
C GLY B 261 -8.90 -4.71 -13.12
N GLN B 262 -8.43 -5.94 -12.95
CA GLN B 262 -7.20 -6.41 -13.59
C GLN B 262 -7.51 -7.56 -14.54
N PRO B 263 -6.75 -7.69 -15.64
CA PRO B 263 -7.06 -8.71 -16.65
C PRO B 263 -6.66 -10.10 -16.20
N SER B 264 -7.34 -11.12 -16.73
CA SER B 264 -6.95 -12.49 -16.49
C SER B 264 -5.60 -12.76 -17.16
N LYS B 265 -4.73 -13.47 -16.45
CA LYS B 265 -3.38 -13.73 -16.91
C LYS B 265 -3.19 -15.22 -17.11
N PRO B 266 -3.66 -15.75 -18.25
CA PRO B 266 -3.53 -17.19 -18.48
C PRO B 266 -2.07 -17.56 -18.67
N PHE B 267 -1.69 -18.73 -18.17
CA PHE B 267 -0.35 -19.23 -18.43
C PHE B 267 -0.31 -19.57 -19.91
N VAL B 268 0.62 -18.96 -20.62
CA VAL B 268 0.73 -19.15 -22.05
C VAL B 268 1.65 -20.33 -22.34
N GLY B 269 1.10 -21.33 -23.01
CA GLY B 269 1.86 -22.51 -23.36
C GLY B 269 2.45 -22.36 -24.75
N VAL B 270 3.53 -23.09 -25.00
CA VAL B 270 4.08 -23.21 -26.33
C VAL B 270 4.07 -24.68 -26.71
N LEU B 271 3.22 -25.05 -27.65
CA LEU B 271 3.20 -26.41 -28.14
C LEU B 271 4.51 -26.70 -28.85
N SER B 272 5.21 -27.74 -28.39
CA SER B 272 6.59 -28.02 -28.77
C SER B 272 6.84 -29.52 -28.94
N ALA B 273 7.74 -29.85 -29.87
CA ALA B 273 8.09 -31.23 -30.19
C ALA B 273 9.56 -31.52 -29.84
N GLY B 274 9.77 -32.34 -28.82
CA GLY B 274 11.10 -32.75 -28.42
C GLY B 274 11.50 -34.07 -29.04
N ILE B 275 12.81 -34.29 -29.17
CA ILE B 275 13.35 -35.53 -29.72
C ILE B 275 14.04 -36.34 -28.64
N ASN B 276 13.69 -37.63 -28.56
CA ASN B 276 14.28 -38.55 -27.59
C ASN B 276 15.78 -38.67 -27.77
N ALA B 277 16.51 -38.72 -26.67
CA ALA B 277 17.97 -38.80 -26.71
C ALA B 277 18.46 -40.20 -27.06
N ALA B 278 17.61 -41.20 -26.90
CA ALA B 278 18.01 -42.59 -27.16
C ALA B 278 17.82 -42.99 -28.61
N SER B 279 17.06 -42.20 -29.36
CA SER B 279 16.73 -42.55 -30.73
C SER B 279 17.97 -42.42 -31.63
N PRO B 280 18.30 -43.48 -32.40
CA PRO B 280 19.35 -43.35 -33.43
C PRO B 280 18.89 -42.52 -34.63
N ASN B 281 17.58 -42.34 -34.73
CA ASN B 281 16.93 -41.79 -35.92
C ASN B 281 16.82 -40.27 -35.90
N LYS B 282 17.49 -39.63 -34.96
CA LYS B 282 17.35 -38.19 -34.72
C LYS B 282 17.38 -37.37 -36.01
N GLU B 283 18.24 -37.75 -36.95
CA GLU B 283 18.36 -37.03 -38.22
C GLU B 283 17.03 -37.02 -38.96
N LEU B 284 16.40 -38.19 -39.02
CA LEU B 284 15.10 -38.34 -39.66
C LEU B 284 14.03 -37.53 -38.94
N ALA B 285 14.08 -37.55 -37.61
CA ALA B 285 13.17 -36.75 -36.80
C ALA B 285 13.32 -35.27 -37.12
N LYS B 286 14.56 -34.82 -37.17
CA LYS B 286 14.88 -33.43 -37.48
C LYS B 286 14.38 -33.07 -38.87
N GLU B 287 14.64 -33.92 -39.87
CA GLU B 287 14.14 -33.64 -41.21
C GLU B 287 12.62 -33.58 -41.19
N PHE B 288 12.00 -34.53 -40.49
CA PHE B 288 10.54 -34.58 -40.41
C PHE B 288 9.98 -33.28 -39.83
N LEU B 289 10.55 -32.85 -38.71
CA LEU B 289 10.08 -31.64 -38.04
C LEU B 289 10.35 -30.39 -38.88
N GLU B 290 11.57 -30.27 -39.40
CA GLU B 290 11.99 -29.08 -40.14
C GLU B 290 11.41 -28.96 -41.55
N ASN B 291 11.54 -30.02 -42.36
CA ASN B 291 11.07 -29.97 -43.75
C ASN B 291 9.56 -30.04 -43.95
N TYR B 292 8.90 -30.89 -43.18
CA TYR B 292 7.49 -31.16 -43.42
C TYR B 292 6.61 -30.51 -42.37
N LEU B 293 6.80 -30.88 -41.11
CA LEU B 293 5.92 -30.42 -40.03
C LEU B 293 5.83 -28.90 -39.95
N LEU B 294 6.96 -28.21 -40.04
CA LEU B 294 6.93 -26.74 -39.96
C LEU B 294 7.03 -26.17 -41.36
N THR B 295 5.87 -25.76 -41.86
CA THR B 295 5.68 -25.28 -43.23
C THR B 295 4.26 -24.75 -43.32
N ASP B 296 3.98 -23.96 -44.35
CA ASP B 296 2.60 -23.55 -44.62
C ASP B 296 1.77 -24.79 -44.90
N GLU B 297 2.23 -25.57 -45.87
CA GLU B 297 1.56 -26.79 -46.29
C GLU B 297 1.39 -27.79 -45.14
N GLY B 298 2.44 -27.95 -44.33
CA GLY B 298 2.40 -28.90 -43.23
C GLY B 298 1.41 -28.50 -42.16
N LEU B 299 1.54 -27.27 -41.66
CA LEU B 299 0.65 -26.76 -40.62
C LEU B 299 -0.77 -26.55 -41.13
N GLU B 300 -0.94 -26.34 -42.43
CA GLU B 300 -2.27 -26.24 -43.01
C GLU B 300 -3.12 -27.47 -42.70
N ALA B 301 -2.58 -28.66 -42.93
CA ALA B 301 -3.29 -29.91 -42.67
C ALA B 301 -3.68 -30.05 -41.20
N VAL B 302 -2.68 -29.95 -40.33
CA VAL B 302 -2.90 -30.11 -38.89
C VAL B 302 -3.88 -29.06 -38.37
N ASN B 303 -3.67 -27.81 -38.76
CA ASN B 303 -4.55 -26.72 -38.32
C ASN B 303 -5.95 -26.86 -38.89
N LYS B 304 -6.06 -27.34 -40.13
CA LYS B 304 -7.35 -27.56 -40.75
C LYS B 304 -8.10 -28.66 -40.02
N ASP B 305 -7.38 -29.72 -39.65
CA ASP B 305 -7.96 -30.79 -38.85
C ASP B 305 -8.46 -30.28 -37.50
N LYS B 306 -7.55 -29.71 -36.71
CA LYS B 306 -7.92 -29.03 -35.47
C LYS B 306 -7.02 -27.82 -35.27
N PRO B 307 -7.57 -26.70 -34.77
CA PRO B 307 -6.73 -25.49 -34.68
C PRO B 307 -5.56 -25.61 -33.73
N LEU B 308 -4.41 -25.08 -34.15
CA LEU B 308 -3.22 -25.02 -33.32
C LEU B 308 -3.17 -23.73 -32.52
N GLY B 309 -4.05 -22.80 -32.87
CA GLY B 309 -3.98 -21.45 -32.34
C GLY B 309 -2.98 -20.64 -33.10
N ALA B 310 -2.27 -19.75 -32.41
CA ALA B 310 -1.20 -18.97 -33.04
C ALA B 310 0.05 -19.82 -33.14
N VAL B 311 0.50 -20.06 -34.36
CA VAL B 311 1.68 -20.88 -34.62
C VAL B 311 2.99 -20.13 -34.39
N ALA B 312 4.07 -20.87 -34.16
CA ALA B 312 5.39 -20.29 -33.96
C ALA B 312 6.02 -19.86 -35.29
N LEU B 313 5.50 -20.42 -36.38
CA LEU B 313 6.01 -20.11 -37.71
C LEU B 313 5.50 -18.77 -38.22
N LYS B 314 6.44 -17.89 -38.59
CA LYS B 314 6.10 -16.54 -39.03
C LYS B 314 5.21 -16.55 -40.27
N SER B 315 5.65 -17.28 -41.30
CA SER B 315 4.97 -17.32 -42.58
C SER B 315 3.49 -17.71 -42.46
N TYR B 316 3.22 -18.80 -41.76
CA TYR B 316 1.85 -19.31 -41.63
C TYR B 316 1.04 -18.40 -40.71
N GLU B 317 1.68 -17.93 -39.63
CA GLU B 317 1.03 -17.04 -38.67
C GLU B 317 0.54 -15.76 -39.38
N GLU B 318 1.42 -15.17 -40.18
CA GLU B 318 1.13 -13.92 -40.89
C GLU B 318 -0.21 -13.96 -41.63
N GLU B 319 -0.52 -15.09 -42.24
CA GLU B 319 -1.83 -15.31 -42.86
C GLU B 319 -2.87 -15.71 -41.82
N LEU B 320 -2.46 -16.55 -40.87
CA LEU B 320 -3.39 -17.12 -39.89
C LEU B 320 -3.99 -16.08 -38.94
N VAL B 321 -3.28 -14.98 -38.72
CA VAL B 321 -3.76 -13.93 -37.81
C VAL B 321 -5.06 -13.28 -38.30
N LYS B 322 -5.31 -13.33 -39.62
CA LYS B 322 -6.49 -12.69 -40.18
C LYS B 322 -7.79 -13.20 -39.58
N ASP B 323 -7.77 -14.38 -38.97
CA ASP B 323 -8.93 -14.90 -38.25
C ASP B 323 -9.02 -14.27 -36.86
N PRO B 324 -10.23 -13.87 -36.43
CA PRO B 324 -10.36 -13.17 -35.15
C PRO B 324 -10.07 -14.03 -33.92
N ARG B 325 -10.29 -15.34 -34.02
CA ARG B 325 -10.17 -16.22 -32.85
C ARG B 325 -8.73 -16.28 -32.36
N VAL B 326 -7.80 -16.57 -33.26
CA VAL B 326 -6.39 -16.63 -32.90
C VAL B 326 -5.90 -15.25 -32.49
N ALA B 327 -6.51 -14.20 -33.05
CA ALA B 327 -6.18 -12.83 -32.68
C ALA B 327 -6.58 -12.59 -31.22
N ALA B 328 -7.77 -13.06 -30.86
CA ALA B 328 -8.22 -13.01 -29.48
C ALA B 328 -7.29 -13.84 -28.60
N THR B 329 -6.88 -15.01 -29.10
CA THR B 329 -5.94 -15.86 -28.40
C THR B 329 -4.61 -15.12 -28.17
N MET B 330 -4.18 -14.37 -29.16
CA MET B 330 -2.97 -13.55 -29.03
C MET B 330 -3.18 -12.48 -27.97
N GLU B 331 -4.29 -11.77 -28.06
CA GLU B 331 -4.63 -10.75 -27.07
C GLU B 331 -4.60 -11.32 -25.66
N ASN B 332 -5.18 -12.50 -25.48
CA ASN B 332 -5.15 -13.18 -24.19
C ASN B 332 -3.74 -13.54 -23.77
N ALA B 333 -2.98 -14.10 -24.71
CA ALA B 333 -1.59 -14.46 -24.44
C ALA B 333 -0.80 -13.25 -23.97
N GLN B 334 -1.00 -12.12 -24.64
CA GLN B 334 -0.29 -10.89 -24.30
C GLN B 334 -0.58 -10.40 -22.88
N LYS B 335 -1.74 -10.77 -22.35
CA LYS B 335 -2.13 -10.35 -21.01
C LYS B 335 -1.44 -11.21 -19.94
N GLY B 336 -1.29 -12.49 -20.22
CA GLY B 336 -0.70 -13.42 -19.27
C GLY B 336 0.82 -13.47 -19.39
N GLU B 337 1.40 -14.56 -18.91
CA GLU B 337 2.84 -14.77 -19.00
C GLU B 337 3.15 -16.21 -19.39
N ILE B 338 4.16 -16.41 -20.21
CA ILE B 338 4.56 -17.75 -20.64
C ILE B 338 5.02 -18.59 -19.47
N MET B 339 4.74 -19.88 -19.54
CA MET B 339 5.10 -20.79 -18.47
C MET B 339 6.62 -20.92 -18.44
N PRO B 340 7.20 -20.94 -17.22
CA PRO B 340 8.63 -21.25 -17.13
C PRO B 340 8.92 -22.65 -17.66
N ASN B 341 10.11 -22.85 -18.22
CA ASN B 341 10.49 -24.16 -18.74
C ASN B 341 11.20 -25.00 -17.70
N ILE B 342 11.43 -24.41 -16.52
CA ILE B 342 12.18 -25.09 -15.47
C ILE B 342 11.53 -26.40 -15.04
N PRO B 343 12.32 -27.33 -14.47
CA PRO B 343 11.78 -28.62 -14.02
C PRO B 343 10.70 -28.48 -12.95
N GLN B 344 10.88 -27.53 -12.05
CA GLN B 344 10.03 -27.38 -10.86
C GLN B 344 8.55 -27.28 -11.21
N MET B 345 8.27 -26.80 -12.42
CA MET B 345 6.89 -26.68 -12.89
C MET B 345 6.16 -28.01 -12.79
N SER B 346 6.89 -29.11 -12.90
CA SER B 346 6.30 -30.44 -12.75
C SER B 346 5.75 -30.59 -11.33
N ALA B 347 6.45 -30.02 -10.36
CA ALA B 347 6.06 -30.09 -8.97
C ALA B 347 4.98 -29.05 -8.67
N PHE B 348 5.10 -27.91 -9.33
CA PHE B 348 4.17 -26.79 -9.16
C PHE B 348 2.73 -27.20 -9.50
N TRP B 349 2.53 -27.66 -10.72
CA TRP B 349 1.20 -28.07 -11.20
C TRP B 349 0.54 -29.04 -10.25
N TYR B 350 1.33 -29.95 -9.69
CA TYR B 350 0.83 -30.93 -8.73
C TYR B 350 0.34 -30.25 -7.45
N ALA B 351 0.99 -29.16 -7.08
CA ALA B 351 0.69 -28.48 -5.83
C ALA B 351 -0.55 -27.59 -5.95
N VAL B 352 -0.72 -26.99 -7.13
CA VAL B 352 -1.86 -26.12 -7.40
C VAL B 352 -3.12 -26.95 -7.60
N ARG B 353 -3.02 -27.99 -8.41
CA ARG B 353 -4.15 -28.87 -8.69
C ARG B 353 -4.80 -29.30 -7.37
N THR B 354 -3.97 -29.67 -6.39
CA THR B 354 -4.44 -30.02 -5.06
C THR B 354 -5.18 -28.85 -4.41
N ALA B 355 -4.73 -27.64 -4.70
CA ALA B 355 -5.28 -26.44 -4.07
C ALA B 355 -6.59 -26.03 -4.74
N VAL B 356 -6.77 -26.43 -5.99
CA VAL B 356 -7.99 -26.12 -6.74
C VAL B 356 -9.13 -27.03 -6.29
N ILE B 357 -8.86 -28.32 -6.16
CA ILE B 357 -9.89 -29.29 -5.80
C ILE B 357 -10.26 -29.23 -4.32
N ASN B 358 -9.27 -29.00 -3.46
CA ASN B 358 -9.50 -28.94 -2.03
C ASN B 358 -10.32 -27.72 -1.61
N ALA B 359 -10.07 -26.59 -2.26
CA ALA B 359 -10.82 -25.38 -1.98
C ALA B 359 -12.23 -25.47 -2.55
N ALA B 360 -12.38 -26.19 -3.65
CA ALA B 360 -13.67 -26.33 -4.32
C ALA B 360 -14.58 -27.30 -3.58
N SER B 361 -14.03 -28.44 -3.19
CA SER B 361 -14.78 -29.46 -2.47
C SER B 361 -15.08 -29.03 -1.04
N GLY B 362 -14.31 -28.07 -0.53
CA GLY B 362 -14.49 -27.58 0.82
C GLY B 362 -13.71 -28.40 1.84
N ARG B 363 -12.74 -29.17 1.38
CA ARG B 363 -11.90 -29.99 2.26
C ARG B 363 -10.94 -29.11 3.04
N GLN B 364 -10.56 -27.98 2.45
CA GLN B 364 -9.64 -27.03 3.08
C GLN B 364 -10.03 -25.60 2.75
N THR B 365 -9.60 -24.66 3.58
CA THR B 365 -9.77 -23.24 3.29
C THR B 365 -8.80 -22.82 2.19
N VAL B 366 -9.09 -21.72 1.51
CA VAL B 366 -8.22 -21.20 0.46
C VAL B 366 -6.83 -20.94 1.03
N ASP B 367 -6.78 -20.41 2.25
CA ASP B 367 -5.53 -20.13 2.94
C ASP B 367 -4.70 -21.40 3.10
N ALA B 368 -5.32 -22.44 3.67
CA ALA B 368 -4.66 -23.71 3.90
C ALA B 368 -4.16 -24.32 2.59
N ALA B 369 -5.02 -24.34 1.58
CA ALA B 369 -4.69 -24.90 0.28
C ALA B 369 -3.50 -24.18 -0.35
N LEU B 370 -3.60 -22.85 -0.45
CA LEU B 370 -2.54 -22.06 -1.06
C LEU B 370 -1.25 -22.10 -0.24
N ALA B 371 -1.38 -22.18 1.08
CA ALA B 371 -0.24 -22.32 1.96
C ALA B 371 0.48 -23.65 1.70
N ALA B 372 -0.27 -24.74 1.76
CA ALA B 372 0.27 -26.06 1.49
C ALA B 372 0.93 -26.11 0.11
N ALA B 373 0.25 -25.55 -0.88
CA ALA B 373 0.78 -25.49 -2.23
C ALA B 373 2.11 -24.74 -2.26
N GLN B 374 2.11 -23.55 -1.67
CA GLN B 374 3.32 -22.72 -1.62
C GLN B 374 4.47 -23.46 -0.93
N THR B 375 4.15 -24.17 0.15
CA THR B 375 5.15 -24.96 0.85
C THR B 375 5.68 -26.07 -0.07
N ASN B 376 4.77 -26.76 -0.75
CA ASN B 376 5.16 -27.84 -1.68
C ASN B 376 6.02 -27.34 -2.83
N ALA B 377 5.74 -26.13 -3.29
CA ALA B 377 6.53 -25.50 -4.35
C ALA B 377 8.04 -25.55 -4.06
N ALA B 378 8.41 -25.15 -2.85
CA ALA B 378 9.81 -25.18 -2.41
C ALA B 378 9.96 -25.98 -1.11
N ILE B 408 18.72 -24.71 20.98
CA ILE B 408 18.01 -23.98 19.93
C ILE B 408 18.10 -22.47 20.16
N THR B 409 17.70 -22.03 21.36
CA THR B 409 17.80 -20.62 21.73
C THR B 409 18.80 -20.44 22.86
N ASP B 410 19.76 -19.55 22.66
CA ASP B 410 20.77 -19.22 23.66
C ASP B 410 20.65 -17.75 24.03
N ILE B 411 20.93 -16.89 23.05
CA ILE B 411 20.72 -15.46 23.19
C ILE B 411 19.49 -15.05 22.39
N SER B 412 18.68 -14.16 22.96
CA SER B 412 17.45 -13.71 22.31
C SER B 412 17.65 -12.35 21.65
N LEU B 413 17.37 -12.28 20.36
CA LEU B 413 17.52 -11.06 19.59
C LEU B 413 16.49 -10.99 18.47
N LEU B 414 16.29 -9.80 17.92
CA LEU B 414 15.27 -9.57 16.90
C LEU B 414 15.85 -8.77 15.72
N GLU B 415 15.33 -9.05 14.53
CA GLU B 415 15.73 -8.32 13.32
C GLU B 415 14.55 -7.53 12.75
N HIS B 416 14.70 -6.21 12.70
CA HIS B 416 13.62 -5.30 12.32
C HIS B 416 14.09 -4.30 11.27
N ARG B 417 13.42 -4.30 10.11
CA ARG B 417 13.74 -3.37 9.03
C ARG B 417 12.52 -2.56 8.62
N LEU B 418 12.67 -1.24 8.70
CA LEU B 418 11.60 -0.32 8.29
C LEU B 418 12.01 0.43 7.03
N GLU B 419 11.16 0.33 6.01
CA GLU B 419 11.36 1.03 4.75
C GLU B 419 10.32 2.12 4.62
N CYS B 420 10.80 3.36 4.55
CA CYS B 420 9.95 4.53 4.35
C CYS B 420 10.02 5.01 2.91
N GLY B 421 8.95 4.76 2.16
CA GLY B 421 8.85 5.23 0.79
C GLY B 421 8.14 6.56 0.75
N ALA B 422 7.98 7.11 -0.45
CA ALA B 422 7.28 8.37 -0.61
C ALA B 422 5.79 8.17 -0.35
N ASN B 423 5.22 7.19 -1.04
CA ASN B 423 3.81 6.88 -0.91
C ASN B 423 3.50 5.67 -0.02
N ASP B 424 4.52 4.98 0.48
CA ASP B 424 4.29 3.75 1.25
C ASP B 424 5.36 3.48 2.30
N MET B 425 4.98 2.63 3.25
CA MET B 425 5.87 2.14 4.30
C MET B 425 5.81 0.62 4.30
N LYS B 426 6.96 -0.01 4.52
CA LYS B 426 7.02 -1.46 4.68
C LYS B 426 7.84 -1.80 5.92
N VAL B 427 7.27 -2.65 6.78
CA VAL B 427 7.97 -3.10 7.97
C VAL B 427 8.24 -4.58 7.82
N SER B 428 9.49 -4.98 8.11
CA SER B 428 9.93 -6.35 7.87
C SER B 428 10.62 -6.94 9.10
N LEU B 429 10.32 -8.21 9.36
CA LEU B 429 10.95 -8.95 10.46
C LEU B 429 11.59 -10.24 9.93
N GLY B 430 12.81 -10.52 10.38
CA GLY B 430 13.53 -11.69 9.91
C GLY B 430 12.93 -12.98 10.44
N LYS B 431 12.80 -13.97 9.57
CA LYS B 431 12.20 -15.25 9.94
C LYS B 431 13.03 -16.06 10.93
N CYS B 432 14.28 -16.31 10.57
CA CYS B 432 15.16 -17.16 11.36
C CYS B 432 15.26 -16.68 12.80
N GLN B 433 15.21 -15.36 12.99
CA GLN B 433 15.27 -14.79 14.32
C GLN B 433 14.00 -15.11 15.08
N LEU B 434 12.87 -15.09 14.38
CA LEU B 434 11.58 -15.42 14.99
C LEU B 434 11.56 -16.90 15.36
N LYS B 435 12.13 -17.74 14.51
CA LYS B 435 12.30 -19.15 14.86
C LYS B 435 13.20 -19.29 16.09
N SER B 436 14.31 -18.57 16.10
CA SER B 436 15.24 -18.61 17.23
C SER B 436 14.59 -18.09 18.51
N LEU B 437 13.57 -17.25 18.35
CA LEU B 437 12.87 -16.69 19.50
C LEU B 437 11.71 -17.59 19.92
N GLY B 438 11.58 -18.73 19.26
CA GLY B 438 10.55 -19.70 19.59
C GLY B 438 9.15 -19.39 19.10
N PHE B 439 9.03 -19.03 17.83
CA PHE B 439 7.74 -18.91 17.16
C PHE B 439 7.53 -20.07 16.21
N ASP B 440 6.65 -20.99 16.57
CA ASP B 440 6.34 -22.13 15.71
C ASP B 440 5.76 -21.62 14.40
N LYS B 441 4.79 -20.72 14.53
CA LYS B 441 4.13 -20.10 13.39
C LYS B 441 4.04 -18.61 13.65
N VAL B 442 4.00 -17.83 12.57
CA VAL B 442 4.07 -16.38 12.67
C VAL B 442 2.77 -15.73 12.22
N PHE B 443 2.09 -15.07 13.16
CA PHE B 443 0.99 -14.19 12.81
C PHE B 443 1.38 -12.77 13.18
N MET B 444 1.49 -11.90 12.20
CA MET B 444 1.66 -10.48 12.51
C MET B 444 0.70 -9.62 11.73
N TYR B 445 0.34 -8.50 12.33
CA TYR B 445 -0.62 -7.56 11.74
C TYR B 445 -0.42 -6.17 12.32
N LEU B 446 -0.98 -5.17 11.68
CA LEU B 446 -0.93 -3.81 12.22
C LEU B 446 -2.16 -3.54 13.06
N SER B 447 -2.33 -2.29 13.48
CA SER B 447 -3.48 -1.88 14.30
C SER B 447 -4.77 -2.37 13.69
N ASP B 448 -4.85 -2.31 12.36
CA ASP B 448 -5.93 -2.96 11.64
C ASP B 448 -5.53 -4.40 11.37
N SER B 449 -6.29 -5.34 11.93
CA SER B 449 -5.98 -6.76 11.80
C SER B 449 -6.13 -7.24 10.36
N ARG B 450 -6.75 -6.41 9.51
CA ARG B 450 -6.95 -6.74 8.10
C ARG B 450 -5.63 -6.71 7.35
N CYS B 451 -4.70 -5.90 7.85
CA CYS B 451 -3.38 -5.80 7.25
C CYS B 451 -2.48 -6.83 7.90
N SER B 452 -2.13 -7.85 7.13
CA SER B 452 -1.45 -9.03 7.65
C SER B 452 -0.13 -9.23 6.91
N GLY B 453 0.80 -9.89 7.58
CA GLY B 453 2.12 -10.09 7.03
C GLY B 453 2.15 -11.04 5.85
N PHE B 454 3.19 -10.90 5.02
CA PHE B 454 3.44 -11.81 3.90
C PHE B 454 4.92 -12.16 3.83
N ASN B 455 5.22 -13.26 3.14
CA ASN B 455 6.60 -13.68 2.93
C ASN B 455 7.29 -12.76 1.93
N ASP B 456 8.40 -12.18 2.34
CA ASP B 456 9.09 -11.17 1.55
C ASP B 456 10.47 -11.67 1.14
N ARG B 457 10.70 -11.68 -0.18
CA ARG B 457 11.95 -12.18 -0.74
C ARG B 457 12.91 -11.05 -1.09
N ASP B 458 14.06 -11.06 -0.44
CA ASP B 458 15.12 -10.08 -0.64
C ASP B 458 16.46 -10.79 -0.45
N ASN B 459 17.54 -10.03 -0.33
CA ASN B 459 18.83 -10.59 0.02
C ASN B 459 18.73 -11.47 1.26
N ARG B 460 17.71 -11.19 2.08
CA ARG B 460 17.34 -12.04 3.21
C ARG B 460 15.87 -12.43 3.06
N ASP B 461 15.47 -13.54 3.67
CA ASP B 461 14.07 -13.93 3.70
C ASP B 461 13.36 -13.28 4.89
N TRP B 462 12.32 -12.49 4.60
CA TRP B 462 11.64 -11.67 5.60
C TRP B 462 10.16 -12.04 5.72
N VAL B 463 9.55 -11.60 6.80
CA VAL B 463 8.10 -11.50 6.91
C VAL B 463 7.76 -10.03 7.04
N SER B 464 7.05 -9.50 6.05
CA SER B 464 6.83 -8.06 5.93
C SER B 464 5.36 -7.69 5.92
N VAL B 465 5.07 -6.50 6.43
CA VAL B 465 3.75 -5.88 6.31
C VAL B 465 3.91 -4.53 5.63
N VAL B 466 2.97 -4.18 4.76
CA VAL B 466 3.03 -2.93 4.03
C VAL B 466 1.79 -2.09 4.31
N THR B 467 2.00 -0.79 4.40
CA THR B 467 0.90 0.16 4.58
C THR B 467 1.21 1.46 3.87
N PRO B 468 0.19 2.17 3.39
CA PRO B 468 0.48 3.51 2.86
C PRO B 468 1.11 4.41 3.92
N ALA B 469 1.79 5.46 3.49
CA ALA B 469 2.49 6.37 4.39
C ALA B 469 1.58 7.50 4.87
N ARG B 470 0.29 7.38 4.59
CA ARG B 470 -0.68 8.37 5.03
C ARG B 470 -1.56 7.79 6.13
N ASP B 471 -2.10 8.67 6.97
CA ASP B 471 -2.85 8.28 8.16
C ASP B 471 -4.27 7.78 7.88
N GLY B 472 -4.62 6.71 8.58
CA GLY B 472 -5.96 6.15 8.61
C GLY B 472 -6.25 4.86 7.86
N PRO B 473 -5.48 4.54 6.80
CA PRO B 473 -5.54 3.14 6.36
C PRO B 473 -4.70 2.26 7.29
N CYS B 474 -5.14 1.04 7.53
CA CYS B 474 -4.42 0.10 8.38
C CYS B 474 -4.17 0.66 9.78
N GLY B 475 -5.01 1.60 10.20
CA GLY B 475 -4.91 2.18 11.52
C GLY B 475 -3.65 2.99 11.75
N THR B 476 -3.06 3.48 10.66
CA THR B 476 -1.89 4.35 10.77
C THR B 476 -2.31 5.70 11.34
N VAL B 477 -1.42 6.34 12.09
CA VAL B 477 -1.75 7.61 12.74
C VAL B 477 -0.69 8.69 12.51
N LEU B 478 -1.18 9.91 12.30
CA LEU B 478 -0.33 11.06 12.05
C LEU B 478 -0.01 11.82 13.33
N THR B 479 1.27 12.19 13.47
CA THR B 479 1.71 13.03 14.57
C THR B 479 2.58 14.15 14.01
N ARG B 480 2.11 15.39 14.16
CA ARG B 480 2.87 16.54 13.67
C ARG B 480 3.52 17.31 14.80
N ASN B 481 4.68 17.86 14.51
CA ASN B 481 5.24 18.94 15.31
C ASN B 481 5.68 20.02 14.34
N GLU B 482 6.03 21.19 14.86
CA GLU B 482 6.24 22.36 14.03
C GLU B 482 7.06 22.08 12.78
N THR B 483 8.12 21.32 12.93
CA THR B 483 9.00 20.96 11.83
C THR B 483 8.54 19.76 10.99
N HIS B 484 7.89 18.77 11.60
CA HIS B 484 7.80 17.43 10.98
C HIS B 484 6.45 16.75 11.04
N ALA B 485 6.17 15.94 10.02
CA ALA B 485 5.01 15.07 10.00
C ALA B 485 5.45 13.62 10.14
N THR B 486 5.04 13.00 11.25
CA THR B 486 5.45 11.64 11.59
C THR B 486 4.30 10.66 11.49
N TYR B 487 4.43 9.68 10.60
CA TYR B 487 3.41 8.65 10.42
C TYR B 487 3.81 7.38 11.13
N SER B 488 2.99 6.99 12.11
CA SER B 488 3.32 5.88 12.98
C SER B 488 2.23 4.82 13.03
N ASN B 489 2.66 3.61 13.36
CA ASN B 489 1.74 2.49 13.52
C ASN B 489 2.36 1.43 14.43
N THR B 490 1.55 0.51 14.92
CA THR B 490 2.02 -0.57 15.78
C THR B 490 1.88 -1.90 15.07
N LEU B 491 2.96 -2.68 15.15
CA LEU B 491 3.03 -3.99 14.55
C LEU B 491 2.87 -5.06 15.62
N TYR B 492 1.73 -5.76 15.59
CA TYR B 492 1.50 -6.86 16.51
C TYR B 492 2.04 -8.15 15.92
N LEU B 493 2.78 -8.89 16.74
CA LEU B 493 3.40 -10.16 16.36
C LEU B 493 3.16 -11.23 17.41
N ALA B 494 2.53 -12.32 17.00
CA ALA B 494 2.21 -13.41 17.93
C ALA B 494 2.20 -14.77 17.24
N ASP B 495 2.44 -15.79 18.06
CA ASP B 495 2.47 -17.17 17.58
C ASP B 495 1.08 -17.66 17.20
N GLU B 496 0.13 -17.53 18.12
CA GLU B 496 -1.22 -18.04 17.94
C GLU B 496 -2.24 -16.90 17.85
N ILE B 497 -3.32 -17.13 17.11
CA ILE B 497 -4.40 -16.15 17.01
C ILE B 497 -5.02 -15.92 18.39
N ILE B 498 -5.39 -17.00 19.07
CA ILE B 498 -5.72 -16.91 20.49
C ILE B 498 -4.42 -16.62 21.20
N ILE B 499 -4.37 -15.51 21.94
CA ILE B 499 -3.11 -15.01 22.43
C ILE B 499 -2.62 -15.81 23.63
N ARG B 500 -1.34 -16.15 23.61
CA ARG B 500 -0.68 -16.85 24.71
C ARG B 500 0.04 -15.84 25.58
N ASP B 501 0.79 -16.34 26.56
CA ASP B 501 1.62 -15.48 27.40
C ASP B 501 2.61 -14.69 26.55
N LEU B 502 3.01 -15.27 25.42
CA LEU B 502 3.98 -14.64 24.54
C LEU B 502 3.32 -13.97 23.34
N ASN B 503 3.29 -12.65 23.38
CA ASN B 503 2.92 -11.84 22.24
C ASN B 503 3.68 -10.53 22.32
N ILE B 504 4.13 -10.05 21.17
CA ILE B 504 4.98 -8.85 21.10
C ILE B 504 4.33 -7.79 20.24
N LYS B 505 4.62 -6.53 20.53
CA LYS B 505 4.17 -5.44 19.68
C LYS B 505 5.32 -4.44 19.50
N ILE B 506 5.48 -3.99 18.27
CA ILE B 506 6.57 -3.12 17.88
C ILE B 506 6.05 -1.87 17.18
N ASN B 507 6.27 -0.73 17.79
CA ASN B 507 5.87 0.54 17.20
C ASN B 507 6.89 1.01 16.17
N PHE B 508 6.41 1.29 14.96
CA PHE B 508 7.29 1.81 13.91
C PHE B 508 6.72 3.12 13.37
N ALA B 509 7.61 4.00 12.91
CA ALA B 509 7.23 5.32 12.43
C ALA B 509 8.17 5.85 11.34
N CYS B 510 7.58 6.55 10.37
CA CYS B 510 8.32 7.25 9.34
C CYS B 510 8.07 8.75 9.47
N SER B 511 9.13 9.51 9.76
CA SER B 511 9.00 10.96 9.94
C SER B 511 9.55 11.74 8.76
N TYR B 512 8.72 12.62 8.22
CA TYR B 512 9.11 13.44 7.08
C TYR B 512 9.10 14.92 7.44
N PRO B 513 10.05 15.69 6.87
CA PRO B 513 10.01 17.14 7.06
C PRO B 513 8.75 17.74 6.44
N LEU B 514 8.25 18.83 7.00
CA LEU B 514 7.05 19.46 6.48
C LEU B 514 7.33 20.42 5.34
N ASP B 515 6.51 20.32 4.29
CA ASP B 515 6.60 21.24 3.17
C ASP B 515 5.96 22.55 3.55
N MET B 516 6.52 23.65 3.03
CA MET B 516 6.02 24.97 3.32
C MET B 516 4.59 25.15 2.87
N LYS B 517 4.31 24.76 1.62
CA LYS B 517 2.97 24.83 1.07
C LYS B 517 1.99 24.04 1.92
N VAL B 518 2.38 22.82 2.27
CA VAL B 518 1.57 21.95 3.11
C VAL B 518 1.35 22.58 4.48
N SER B 519 2.42 23.11 5.05
CA SER B 519 2.34 23.78 6.33
C SER B 519 1.32 24.91 6.26
N LEU B 520 1.38 25.67 5.16
CA LEU B 520 0.44 26.76 4.95
C LEU B 520 -0.99 26.25 4.77
N LYS B 521 -1.17 25.20 3.98
CA LYS B 521 -2.50 24.68 3.69
C LYS B 521 -3.13 23.98 4.89
N THR B 522 -2.30 23.40 5.75
CA THR B 522 -2.77 22.70 6.94
C THR B 522 -3.33 23.66 7.98
N ALA B 523 -2.65 24.79 8.12
CA ALA B 523 -2.99 25.80 9.13
C ALA B 523 -4.44 26.22 9.06
N LEU B 524 -5.06 26.37 10.23
CA LEU B 524 -6.47 26.72 10.31
C LEU B 524 -6.75 28.12 9.79
N GLN B 525 -5.99 29.09 10.30
CA GLN B 525 -6.17 30.49 9.95
C GLN B 525 -4.81 31.16 9.83
N PRO B 526 -4.02 30.74 8.85
CA PRO B 526 -2.66 31.28 8.69
C PRO B 526 -2.69 32.72 8.25
N MET B 527 -1.61 33.45 8.52
CA MET B 527 -1.50 34.81 8.01
C MET B 527 -0.79 34.76 6.67
N VAL B 528 -1.54 35.07 5.61
CA VAL B 528 -1.07 34.91 4.26
C VAL B 528 -1.72 35.92 3.34
N SER B 529 -0.93 36.44 2.39
CA SER B 529 -1.43 37.34 1.38
C SER B 529 -1.38 36.62 0.02
N ALA B 530 -2.43 36.78 -0.77
CA ALA B 530 -2.56 36.05 -2.02
C ALA B 530 -2.80 36.98 -3.22
N LEU B 531 -2.26 36.58 -4.36
CA LEU B 531 -2.36 37.34 -5.59
C LEU B 531 -2.72 36.41 -6.74
N ASN B 532 -3.87 36.65 -7.38
CA ASN B 532 -4.27 35.82 -8.50
C ASN B 532 -3.56 36.24 -9.78
N ILE B 533 -3.13 35.23 -10.54
CA ILE B 533 -2.48 35.44 -11.81
C ILE B 533 -3.11 34.56 -12.87
N ARG B 534 -3.20 35.12 -14.07
CA ARG B 534 -3.64 34.40 -15.25
C ARG B 534 -2.41 34.18 -16.11
N VAL B 535 -2.29 33.00 -16.70
CA VAL B 535 -1.18 32.71 -17.58
C VAL B 535 -1.67 32.19 -18.92
N GLY B 536 -1.40 32.95 -19.98
CA GLY B 536 -1.85 32.61 -21.31
C GLY B 536 -3.32 32.90 -21.50
N GLY B 537 -3.91 33.58 -20.54
CA GLY B 537 -5.35 33.82 -20.55
C GLY B 537 -6.12 32.54 -20.22
N THR B 538 -5.38 31.46 -19.97
CA THR B 538 -5.96 30.15 -19.73
C THR B 538 -5.72 29.70 -18.30
N GLY B 539 -6.79 29.29 -17.63
CA GLY B 539 -6.66 28.74 -16.30
C GLY B 539 -6.32 29.82 -15.29
N MET B 540 -6.39 29.45 -14.01
CA MET B 540 -6.14 30.39 -12.93
C MET B 540 -5.07 29.86 -12.01
N PHE B 541 -4.12 30.73 -11.67
CA PHE B 541 -3.09 30.40 -10.71
C PHE B 541 -3.00 31.51 -9.68
N THR B 542 -2.26 31.29 -8.60
CA THR B 542 -2.09 32.31 -7.57
C THR B 542 -0.67 32.31 -7.01
N VAL B 543 -0.34 33.41 -6.33
CA VAL B 543 0.93 33.56 -5.65
C VAL B 543 0.62 33.94 -4.21
N ARG B 544 1.21 33.21 -3.27
CA ARG B 544 1.00 33.44 -1.86
C ARG B 544 2.27 33.86 -1.16
N MET B 545 2.15 34.81 -0.25
CA MET B 545 3.23 35.18 0.67
C MET B 545 2.75 34.94 2.09
N ALA B 546 3.59 34.30 2.90
CA ALA B 546 3.22 33.95 4.28
C ALA B 546 4.41 34.04 5.23
N LEU B 547 4.08 34.18 6.51
CA LEU B 547 5.08 34.33 7.57
C LEU B 547 5.13 33.10 8.46
N PHE B 548 6.34 32.69 8.80
CA PHE B 548 6.58 31.42 9.49
C PHE B 548 7.40 31.60 10.76
N GLN B 549 7.08 30.79 11.75
CA GLN B 549 7.72 30.89 13.06
C GLN B 549 9.05 30.16 13.15
N THR B 550 9.30 29.22 12.25
CA THR B 550 10.47 28.36 12.33
C THR B 550 11.45 28.59 11.18
N PRO B 551 12.74 28.30 11.41
CA PRO B 551 13.74 28.38 10.35
C PRO B 551 13.56 27.30 9.29
N SER B 552 12.76 26.28 9.60
CA SER B 552 12.39 25.28 8.59
C SER B 552 11.31 25.82 7.66
N TYR B 553 10.84 27.03 7.95
CA TYR B 553 9.73 27.64 7.22
C TYR B 553 8.50 26.77 7.34
N THR B 554 8.15 26.50 8.60
CA THR B 554 6.96 25.77 8.97
C THR B 554 6.31 26.46 10.16
N GLN B 555 5.16 25.95 10.60
CA GLN B 555 4.45 26.54 11.73
C GLN B 555 4.15 28.02 11.46
N PRO B 556 3.28 28.29 10.49
CA PRO B 556 2.99 29.69 10.14
C PRO B 556 2.25 30.42 11.26
N TYR B 557 2.46 31.74 11.34
CA TYR B 557 1.72 32.56 12.27
C TYR B 557 0.24 32.49 11.96
N GLN B 558 -0.57 32.68 13.00
CA GLN B 558 -2.02 32.66 12.86
C GLN B 558 -2.54 34.07 13.07
N GLY B 559 -3.67 34.38 12.46
CA GLY B 559 -4.35 35.65 12.66
C GLY B 559 -4.10 36.67 11.57
N SER B 560 -4.55 37.90 11.84
CA SER B 560 -4.46 38.99 10.87
C SER B 560 -3.24 39.87 11.14
N SER B 561 -2.50 39.54 12.20
CA SER B 561 -1.33 40.32 12.58
C SER B 561 -0.31 39.44 13.28
N VAL B 562 0.95 39.86 13.18
CA VAL B 562 2.04 39.15 13.83
C VAL B 562 2.80 40.13 14.72
N THR B 563 3.22 39.63 15.88
CA THR B 563 3.96 40.43 16.83
C THR B 563 5.32 39.76 17.11
N LEU B 564 6.37 40.56 17.05
CA LEU B 564 7.74 40.06 17.16
C LEU B 564 8.52 40.75 18.25
N SER B 565 9.44 40.00 18.86
CA SER B 565 10.44 40.57 19.75
C SER B 565 11.42 41.39 18.93
N THR B 566 12.13 42.31 19.56
CA THR B 566 13.10 43.14 18.86
C THR B 566 14.17 42.28 18.17
N GLU B 567 14.53 41.17 18.79
CA GLU B 567 15.60 40.32 18.29
C GLU B 567 15.06 39.20 17.41
N ALA B 568 13.75 39.11 17.28
CA ALA B 568 13.12 37.99 16.60
C ALA B 568 13.42 37.96 15.10
N PHE B 569 13.43 36.76 14.54
CA PHE B 569 13.58 36.59 13.10
C PHE B 569 12.21 36.28 12.49
N LEU B 570 11.85 37.04 11.46
CA LEU B 570 10.68 36.74 10.67
C LEU B 570 11.09 35.90 9.47
N TYR B 571 10.51 34.71 9.35
CA TYR B 571 10.80 33.81 8.24
C TYR B 571 9.68 33.92 7.23
N VAL B 572 10.01 34.55 6.12
CA VAL B 572 9.05 34.81 5.05
C VAL B 572 9.17 33.76 3.98
N GLY B 573 8.04 33.38 3.41
CA GLY B 573 8.11 32.57 2.21
C GLY B 573 7.01 32.89 1.23
N THR B 574 7.30 32.64 -0.03
CA THR B 574 6.44 33.00 -1.14
C THR B 574 6.38 31.81 -2.06
N MET B 575 5.18 31.44 -2.48
CA MET B 575 5.01 30.25 -3.31
C MET B 575 3.91 30.47 -4.32
N LEU B 576 4.01 29.81 -5.47
CA LEU B 576 2.98 29.91 -6.48
C LEU B 576 2.21 28.60 -6.50
N ASP B 577 0.90 28.70 -6.70
CA ASP B 577 0.02 27.56 -6.52
C ASP B 577 -1.12 27.61 -7.53
N GLY B 578 -1.83 26.50 -7.67
CA GLY B 578 -3.02 26.44 -8.49
C GLY B 578 -2.87 25.71 -9.81
N GLY B 579 -1.74 25.03 -9.99
CA GLY B 579 -1.51 24.24 -11.19
C GLY B 579 -0.02 24.12 -11.49
N ASP B 580 0.30 23.59 -12.68
CA ASP B 580 1.69 23.28 -13.00
C ASP B 580 2.36 24.47 -13.70
N LEU B 581 3.22 25.14 -12.95
CA LEU B 581 3.99 26.28 -13.44
C LEU B 581 5.45 25.92 -13.73
N SER B 582 5.75 24.63 -13.75
CA SER B 582 7.12 24.14 -13.77
C SER B 582 8.06 24.83 -14.77
N ARG B 583 7.54 25.31 -15.88
CA ARG B 583 8.37 26.08 -16.80
C ARG B 583 8.89 27.38 -16.18
N PHE B 584 8.33 27.77 -15.05
CA PHE B 584 8.65 29.04 -14.42
C PHE B 584 9.31 28.84 -13.07
N ALA B 585 10.22 29.75 -12.72
CA ALA B 585 10.77 29.81 -11.36
C ALA B 585 10.24 31.08 -10.72
N LEU B 586 9.83 30.97 -9.45
CA LEU B 586 9.32 32.14 -8.74
C LEU B 586 10.48 33.04 -8.37
N LEU B 587 10.38 34.30 -8.80
CA LEU B 587 11.43 35.27 -8.54
C LEU B 587 10.90 36.46 -7.76
N MET B 588 11.59 36.79 -6.67
CA MET B 588 11.26 37.95 -5.87
C MET B 588 12.26 39.06 -6.20
N THR B 589 11.79 40.08 -6.93
CA THR B 589 12.65 41.14 -7.40
C THR B 589 12.94 42.19 -6.34
N ASN B 590 11.89 42.64 -5.66
CA ASN B 590 12.03 43.62 -4.58
C ASN B 590 11.18 43.30 -3.37
N CYS B 591 11.84 43.10 -2.23
CA CYS B 591 11.14 42.87 -0.97
C CYS B 591 11.58 43.90 0.07
N TYR B 592 10.61 44.53 0.71
CA TYR B 592 10.91 45.63 1.62
C TYR B 592 9.84 45.81 2.70
N ALA B 593 10.19 46.57 3.73
CA ALA B 593 9.26 46.89 4.80
C ALA B 593 8.95 48.37 4.80
N THR B 594 7.72 48.72 5.22
CA THR B 594 7.31 50.12 5.35
C THR B 594 6.69 50.37 6.71
N PRO B 595 6.93 51.56 7.30
CA PRO B 595 6.30 51.86 8.60
C PRO B 595 4.78 51.98 8.51
N SER B 596 4.28 52.37 7.35
CA SER B 596 2.84 52.48 7.11
C SER B 596 2.33 51.24 6.41
N SER B 597 1.02 51.18 6.19
CA SER B 597 0.41 50.06 5.46
C SER B 597 0.57 50.24 3.96
N GLN B 598 0.80 51.48 3.52
CA GLN B 598 0.95 51.75 2.10
C GLN B 598 2.24 51.16 1.56
N ALA B 599 2.13 50.35 0.51
CA ALA B 599 3.29 49.78 -0.14
C ALA B 599 4.05 50.85 -0.92
N THR B 600 3.35 51.96 -1.17
CA THR B 600 3.90 53.06 -1.94
C THR B 600 4.61 54.08 -1.04
N ASP B 601 4.71 53.76 0.25
CA ASP B 601 5.36 54.63 1.21
C ASP B 601 6.73 55.08 0.69
N PRO B 602 7.02 56.40 0.73
CA PRO B 602 8.36 56.85 0.35
C PRO B 602 9.45 56.28 1.25
N LEU B 603 9.09 55.93 2.48
CA LEU B 603 10.06 55.34 3.39
C LEU B 603 9.97 53.82 3.29
N LYS B 604 11.02 53.24 2.72
CA LYS B 604 11.14 51.80 2.54
C LYS B 604 12.45 51.31 3.12
N TYR B 605 12.39 50.19 3.82
CA TYR B 605 13.61 49.49 4.21
C TYR B 605 13.67 48.20 3.40
N PHE B 606 14.64 48.14 2.48
CA PHE B 606 14.72 47.04 1.51
C PHE B 606 15.45 45.83 2.07
N ILE B 607 14.75 44.71 2.13
CA ILE B 607 15.36 43.42 2.43
C ILE B 607 16.01 42.82 1.18
N ILE B 608 15.25 42.78 0.09
CA ILE B 608 15.77 42.35 -1.21
C ILE B 608 15.58 43.49 -2.19
N GLN B 609 16.68 43.92 -2.80
CA GLN B 609 16.67 45.03 -3.73
C GLN B 609 17.45 44.65 -4.98
N ASP B 610 16.81 44.82 -6.13
CA ASP B 610 17.39 44.40 -7.41
C ASP B 610 17.71 42.91 -7.35
N ARG B 611 16.74 42.13 -6.88
CA ARG B 611 16.80 40.68 -6.87
C ARG B 611 17.82 40.11 -5.88
N CYS B 612 18.58 40.97 -5.21
CA CYS B 612 19.65 40.52 -4.31
C CYS B 612 19.50 41.02 -2.87
N PRO B 613 20.04 40.27 -1.89
CA PRO B 613 19.93 40.62 -0.46
C PRO B 613 20.61 41.95 -0.11
N HIS B 614 19.93 42.76 0.69
CA HIS B 614 20.38 44.12 0.96
C HIS B 614 21.70 44.21 1.70
N THR B 615 21.92 43.29 2.65
CA THR B 615 23.14 43.30 3.45
C THR B 615 23.80 41.93 3.48
N ARG B 616 25.11 41.91 3.71
CA ARG B 616 25.78 40.65 3.98
C ARG B 616 25.94 40.61 5.48
N ASP B 617 25.03 39.88 6.11
CA ASP B 617 24.93 39.75 7.56
C ASP B 617 24.03 38.58 7.85
N SER B 618 24.00 38.12 9.08
CA SER B 618 23.00 37.16 9.46
C SER B 618 21.65 37.84 9.69
N THR B 619 21.61 39.17 9.64
CA THR B 619 20.35 39.91 9.81
C THR B 619 19.36 39.65 8.68
N ILE B 620 19.89 39.35 7.49
CA ILE B 620 19.08 38.94 6.35
C ILE B 620 19.65 37.67 5.74
N GLN B 621 18.80 36.68 5.49
CA GLN B 621 19.20 35.49 4.76
C GLN B 621 18.17 35.14 3.72
N VAL B 622 18.59 35.11 2.46
CA VAL B 622 17.68 34.70 1.40
C VAL B 622 18.02 33.26 1.06
N VAL B 623 17.14 32.37 1.48
CA VAL B 623 17.36 30.95 1.30
C VAL B 623 17.08 30.54 -0.13
N GLU B 624 15.92 30.93 -0.65
CA GLU B 624 15.52 30.51 -2.00
C GLU B 624 14.92 31.67 -2.77
N ASN B 625 15.55 32.03 -3.89
CA ASN B 625 14.98 33.03 -4.79
C ASN B 625 15.27 32.69 -6.25
N GLY B 626 14.21 32.60 -7.06
CA GLY B 626 14.37 32.35 -8.48
C GLY B 626 14.78 30.94 -8.83
N GLU B 627 14.95 30.10 -7.83
CA GLU B 627 15.36 28.71 -8.04
C GLU B 627 14.20 27.74 -8.34
N SER B 628 13.00 28.03 -7.82
CA SER B 628 11.89 27.08 -7.89
C SER B 628 10.52 27.74 -7.80
N SER B 629 9.50 26.90 -7.59
CA SER B 629 8.13 27.38 -7.42
C SER B 629 7.94 28.08 -6.08
N GLN B 630 8.97 28.01 -5.24
CA GLN B 630 8.96 28.62 -3.92
C GLN B 630 10.08 29.62 -3.79
N GLY B 631 9.97 30.48 -2.78
CA GLY B 631 11.07 31.35 -2.41
C GLY B 631 10.98 31.55 -0.92
N ARG B 632 12.13 31.72 -0.29
CA ARG B 632 12.22 31.74 1.17
C ARG B 632 13.32 32.66 1.62
N PHE B 633 13.02 33.48 2.62
CA PHE B 633 14.05 34.32 3.21
C PHE B 633 13.69 34.71 4.64
N SER B 634 14.71 34.98 5.44
CA SER B 634 14.50 35.41 6.81
C SER B 634 15.01 36.83 6.99
N VAL B 635 14.38 37.57 7.89
CA VAL B 635 14.84 38.91 8.23
C VAL B 635 14.71 39.17 9.72
N GLN B 636 15.68 39.88 10.29
CA GLN B 636 15.54 40.37 11.65
C GLN B 636 14.87 41.72 11.50
N MET B 637 13.59 41.78 11.83
CA MET B 637 12.77 42.85 11.29
C MET B 637 13.05 44.18 11.98
N PHE B 638 13.07 44.18 13.30
CA PHE B 638 13.12 45.44 14.03
C PHE B 638 14.49 46.02 14.31
N ARG B 639 15.55 45.29 14.00
CA ARG B 639 16.86 45.90 13.90
C ARG B 639 16.91 46.60 12.55
N PHE B 640 16.12 46.07 11.62
CA PHE B 640 16.04 46.60 10.27
C PHE B 640 15.19 47.86 10.15
N ALA B 641 13.97 47.82 10.68
CA ALA B 641 13.02 48.93 10.57
C ALA B 641 13.40 50.13 11.45
N GLY B 642 14.21 49.88 12.48
CA GLY B 642 14.72 50.94 13.31
C GLY B 642 13.68 51.61 14.19
N ASN B 643 13.60 52.93 14.08
CA ASN B 643 12.84 53.76 15.00
C ASN B 643 11.38 53.35 15.16
N TYR B 644 10.80 52.71 14.15
CA TYR B 644 9.37 52.41 14.17
C TYR B 644 9.03 51.07 14.84
N ASP B 645 7.91 51.08 15.57
CA ASP B 645 7.41 49.94 16.32
C ASP B 645 6.47 49.04 15.52
N LEU B 646 6.14 49.41 14.29
CA LEU B 646 5.42 48.47 13.42
C LEU B 646 5.76 48.72 11.97
N VAL B 647 5.57 47.66 11.18
CA VAL B 647 5.85 47.71 9.76
C VAL B 647 4.90 46.82 8.98
N TYR B 648 4.87 47.04 7.68
CA TYR B 648 4.18 46.17 6.74
C TYR B 648 5.23 45.63 5.80
N LEU B 649 5.06 44.38 5.39
CA LEU B 649 5.99 43.72 4.50
C LEU B 649 5.44 43.68 3.08
N HIS B 650 6.31 43.94 2.12
CA HIS B 650 5.93 43.93 0.71
C HIS B 650 6.93 43.17 -0.15
N CYS B 651 6.42 42.29 -1.01
CA CYS B 651 7.26 41.54 -1.94
C CYS B 651 6.71 41.60 -3.36
N GLU B 652 7.49 42.18 -4.27
CA GLU B 652 7.20 42.16 -5.70
C GLU B 652 7.67 40.84 -6.31
N VAL B 653 6.77 40.15 -7.04
CA VAL B 653 7.11 38.83 -7.58
C VAL B 653 6.79 38.66 -9.07
N TYR B 654 7.63 37.90 -9.74
CA TYR B 654 7.52 37.67 -11.18
C TYR B 654 7.75 36.21 -11.55
N LEU B 655 7.02 35.73 -12.55
CA LEU B 655 7.30 34.42 -13.12
C LEU B 655 8.47 34.55 -14.06
N CYS B 656 9.54 33.82 -13.74
CA CYS B 656 10.77 33.85 -14.50
C CYS B 656 10.90 32.59 -15.34
N ASP B 657 10.98 32.74 -16.66
CA ASP B 657 11.13 31.58 -17.54
C ASP B 657 12.51 30.96 -17.40
N THR B 658 12.55 29.67 -17.11
CA THR B 658 13.80 28.99 -16.78
C THR B 658 14.53 28.39 -17.98
N MET B 659 14.00 28.58 -19.18
CA MET B 659 14.59 27.94 -20.35
C MET B 659 15.98 28.47 -20.63
N ASN B 660 16.20 29.76 -20.38
CA ASN B 660 17.51 30.37 -20.62
C ASN B 660 18.45 30.18 -19.43
N GLU B 661 17.94 29.55 -18.37
CA GLU B 661 18.75 29.20 -17.19
C GLU B 661 19.40 30.40 -16.52
N LYS B 662 18.82 31.59 -16.71
CA LYS B 662 19.32 32.81 -16.09
C LYS B 662 18.54 33.25 -14.84
N CYS B 663 17.54 32.47 -14.44
CA CYS B 663 16.57 32.90 -13.40
C CYS B 663 17.15 33.13 -12.01
N LYS B 664 17.94 32.18 -11.52
CA LYS B 664 18.54 32.29 -10.20
C LYS B 664 19.53 33.46 -10.19
N PRO B 665 19.26 34.50 -9.39
CA PRO B 665 20.10 35.70 -9.45
C PRO B 665 21.46 35.53 -8.77
N THR B 666 22.45 36.27 -9.26
CA THR B 666 23.79 36.27 -8.68
C THR B 666 24.12 37.59 -7.99
N CYS B 667 24.46 37.53 -6.71
CA CYS B 667 24.73 38.74 -5.91
C CYS B 667 26.18 38.83 -5.47
N SER B 668 26.91 39.77 -6.05
CA SER B 668 28.34 39.94 -5.78
C SER B 668 28.61 40.72 -4.49
N GLY B 669 27.83 41.78 -4.27
CA GLY B 669 28.09 42.71 -3.19
C GLY B 669 26.80 43.29 -2.60
N THR B 670 26.94 43.97 -1.47
CA THR B 670 25.79 44.54 -0.78
C THR B 670 25.38 45.90 -1.35
N ALA B 671 26.22 46.47 -2.19
CA ALA B 671 25.94 47.78 -2.76
C ALA B 671 24.96 47.70 -3.92
N PHE B 672 23.82 48.36 -3.77
CA PHE B 672 22.81 48.43 -4.82
C PHE B 672 22.31 49.85 -5.00
N ALA B 673 21.80 50.15 -6.19
CA ALA B 673 21.23 51.45 -6.46
C ALA B 673 20.03 51.69 -5.55
N SER B 674 19.95 52.90 -5.00
CA SER B 674 18.83 53.26 -4.13
C SER B 674 17.53 53.34 -4.93
N GLY B 675 17.63 53.86 -6.15
CA GLY B 675 16.48 53.92 -7.03
C GLY B 675 16.02 52.53 -7.47
N SER B 676 14.76 52.22 -7.24
CA SER B 676 14.20 50.92 -7.57
C SER B 676 12.80 51.04 -8.17
N VAL B 677 12.64 50.51 -9.40
CA VAL B 677 11.34 50.54 -10.07
C VAL B 677 10.49 49.34 -9.67
N ILE B 678 9.33 49.61 -9.07
CA ILE B 678 8.45 48.56 -8.57
C ILE B 678 7.06 48.63 -9.20
N ASP B 679 6.59 47.48 -9.69
CA ASP B 679 5.25 47.38 -10.25
C ASP B 679 4.32 46.92 -9.14
N GLN B 680 3.43 47.80 -8.70
CA GLN B 680 2.60 47.52 -7.54
C GLN B 680 1.53 46.46 -7.81
N SER B 681 1.26 46.21 -9.08
CA SER B 681 0.30 45.16 -9.43
C SER B 681 0.84 43.78 -9.09
N ARG B 682 2.16 43.66 -9.04
CA ARG B 682 2.79 42.38 -8.70
C ARG B 682 3.24 42.27 -7.25
N VAL B 683 2.97 43.30 -6.45
CA VAL B 683 3.43 43.31 -5.06
C VAL B 683 2.40 42.66 -4.13
N LEU B 684 2.88 41.72 -3.32
CA LEU B 684 2.11 41.14 -2.23
C LEU B 684 2.42 41.88 -0.94
N ASN B 685 1.38 42.11 -0.14
CA ASN B 685 1.48 42.88 1.09
C ASN B 685 1.03 42.08 2.30
N LEU B 686 1.77 42.16 3.40
CA LEU B 686 1.35 41.54 4.67
C LEU B 686 1.60 42.44 5.86
N GLY B 687 0.65 42.45 6.77
CA GLY B 687 0.79 43.18 8.02
C GLY B 687 -0.52 43.33 8.75
N PRO B 688 -0.50 44.03 9.90
CA PRO B 688 0.70 44.67 10.45
C PRO B 688 1.65 43.70 11.16
N ILE B 689 2.92 44.10 11.22
CA ILE B 689 3.95 43.40 11.98
C ILE B 689 4.38 44.32 13.10
N THR B 690 4.09 43.94 14.35
CA THR B 690 4.26 44.86 15.47
C THR B 690 5.35 44.42 16.44
N ARG B 691 5.92 45.38 17.15
CA ARG B 691 6.99 45.12 18.11
C ARG B 691 6.43 44.66 19.45
N LYS B 692 7.14 43.72 20.09
CA LYS B 692 6.74 43.20 21.39
C LYS B 692 6.85 44.29 22.45
N GLY B 693 5.89 44.34 23.36
CA GLY B 693 5.90 45.33 24.42
C GLY B 693 5.63 46.75 23.95
N VAL B 694 4.53 46.93 23.22
CA VAL B 694 4.13 48.24 22.73
C VAL B 694 5.15 48.78 21.73
#